data_2KO6
#
_entry.id   2KO6
#
_entity_poly.entity_id   1
_entity_poly.type   'polypeptide(L)'
_entity_poly.pdbx_seq_one_letter_code
;MKCKRLNEVIELLQPAWQKEPDFNLLQFLQKLAKESGFDGELADLTDDILIYHLKMRDSAKDAVIPGLQKDYEEDFKTAL
LRARGVIKE
;
_entity_poly.pdbx_strand_id   A
#
# COMPACT_ATOMS: atom_id res chain seq x y z
N MET A 1 -3.57 5.86 14.60
CA MET A 1 -3.21 5.25 15.90
C MET A 1 -3.41 3.71 15.86
N LYS A 2 -4.67 3.27 15.79
CA LYS A 2 -5.07 1.85 15.95
C LYS A 2 -5.35 1.16 14.60
N CYS A 3 -5.24 1.91 13.49
CA CYS A 3 -5.42 1.36 12.13
C CYS A 3 -4.05 1.00 11.53
N LYS A 4 -3.65 -0.28 11.65
CA LYS A 4 -2.39 -0.78 11.04
C LYS A 4 -2.47 -0.71 9.50
N ARG A 5 -3.72 -0.82 8.99
CA ARG A 5 -4.07 -0.61 7.55
C ARG A 5 -3.58 0.77 7.08
N LEU A 6 -3.89 1.79 7.88
CA LEU A 6 -3.51 3.19 7.60
C LEU A 6 -1.98 3.35 7.66
N ASN A 7 -1.35 2.68 8.63
CA ASN A 7 0.11 2.80 8.87
C ASN A 7 0.93 2.24 7.69
N GLU A 8 0.59 1.02 7.25
CA GLU A 8 1.34 0.31 6.19
C GLU A 8 1.15 0.99 4.81
N VAL A 9 -0.06 1.53 4.54
CA VAL A 9 -0.29 2.29 3.30
C VAL A 9 0.49 3.64 3.34
N ILE A 10 0.57 4.29 4.51
CA ILE A 10 1.39 5.52 4.67
C ILE A 10 2.92 5.19 4.71
N GLU A 11 3.28 3.89 4.71
CA GLU A 11 4.68 3.45 4.51
C GLU A 11 5.08 3.55 3.01
N LEU A 12 4.37 2.82 2.12
CA LEU A 12 4.78 2.70 0.67
C LEU A 12 3.92 3.57 -0.28
N LEU A 13 2.63 3.73 0.05
CA LEU A 13 1.64 4.45 -0.78
C LEU A 13 1.65 5.97 -0.51
N GLN A 14 2.43 6.40 0.51
CA GLN A 14 2.45 7.81 1.00
C GLN A 14 2.44 8.85 -0.18
N PRO A 15 3.43 8.83 -1.16
CA PRO A 15 3.46 9.81 -2.28
C PRO A 15 2.21 9.70 -3.19
N ALA A 16 1.80 8.44 -3.50
CA ALA A 16 0.65 8.15 -4.36
C ALA A 16 -0.65 8.80 -3.83
N TRP A 17 -0.94 8.58 -2.52
CA TRP A 17 -2.13 9.15 -1.86
C TRP A 17 -2.00 10.66 -1.67
N GLN A 18 -0.77 11.19 -1.62
CA GLN A 18 -0.56 12.67 -1.53
C GLN A 18 -0.80 13.36 -2.88
N LYS A 19 -0.86 12.59 -3.97
CA LYS A 19 -1.27 13.11 -5.30
C LYS A 19 -2.80 13.24 -5.39
N GLU A 20 -3.53 12.49 -4.53
CA GLU A 20 -5.01 12.49 -4.50
C GLU A 20 -5.52 12.12 -3.08
N PRO A 21 -5.31 13.03 -2.05
CA PRO A 21 -5.69 12.76 -0.64
C PRO A 21 -7.19 12.95 -0.34
N ASP A 22 -7.94 13.44 -1.34
CA ASP A 22 -9.39 13.74 -1.20
C ASP A 22 -10.20 12.45 -1.00
N PHE A 23 -9.79 11.39 -1.69
CA PHE A 23 -10.38 10.05 -1.54
C PHE A 23 -9.97 9.46 -0.17
N ASN A 24 -10.92 8.73 0.46
CA ASN A 24 -10.71 8.08 1.78
C ASN A 24 -9.75 6.88 1.67
N LEU A 25 -9.60 6.13 2.78
CA LEU A 25 -8.69 4.96 2.85
C LEU A 25 -9.12 3.91 1.80
N LEU A 26 -10.35 3.40 1.91
CA LEU A 26 -10.91 2.41 0.98
C LEU A 26 -11.25 3.02 -0.40
N GLN A 27 -11.51 4.34 -0.46
CA GLN A 27 -11.93 5.02 -1.72
C GLN A 27 -10.74 5.17 -2.70
N PHE A 28 -9.58 5.59 -2.17
CA PHE A 28 -8.33 5.71 -2.97
C PHE A 28 -7.82 4.30 -3.35
N LEU A 29 -7.93 3.39 -2.38
CA LEU A 29 -7.51 1.99 -2.52
C LEU A 29 -8.33 1.27 -3.61
N GLN A 30 -9.65 1.48 -3.64
CA GLN A 30 -10.55 0.85 -4.63
C GLN A 30 -10.28 1.42 -6.02
N LYS A 31 -9.87 2.71 -6.10
CA LYS A 31 -9.49 3.32 -7.37
C LYS A 31 -8.30 2.56 -7.98
N LEU A 32 -7.16 2.52 -7.24
CA LEU A 32 -5.91 1.94 -7.75
C LEU A 32 -6.06 0.42 -7.97
N ALA A 33 -6.90 -0.24 -7.13
CA ALA A 33 -7.15 -1.69 -7.20
C ALA A 33 -7.94 -2.06 -8.47
N LYS A 34 -9.04 -1.32 -8.73
CA LYS A 34 -9.86 -1.53 -9.94
C LYS A 34 -9.08 -1.19 -11.24
N GLU A 35 -8.11 -0.23 -11.16
CA GLU A 35 -7.19 0.06 -12.29
C GLU A 35 -6.19 -1.10 -12.48
N SER A 36 -5.89 -1.82 -11.38
CA SER A 36 -5.07 -3.06 -11.42
C SER A 36 -5.89 -4.29 -11.91
N GLY A 37 -7.22 -4.11 -12.04
CA GLY A 37 -8.12 -5.16 -12.51
C GLY A 37 -8.50 -6.15 -11.40
N PHE A 38 -8.77 -5.60 -10.20
CA PHE A 38 -9.14 -6.39 -9.01
C PHE A 38 -10.49 -7.13 -9.23
N ASP A 39 -10.48 -8.45 -9.03
CA ASP A 39 -11.65 -9.32 -9.29
C ASP A 39 -12.67 -9.24 -8.16
N GLY A 40 -12.18 -9.09 -6.91
CA GLY A 40 -13.06 -8.98 -5.73
C GLY A 40 -13.59 -7.56 -5.54
N GLU A 41 -14.30 -7.35 -4.41
CA GLU A 41 -14.79 -6.01 -4.03
C GLU A 41 -13.83 -5.38 -3.01
N LEU A 42 -13.87 -4.03 -2.88
CA LEU A 42 -12.95 -3.30 -1.97
C LEU A 42 -13.25 -3.58 -0.49
N ALA A 43 -14.46 -4.05 -0.18
CA ALA A 43 -14.84 -4.49 1.18
C ALA A 43 -14.15 -5.81 1.57
N ASP A 44 -13.53 -6.48 0.58
CA ASP A 44 -12.74 -7.72 0.78
C ASP A 44 -11.26 -7.48 0.39
N LEU A 45 -10.95 -6.26 -0.09
CA LEU A 45 -9.59 -5.88 -0.55
C LEU A 45 -8.57 -6.01 0.61
N THR A 46 -7.71 -7.03 0.53
CA THR A 46 -6.69 -7.30 1.56
C THR A 46 -5.54 -6.30 1.44
N ASP A 47 -5.05 -5.79 2.60
CA ASP A 47 -3.92 -4.83 2.67
C ASP A 47 -2.66 -5.37 1.96
N ASP A 48 -2.52 -6.70 2.02
CA ASP A 48 -1.44 -7.47 1.35
C ASP A 48 -1.31 -7.10 -0.15
N ILE A 49 -2.46 -6.93 -0.83
CA ILE A 49 -2.49 -6.57 -2.25
C ILE A 49 -1.91 -5.16 -2.49
N LEU A 50 -2.40 -4.17 -1.73
CA LEU A 50 -2.03 -2.74 -1.90
C LEU A 50 -0.54 -2.54 -1.63
N ILE A 51 -0.10 -3.04 -0.47
CA ILE A 51 1.26 -2.88 0.03
C ILE A 51 2.26 -3.46 -0.97
N TYR A 52 2.03 -4.72 -1.38
CA TYR A 52 2.82 -5.41 -2.41
C TYR A 52 2.89 -4.59 -3.72
N HIS A 53 1.72 -4.06 -4.15
CA HIS A 53 1.58 -3.28 -5.40
C HIS A 53 2.42 -1.98 -5.39
N LEU A 54 2.36 -1.24 -4.29
CA LEU A 54 3.06 0.06 -4.15
C LEU A 54 4.57 -0.16 -3.88
N LYS A 55 4.92 -1.34 -3.29
CA LYS A 55 6.31 -1.74 -3.07
C LYS A 55 7.02 -2.11 -4.37
N MET A 56 6.25 -2.59 -5.38
CA MET A 56 6.79 -2.86 -6.73
C MET A 56 7.39 -1.59 -7.36
N ARG A 57 6.62 -0.48 -7.29
CA ARG A 57 7.03 0.80 -7.88
C ARG A 57 8.06 1.51 -6.97
N ASP A 58 8.05 1.17 -5.66
CA ASP A 58 9.04 1.64 -4.67
C ASP A 58 10.42 1.01 -4.92
N SER A 59 10.43 -0.30 -5.19
CA SER A 59 11.65 -1.08 -5.44
C SER A 59 12.18 -0.79 -6.86
N ALA A 60 11.30 -0.28 -7.76
CA ALA A 60 11.68 0.14 -9.13
C ALA A 60 12.72 1.29 -9.11
N LYS A 61 12.81 2.04 -7.98
CA LYS A 61 13.82 3.10 -7.77
C LYS A 61 15.26 2.52 -7.84
N ASP A 62 15.42 1.28 -7.33
CA ASP A 62 16.71 0.55 -7.35
C ASP A 62 16.43 -0.95 -7.16
N ALA A 63 16.64 -1.75 -8.23
CA ALA A 63 16.35 -3.21 -8.23
C ALA A 63 17.21 -3.97 -9.26
N VAL A 64 16.96 -5.29 -9.34
CA VAL A 64 17.65 -6.23 -10.27
C VAL A 64 17.27 -5.93 -11.75
N ILE A 65 16.09 -5.30 -11.93
CA ILE A 65 15.49 -4.97 -13.24
C ILE A 65 16.50 -4.34 -14.25
N PRO A 66 16.67 -4.96 -15.47
CA PRO A 66 17.62 -4.49 -16.50
C PRO A 66 17.02 -3.34 -17.33
N GLY A 67 16.85 -2.18 -16.69
CA GLY A 67 16.22 -1.01 -17.30
C GLY A 67 14.69 -1.09 -17.32
N LEU A 68 14.13 -2.26 -16.93
CA LEU A 68 12.69 -2.54 -17.00
C LEU A 68 11.98 -2.08 -15.71
N GLN A 69 11.64 -0.78 -15.66
CA GLN A 69 10.91 -0.17 -14.52
C GLN A 69 9.52 -0.81 -14.37
N LYS A 70 8.72 -0.68 -15.46
CA LYS A 70 7.35 -1.18 -15.56
C LYS A 70 6.44 -0.52 -14.49
N ASP A 71 5.75 0.56 -14.89
CA ASP A 71 4.74 1.22 -14.05
C ASP A 71 3.64 1.73 -14.98
N TYR A 72 2.53 0.97 -15.08
CA TYR A 72 1.51 1.17 -16.13
C TYR A 72 0.82 2.53 -15.96
N GLU A 73 1.26 3.49 -16.79
CA GLU A 73 0.78 4.87 -16.79
C GLU A 73 -0.67 4.95 -17.31
N GLU A 74 -1.59 5.38 -16.44
CA GLU A 74 -2.98 5.65 -16.82
C GLU A 74 -3.11 7.05 -17.42
N ASP A 75 -3.91 7.17 -18.50
CA ASP A 75 -4.28 8.48 -19.06
C ASP A 75 -5.49 9.02 -18.30
N PHE A 76 -5.29 9.28 -16.99
CA PHE A 76 -6.30 9.93 -16.14
C PHE A 76 -6.53 11.37 -16.62
N LYS A 77 -5.48 11.98 -17.21
CA LYS A 77 -5.54 13.32 -17.84
C LYS A 77 -6.66 13.36 -18.91
N THR A 78 -6.74 12.29 -19.73
CA THR A 78 -7.77 12.13 -20.78
C THR A 78 -9.18 12.18 -20.15
N ALA A 79 -9.39 11.35 -19.11
CA ALA A 79 -10.68 11.26 -18.38
C ALA A 79 -11.00 12.58 -17.65
N LEU A 80 -9.95 13.29 -17.23
CA LEU A 80 -10.03 14.51 -16.41
C LEU A 80 -10.54 15.70 -17.25
N LEU A 81 -9.89 15.93 -18.41
CA LEU A 81 -10.27 17.01 -19.35
C LEU A 81 -11.61 16.69 -20.04
N ARG A 82 -11.90 15.38 -20.17
CA ARG A 82 -13.15 14.88 -20.77
C ARG A 82 -14.33 15.14 -19.83
N ALA A 83 -14.10 14.96 -18.50
CA ALA A 83 -15.11 15.26 -17.47
C ALA A 83 -15.27 16.78 -17.35
N ARG A 84 -14.36 17.43 -16.59
CA ARG A 84 -14.27 18.90 -16.40
C ARG A 84 -15.53 19.49 -15.72
N GLY A 85 -15.32 20.53 -14.89
CA GLY A 85 -16.43 21.30 -14.28
C GLY A 85 -16.94 20.72 -12.97
N VAL A 86 -17.07 19.38 -12.92
CA VAL A 86 -17.50 18.65 -11.71
C VAL A 86 -16.45 18.81 -10.60
N ILE A 87 -16.91 18.87 -9.35
CA ILE A 87 -16.10 19.26 -8.17
C ILE A 87 -14.85 18.35 -7.98
N LYS A 88 -14.98 17.05 -8.32
CA LYS A 88 -13.93 16.04 -8.06
C LYS A 88 -13.04 15.77 -9.30
N GLU A 89 -13.44 16.27 -10.49
CA GLU A 89 -12.62 16.18 -11.73
C GLU A 89 -12.63 17.55 -12.45
N MET A 1 -9.49 0.53 17.46
CA MET A 1 -9.15 1.99 17.59
C MET A 1 -8.11 2.38 16.54
N LYS A 2 -6.91 1.78 16.64
CA LYS A 2 -5.79 2.04 15.71
C LYS A 2 -5.98 1.23 14.41
N CYS A 3 -6.07 1.95 13.29
CA CYS A 3 -6.10 1.35 11.96
C CYS A 3 -4.65 1.09 11.50
N LYS A 4 -4.21 -0.18 11.62
CA LYS A 4 -2.85 -0.59 11.19
C LYS A 4 -2.74 -0.51 9.65
N ARG A 5 -3.89 -0.70 8.96
CA ARG A 5 -4.00 -0.50 7.50
C ARG A 5 -3.56 0.92 7.11
N LEU A 6 -4.05 1.92 7.88
CA LEU A 6 -3.71 3.34 7.67
C LEU A 6 -2.17 3.54 7.77
N ASN A 7 -1.54 2.81 8.69
CA ASN A 7 -0.08 2.89 8.92
C ASN A 7 0.70 2.35 7.69
N GLU A 8 0.42 1.09 7.32
CA GLU A 8 1.18 0.35 6.29
C GLU A 8 0.95 0.91 4.87
N VAL A 9 -0.26 1.45 4.61
CA VAL A 9 -0.50 2.19 3.35
C VAL A 9 0.33 3.51 3.35
N ILE A 10 0.45 4.19 4.51
CA ILE A 10 1.32 5.39 4.64
C ILE A 10 2.84 5.00 4.55
N GLU A 11 3.15 3.70 4.62
CA GLU A 11 4.54 3.22 4.38
C GLU A 11 4.91 3.23 2.87
N LEU A 12 4.15 2.51 2.02
CA LEU A 12 4.49 2.36 0.55
C LEU A 12 3.65 3.24 -0.40
N LEU A 13 2.46 3.63 0.05
CA LEU A 13 1.49 4.44 -0.73
C LEU A 13 1.59 5.93 -0.35
N GLN A 14 2.52 6.27 0.60
CA GLN A 14 2.70 7.63 1.15
C GLN A 14 2.64 8.71 0.01
N PRO A 15 3.54 8.67 -1.05
CA PRO A 15 3.55 9.72 -2.09
C PRO A 15 2.27 9.67 -2.95
N ALA A 16 1.82 8.44 -3.27
CA ALA A 16 0.67 8.20 -4.17
C ALA A 16 -0.61 8.89 -3.65
N TRP A 17 -0.93 8.66 -2.36
CA TRP A 17 -2.10 9.27 -1.72
C TRP A 17 -1.88 10.77 -1.45
N GLN A 18 -0.61 11.21 -1.31
CA GLN A 18 -0.29 12.65 -1.11
C GLN A 18 -0.31 13.43 -2.44
N LYS A 19 -0.46 12.72 -3.57
CA LYS A 19 -0.74 13.35 -4.87
C LYS A 19 -2.16 13.96 -4.86
N GLU A 20 -3.08 13.28 -4.14
CA GLU A 20 -4.46 13.73 -3.97
C GLU A 20 -5.14 12.97 -2.80
N PRO A 21 -5.00 13.50 -1.53
CA PRO A 21 -5.65 12.91 -0.32
C PRO A 21 -7.12 13.38 -0.16
N ASP A 22 -7.72 13.84 -1.27
CA ASP A 22 -9.15 14.18 -1.36
C ASP A 22 -10.02 12.94 -1.10
N PHE A 23 -9.66 11.83 -1.78
CA PHE A 23 -10.39 10.56 -1.68
C PHE A 23 -10.08 9.86 -0.35
N ASN A 24 -11.09 9.15 0.21
CA ASN A 24 -10.95 8.37 1.46
C ASN A 24 -9.94 7.21 1.30
N LEU A 25 -9.71 6.48 2.40
CA LEU A 25 -8.78 5.34 2.42
C LEU A 25 -9.26 4.25 1.45
N LEU A 26 -10.50 3.74 1.65
CA LEU A 26 -11.08 2.69 0.79
C LEU A 26 -11.42 3.21 -0.64
N GLN A 27 -11.71 4.53 -0.77
CA GLN A 27 -12.00 5.15 -2.09
C GLN A 27 -10.75 5.16 -2.99
N PHE A 28 -9.62 5.61 -2.43
CA PHE A 28 -8.34 5.68 -3.15
C PHE A 28 -7.81 4.26 -3.42
N LEU A 29 -8.05 3.36 -2.47
CA LEU A 29 -7.64 1.95 -2.54
C LEU A 29 -8.42 1.17 -3.62
N GLN A 30 -9.74 1.41 -3.73
CA GLN A 30 -10.60 0.76 -4.73
C GLN A 30 -10.21 1.22 -6.14
N LYS A 31 -9.75 2.49 -6.24
CA LYS A 31 -9.24 3.05 -7.51
C LYS A 31 -8.04 2.24 -8.00
N LEU A 32 -6.98 2.18 -7.20
CA LEU A 32 -5.71 1.55 -7.60
C LEU A 32 -5.88 0.02 -7.76
N ALA A 33 -6.78 -0.56 -6.96
CA ALA A 33 -7.06 -2.01 -6.95
C ALA A 33 -7.73 -2.44 -8.26
N LYS A 34 -8.89 -1.84 -8.56
CA LYS A 34 -9.68 -2.17 -9.76
C LYS A 34 -8.93 -1.78 -11.07
N GLU A 35 -8.04 -0.78 -10.98
CA GLU A 35 -7.13 -0.41 -12.11
C GLU A 35 -6.01 -1.46 -12.30
N SER A 36 -5.67 -2.19 -11.22
CA SER A 36 -4.74 -3.35 -11.29
C SER A 36 -5.46 -4.60 -11.83
N GLY A 37 -6.80 -4.61 -11.76
CA GLY A 37 -7.62 -5.74 -12.21
C GLY A 37 -8.10 -6.62 -11.07
N PHE A 38 -8.34 -5.98 -9.91
CA PHE A 38 -8.85 -6.65 -8.70
C PHE A 38 -10.26 -7.21 -8.95
N ASP A 39 -10.39 -8.54 -8.76
CA ASP A 39 -11.61 -9.29 -9.06
C ASP A 39 -12.73 -8.99 -8.03
N GLY A 40 -12.37 -9.09 -6.73
CA GLY A 40 -13.33 -8.92 -5.63
C GLY A 40 -13.72 -7.47 -5.35
N GLU A 41 -14.56 -7.25 -4.32
CA GLU A 41 -14.98 -5.92 -3.88
C GLU A 41 -13.91 -5.30 -2.96
N LEU A 42 -13.92 -3.97 -2.82
CA LEU A 42 -12.91 -3.25 -2.00
C LEU A 42 -13.04 -3.55 -0.49
N ALA A 43 -14.23 -4.02 -0.06
CA ALA A 43 -14.45 -4.52 1.32
C ALA A 43 -13.77 -5.89 1.52
N ASP A 44 -13.39 -6.54 0.42
CA ASP A 44 -12.65 -7.83 0.40
C ASP A 44 -11.13 -7.57 0.24
N LEU A 45 -10.77 -6.32 -0.14
CA LEU A 45 -9.38 -5.92 -0.48
C LEU A 45 -8.40 -6.20 0.67
N THR A 46 -7.53 -7.22 0.49
CA THR A 46 -6.52 -7.62 1.48
C THR A 46 -5.31 -6.67 1.48
N ASP A 47 -4.70 -6.51 2.66
CA ASP A 47 -3.54 -5.62 2.91
C ASP A 47 -2.37 -5.98 1.99
N ASP A 48 -2.17 -7.30 1.79
CA ASP A 48 -1.13 -7.88 0.92
C ASP A 48 -1.09 -7.20 -0.47
N ILE A 49 -2.28 -6.91 -1.01
CA ILE A 49 -2.45 -6.28 -2.32
C ILE A 49 -1.88 -4.84 -2.32
N LEU A 50 -2.28 -4.04 -1.32
CA LEU A 50 -1.87 -2.62 -1.24
C LEU A 50 -0.36 -2.50 -1.04
N ILE A 51 0.16 -3.35 -0.16
CA ILE A 51 1.59 -3.40 0.14
C ILE A 51 2.39 -3.77 -1.14
N TYR A 52 2.12 -4.96 -1.69
CA TYR A 52 2.82 -5.48 -2.90
C TYR A 52 2.74 -4.51 -4.11
N HIS A 53 1.51 -4.12 -4.50
CA HIS A 53 1.24 -3.34 -5.74
C HIS A 53 1.89 -1.95 -5.68
N LEU A 54 1.83 -1.31 -4.50
CA LEU A 54 2.39 0.04 -4.32
C LEU A 54 3.92 -0.02 -4.19
N LYS A 55 4.47 -1.14 -3.71
CA LYS A 55 5.93 -1.35 -3.67
C LYS A 55 6.51 -1.55 -5.09
N MET A 56 5.74 -2.16 -5.99
CA MET A 56 6.18 -2.36 -7.40
C MET A 56 6.56 -1.02 -8.09
N ARG A 57 5.81 0.05 -7.76
CA ARG A 57 6.10 1.43 -8.23
C ARG A 57 7.05 2.20 -7.26
N ASP A 58 6.88 2.01 -5.94
CA ASP A 58 7.50 2.90 -4.91
C ASP A 58 8.92 2.45 -4.51
N SER A 59 9.15 1.12 -4.46
CA SER A 59 10.44 0.52 -4.01
C SER A 59 11.61 0.82 -4.99
N ALA A 60 11.27 1.45 -6.15
CA ALA A 60 12.25 2.02 -7.09
C ALA A 60 13.13 3.10 -6.40
N LYS A 61 12.59 3.69 -5.32
CA LYS A 61 13.32 4.55 -4.38
C LYS A 61 12.78 4.31 -2.96
N ASP A 62 13.61 3.69 -2.11
CA ASP A 62 13.28 3.45 -0.68
C ASP A 62 13.29 4.79 0.10
N ALA A 63 12.42 4.89 1.12
CA ALA A 63 12.35 6.08 2.01
C ALA A 63 12.12 5.62 3.47
N VAL A 64 13.03 6.03 4.36
CA VAL A 64 12.97 5.71 5.79
C VAL A 64 12.20 6.84 6.50
N ILE A 65 10.88 6.81 6.30
CA ILE A 65 9.94 7.73 6.96
C ILE A 65 9.53 7.20 8.35
N PRO A 66 9.22 8.10 9.34
CA PRO A 66 8.62 7.68 10.63
C PRO A 66 7.10 7.39 10.48
N GLY A 67 6.40 8.22 9.64
CA GLY A 67 5.01 7.95 9.25
C GLY A 67 3.96 8.22 10.35
N LEU A 68 3.19 9.31 10.19
CA LEU A 68 2.00 9.61 11.01
C LEU A 68 0.96 10.36 10.14
N GLN A 69 -0.13 10.82 10.78
CA GLN A 69 -1.16 11.65 10.12
C GLN A 69 -1.48 12.85 11.04
N LYS A 70 -1.55 12.58 12.35
CA LYS A 70 -1.52 13.61 13.40
C LYS A 70 -0.74 13.05 14.62
N ASP A 71 -0.65 13.83 15.70
CA ASP A 71 -0.01 13.42 16.96
C ASP A 71 -0.83 13.94 18.15
N TYR A 72 -0.76 13.21 19.29
CA TYR A 72 -1.44 13.54 20.56
C TYR A 72 -2.98 13.40 20.44
N GLU A 73 -3.53 12.43 21.18
CA GLU A 73 -4.99 12.18 21.24
C GLU A 73 -5.38 11.93 22.71
N GLU A 74 -6.66 12.14 23.02
CA GLU A 74 -7.18 12.13 24.39
C GLU A 74 -7.04 10.75 25.04
N ASP A 75 -6.48 10.72 26.26
CA ASP A 75 -6.29 9.50 27.05
C ASP A 75 -7.46 9.24 28.00
N PHE A 76 -8.65 9.76 27.67
CA PHE A 76 -9.90 9.39 28.37
C PHE A 76 -10.27 7.92 28.08
N LYS A 77 -9.81 7.40 26.93
CA LYS A 77 -9.89 5.97 26.55
C LYS A 77 -9.17 5.12 27.62
N THR A 78 -7.90 5.49 27.83
CA THR A 78 -6.98 4.81 28.74
C THR A 78 -7.48 4.97 30.20
N ALA A 79 -7.90 6.20 30.54
CA ALA A 79 -8.39 6.55 31.88
C ALA A 79 -9.70 5.83 32.21
N LEU A 80 -10.52 5.55 31.18
CA LEU A 80 -11.80 4.84 31.35
C LEU A 80 -11.53 3.40 31.79
N LEU A 81 -10.72 2.66 31.00
CA LEU A 81 -10.45 1.23 31.26
C LEU A 81 -9.56 1.02 32.52
N ARG A 82 -8.89 2.09 32.99
CA ARG A 82 -8.08 2.05 34.24
C ARG A 82 -8.91 2.41 35.49
N ALA A 83 -9.91 3.31 35.34
CA ALA A 83 -10.77 3.76 36.46
C ALA A 83 -11.90 2.74 36.70
N ARG A 84 -12.45 2.23 35.59
CA ARG A 84 -13.55 1.25 35.57
C ARG A 84 -13.01 -0.10 36.10
N GLY A 85 -13.72 -0.67 37.10
CA GLY A 85 -13.36 -1.97 37.67
C GLY A 85 -13.20 -3.06 36.60
N VAL A 86 -12.04 -3.73 36.61
CA VAL A 86 -11.64 -4.68 35.55
C VAL A 86 -12.58 -5.91 35.50
N ILE A 87 -13.31 -6.06 34.37
CA ILE A 87 -14.13 -7.26 34.09
C ILE A 87 -13.19 -8.39 33.62
N LYS A 88 -13.45 -9.62 34.05
CA LYS A 88 -12.60 -10.80 33.73
C LYS A 88 -12.86 -11.33 32.30
N GLU A 89 -11.80 -11.99 31.74
CA GLU A 89 -11.78 -12.57 30.38
C GLU A 89 -12.09 -11.49 29.30
N MET A 1 1.80 3.81 14.46
CA MET A 1 1.47 2.59 15.25
C MET A 1 -0.06 2.52 15.51
N LYS A 2 -0.69 3.71 15.58
CA LYS A 2 -2.15 3.85 15.75
C LYS A 2 -2.82 3.80 14.35
N CYS A 3 -3.86 2.96 14.21
CA CYS A 3 -4.52 2.60 12.94
C CYS A 3 -3.51 1.91 12.00
N LYS A 4 -3.29 0.60 12.24
CA LYS A 4 -2.21 -0.19 11.59
C LYS A 4 -2.34 -0.23 10.06
N ARG A 5 -3.59 -0.38 9.58
CA ARG A 5 -3.92 -0.42 8.13
C ARG A 5 -3.50 0.90 7.46
N LEU A 6 -3.86 2.00 8.15
CA LEU A 6 -3.54 3.37 7.73
C LEU A 6 -2.02 3.59 7.71
N ASN A 7 -1.31 2.99 8.70
CA ASN A 7 0.16 3.15 8.82
C ASN A 7 0.90 2.50 7.65
N GLU A 8 0.63 1.19 7.42
CA GLU A 8 1.36 0.37 6.45
C GLU A 8 1.14 0.85 4.99
N VAL A 9 -0.10 1.28 4.67
CA VAL A 9 -0.38 1.90 3.37
C VAL A 9 0.44 3.22 3.26
N ILE A 10 0.45 4.05 4.32
CA ILE A 10 1.22 5.32 4.36
C ILE A 10 2.76 5.07 4.29
N GLU A 11 3.22 3.83 4.53
CA GLU A 11 4.65 3.49 4.37
C GLU A 11 5.07 3.45 2.89
N LEU A 12 4.32 2.67 2.05
CA LEU A 12 4.69 2.46 0.60
C LEU A 12 3.79 3.24 -0.40
N LEU A 13 2.72 3.85 0.08
CA LEU A 13 1.70 4.55 -0.76
C LEU A 13 1.66 6.06 -0.44
N GLN A 14 2.50 6.52 0.52
CA GLN A 14 2.52 7.93 0.99
C GLN A 14 2.44 8.94 -0.20
N PRO A 15 3.41 8.92 -1.21
CA PRO A 15 3.36 9.87 -2.36
C PRO A 15 2.13 9.63 -3.26
N ALA A 16 1.82 8.33 -3.52
CA ALA A 16 0.70 7.91 -4.40
C ALA A 16 -0.64 8.50 -3.94
N TRP A 17 -0.94 8.40 -2.63
CA TRP A 17 -2.16 8.99 -2.04
C TRP A 17 -2.06 10.52 -1.96
N GLN A 18 -0.85 11.08 -1.81
CA GLN A 18 -0.67 12.56 -1.77
C GLN A 18 -0.84 13.22 -3.15
N LYS A 19 -1.00 12.40 -4.20
CA LYS A 19 -1.42 12.88 -5.52
C LYS A 19 -2.91 13.33 -5.49
N GLU A 20 -3.71 12.69 -4.61
CA GLU A 20 -5.13 13.04 -4.39
C GLU A 20 -5.64 12.48 -3.04
N PRO A 21 -5.30 13.16 -1.88
CA PRO A 21 -5.78 12.76 -0.52
C PRO A 21 -7.30 12.98 -0.31
N ASP A 22 -7.97 13.52 -1.34
CA ASP A 22 -9.41 13.77 -1.38
C ASP A 22 -10.21 12.47 -1.12
N PHE A 23 -9.73 11.36 -1.70
CA PHE A 23 -10.32 10.02 -1.53
C PHE A 23 -9.98 9.45 -0.14
N ASN A 24 -10.92 8.63 0.39
CA ASN A 24 -10.78 7.97 1.71
C ASN A 24 -9.76 6.82 1.65
N LEU A 25 -9.56 6.13 2.79
CA LEU A 25 -8.62 5.00 2.89
C LEU A 25 -9.02 3.89 1.90
N LEU A 26 -10.24 3.36 2.05
CA LEU A 26 -10.79 2.31 1.15
C LEU A 26 -11.07 2.85 -0.27
N GLN A 27 -11.39 4.16 -0.40
CA GLN A 27 -11.82 4.75 -1.68
C GLN A 27 -10.64 5.00 -2.64
N PHE A 28 -9.49 5.43 -2.12
CA PHE A 28 -8.27 5.57 -2.94
C PHE A 28 -7.71 4.18 -3.28
N LEU A 29 -7.80 3.30 -2.27
CA LEU A 29 -7.40 1.89 -2.41
C LEU A 29 -8.21 1.17 -3.49
N GLN A 30 -9.52 1.53 -3.63
CA GLN A 30 -10.42 0.94 -4.63
C GLN A 30 -10.08 1.48 -6.03
N LYS A 31 -9.64 2.76 -6.10
CA LYS A 31 -9.20 3.37 -7.38
C LYS A 31 -8.05 2.55 -7.96
N LEU A 32 -6.96 2.42 -7.18
CA LEU A 32 -5.74 1.72 -7.63
C LEU A 32 -6.01 0.21 -7.85
N ALA A 33 -6.89 -0.36 -7.00
CA ALA A 33 -7.24 -1.81 -7.03
C ALA A 33 -7.91 -2.18 -8.35
N LYS A 34 -8.98 -1.45 -8.69
CA LYS A 34 -9.75 -1.70 -9.92
C LYS A 34 -8.94 -1.30 -11.18
N GLU A 35 -7.96 -0.39 -11.02
CA GLU A 35 -6.96 -0.09 -12.09
C GLU A 35 -6.00 -1.29 -12.30
N SER A 36 -5.82 -2.10 -11.25
CA SER A 36 -5.03 -3.36 -11.32
C SER A 36 -5.89 -4.51 -11.90
N GLY A 37 -7.21 -4.27 -12.02
CA GLY A 37 -8.14 -5.30 -12.50
C GLY A 37 -8.62 -6.22 -11.38
N PHE A 38 -8.90 -5.62 -10.21
CA PHE A 38 -9.42 -6.34 -9.04
C PHE A 38 -10.90 -6.71 -9.28
N ASP A 39 -11.16 -8.02 -9.47
CA ASP A 39 -12.50 -8.54 -9.85
C ASP A 39 -13.53 -8.33 -8.73
N GLY A 40 -13.12 -8.65 -7.49
CA GLY A 40 -13.96 -8.46 -6.31
C GLY A 40 -14.08 -6.99 -5.92
N GLU A 41 -14.93 -6.71 -4.93
CA GLU A 41 -15.12 -5.35 -4.40
C GLU A 41 -13.98 -5.03 -3.43
N LEU A 42 -13.82 -3.74 -3.14
CA LEU A 42 -12.77 -3.20 -2.27
C LEU A 42 -12.88 -3.71 -0.80
N ALA A 43 -14.05 -4.24 -0.41
CA ALA A 43 -14.22 -4.91 0.90
C ALA A 43 -13.41 -6.23 0.97
N ASP A 44 -13.14 -6.83 -0.21
CA ASP A 44 -12.29 -8.04 -0.35
C ASP A 44 -10.80 -7.69 -0.35
N LEU A 45 -10.50 -6.38 -0.58
CA LEU A 45 -9.12 -5.89 -0.79
C LEU A 45 -8.29 -6.05 0.49
N THR A 46 -7.43 -7.08 0.51
CA THR A 46 -6.56 -7.37 1.66
C THR A 46 -5.33 -6.44 1.65
N ASP A 47 -4.85 -6.09 2.86
CA ASP A 47 -3.70 -5.17 3.05
C ASP A 47 -2.46 -5.68 2.32
N ASP A 48 -2.34 -7.02 2.27
CA ASP A 48 -1.24 -7.73 1.59
C ASP A 48 -1.12 -7.29 0.12
N ILE A 49 -2.28 -7.14 -0.55
CA ILE A 49 -2.36 -6.64 -1.93
C ILE A 49 -1.75 -5.22 -2.02
N LEU A 50 -2.18 -4.31 -1.13
CA LEU A 50 -1.77 -2.89 -1.15
C LEU A 50 -0.25 -2.74 -0.95
N ILE A 51 0.27 -3.37 0.11
CA ILE A 51 1.69 -3.24 0.48
C ILE A 51 2.59 -3.68 -0.68
N TYR A 52 2.41 -4.93 -1.13
CA TYR A 52 3.15 -5.49 -2.27
C TYR A 52 3.04 -4.60 -3.54
N HIS A 53 1.80 -4.27 -3.94
CA HIS A 53 1.48 -3.57 -5.21
C HIS A 53 2.10 -2.16 -5.26
N LEU A 54 2.02 -1.45 -4.13
CA LEU A 54 2.50 -0.07 -4.00
C LEU A 54 4.02 -0.04 -3.81
N LYS A 55 4.59 -1.14 -3.28
CA LYS A 55 6.04 -1.32 -3.23
C LYS A 55 6.60 -1.52 -4.64
N MET A 56 5.88 -2.26 -5.51
CA MET A 56 6.35 -2.55 -6.89
C MET A 56 6.74 -1.26 -7.67
N ARG A 57 5.99 -0.16 -7.43
CA ARG A 57 6.31 1.15 -8.00
C ARG A 57 7.34 1.93 -7.13
N ASP A 58 7.26 1.75 -5.79
CA ASP A 58 8.00 2.57 -4.80
C ASP A 58 9.20 1.81 -4.17
N SER A 59 9.62 0.69 -4.78
CA SER A 59 10.75 -0.14 -4.27
C SER A 59 12.11 0.43 -4.77
N ALA A 60 12.03 1.39 -5.71
CA ALA A 60 13.21 2.12 -6.21
C ALA A 60 13.78 3.02 -5.09
N LYS A 61 14.54 2.38 -4.18
CA LYS A 61 15.18 3.00 -3.01
C LYS A 61 16.63 2.49 -2.91
N ASP A 62 17.36 2.98 -1.92
CA ASP A 62 18.65 2.41 -1.51
C ASP A 62 18.41 1.52 -0.28
N ALA A 63 17.84 0.33 -0.54
CA ALA A 63 17.44 -0.64 0.48
C ALA A 63 17.96 -2.03 0.11
N VAL A 64 18.74 -2.65 1.01
CA VAL A 64 19.29 -4.00 0.83
C VAL A 64 18.24 -5.02 1.34
N ILE A 65 17.12 -5.08 0.61
CA ILE A 65 15.99 -5.98 0.88
C ILE A 65 16.06 -7.20 -0.09
N PRO A 66 15.97 -8.47 0.43
CA PRO A 66 16.13 -9.69 -0.40
C PRO A 66 15.03 -9.85 -1.49
N GLY A 67 13.75 -9.70 -1.09
CA GLY A 67 12.60 -9.88 -1.99
C GLY A 67 11.60 -10.86 -1.40
N LEU A 68 10.90 -10.40 -0.33
CA LEU A 68 9.93 -11.21 0.45
C LEU A 68 10.61 -12.44 1.11
N GLN A 69 9.80 -13.42 1.58
CA GLN A 69 10.28 -14.71 2.16
C GLN A 69 9.32 -15.85 1.74
N LYS A 70 9.88 -17.07 1.65
CA LYS A 70 9.14 -18.35 1.47
C LYS A 70 8.74 -18.61 -0.01
N ASP A 71 8.47 -17.55 -0.78
CA ASP A 71 8.09 -17.67 -2.21
C ASP A 71 9.34 -17.71 -3.12
N TYR A 72 9.09 -17.85 -4.42
CA TYR A 72 10.10 -17.79 -5.48
C TYR A 72 9.61 -16.86 -6.62
N GLU A 73 8.43 -16.24 -6.40
CA GLU A 73 7.70 -15.48 -7.44
C GLU A 73 8.37 -14.14 -7.73
N GLU A 74 9.10 -13.61 -6.73
CA GLU A 74 9.92 -12.40 -6.89
C GLU A 74 11.12 -12.65 -7.81
N ASP A 75 11.50 -13.95 -7.94
CA ASP A 75 12.65 -14.40 -8.76
C ASP A 75 13.96 -13.72 -8.26
N PHE A 76 13.93 -13.36 -6.96
CA PHE A 76 14.97 -12.60 -6.26
C PHE A 76 16.37 -13.23 -6.41
N LYS A 77 16.39 -14.57 -6.45
CA LYS A 77 17.63 -15.36 -6.52
C LYS A 77 18.32 -15.13 -7.88
N THR A 78 17.54 -15.27 -8.96
CA THR A 78 18.03 -15.07 -10.34
C THR A 78 18.38 -13.59 -10.59
N ALA A 79 17.50 -12.70 -10.09
CA ALA A 79 17.67 -11.23 -10.19
C ALA A 79 18.96 -10.77 -9.51
N LEU A 80 19.31 -11.42 -8.39
CA LEU A 80 20.51 -11.13 -7.60
C LEU A 80 21.76 -11.44 -8.45
N LEU A 81 21.87 -12.70 -8.92
CA LEU A 81 23.07 -13.18 -9.63
C LEU A 81 23.24 -12.55 -11.03
N ARG A 82 22.15 -11.96 -11.58
CA ARG A 82 22.20 -11.21 -12.86
C ARG A 82 22.68 -9.76 -12.63
N ALA A 83 22.16 -9.11 -11.57
CA ALA A 83 22.47 -7.70 -11.25
C ALA A 83 23.87 -7.55 -10.60
N ARG A 84 24.33 -8.64 -9.96
CA ARG A 84 25.66 -8.75 -9.34
C ARG A 84 26.66 -9.27 -10.39
N GLY A 85 26.23 -10.27 -11.17
CA GLY A 85 27.10 -10.98 -12.12
C GLY A 85 27.32 -10.22 -13.41
N VAL A 86 28.60 -10.15 -13.84
CA VAL A 86 29.00 -9.59 -15.14
C VAL A 86 29.07 -10.71 -16.19
N ILE A 87 28.68 -10.41 -17.42
CA ILE A 87 28.62 -11.39 -18.52
C ILE A 87 30.04 -11.64 -19.06
N LYS A 88 30.82 -10.55 -19.19
CA LYS A 88 32.21 -10.61 -19.67
C LYS A 88 33.15 -11.03 -18.52
N GLU A 89 33.88 -12.12 -18.73
CA GLU A 89 34.90 -12.63 -17.81
C GLU A 89 36.04 -13.27 -18.64
N MET A 1 0.23 1.32 19.51
CA MET A 1 0.06 1.77 18.11
C MET A 1 -1.11 1.03 17.46
N LYS A 2 -1.98 1.79 16.77
CA LYS A 2 -3.19 1.26 16.10
C LYS A 2 -3.25 1.74 14.64
N CYS A 3 -4.38 1.43 13.96
CA CYS A 3 -4.64 1.79 12.57
C CYS A 3 -3.61 1.15 11.62
N LYS A 4 -3.51 -0.19 11.70
CA LYS A 4 -2.56 -1.00 10.90
C LYS A 4 -2.60 -0.61 9.41
N ARG A 5 -3.83 -0.51 8.86
CA ARG A 5 -4.06 -0.11 7.45
C ARG A 5 -3.43 1.27 7.16
N LEU A 6 -3.76 2.27 8.01
CA LEU A 6 -3.30 3.67 7.84
C LEU A 6 -1.75 3.73 7.91
N ASN A 7 -1.15 2.92 8.79
CA ASN A 7 0.32 2.90 9.01
C ASN A 7 1.04 2.40 7.73
N GLU A 8 0.71 1.17 7.32
CA GLU A 8 1.38 0.47 6.20
C GLU A 8 1.15 1.17 4.85
N VAL A 9 -0.04 1.75 4.65
CA VAL A 9 -0.31 2.50 3.41
C VAL A 9 0.55 3.80 3.40
N ILE A 10 0.69 4.48 4.55
CA ILE A 10 1.57 5.67 4.65
C ILE A 10 3.08 5.26 4.55
N GLU A 11 3.39 3.96 4.64
CA GLU A 11 4.76 3.46 4.40
C GLU A 11 5.10 3.44 2.89
N LEU A 12 4.33 2.67 2.10
CA LEU A 12 4.61 2.52 0.64
C LEU A 12 3.80 3.50 -0.24
N LEU A 13 2.51 3.66 0.07
CA LEU A 13 1.55 4.46 -0.72
C LEU A 13 1.68 5.98 -0.45
N GLN A 14 2.57 6.37 0.50
CA GLN A 14 2.69 7.77 1.00
C GLN A 14 2.58 8.84 -0.16
N PRO A 15 3.46 8.82 -1.23
CA PRO A 15 3.39 9.85 -2.31
C PRO A 15 2.11 9.71 -3.17
N ALA A 16 1.66 8.45 -3.37
CA ALA A 16 0.52 8.13 -4.25
C ALA A 16 -0.78 8.76 -3.73
N TRP A 17 -1.08 8.59 -2.43
CA TRP A 17 -2.30 9.18 -1.80
C TRP A 17 -2.18 10.71 -1.67
N GLN A 18 -0.94 11.25 -1.70
CA GLN A 18 -0.74 12.72 -1.72
C GLN A 18 -1.06 13.30 -3.10
N LYS A 19 -1.00 12.46 -4.16
CA LYS A 19 -1.39 12.85 -5.53
C LYS A 19 -2.93 12.96 -5.66
N GLU A 20 -3.67 12.31 -4.74
CA GLU A 20 -5.15 12.35 -4.71
C GLU A 20 -5.67 11.92 -3.31
N PRO A 21 -5.69 12.88 -2.31
CA PRO A 21 -6.25 12.62 -0.96
C PRO A 21 -7.75 12.96 -0.85
N ASP A 22 -8.40 13.03 -2.03
CA ASP A 22 -9.84 13.33 -2.17
C ASP A 22 -10.66 12.11 -1.78
N PHE A 23 -10.14 10.93 -2.15
CA PHE A 23 -10.73 9.63 -1.78
C PHE A 23 -10.24 9.21 -0.39
N ASN A 24 -11.09 8.49 0.35
CA ASN A 24 -10.83 8.00 1.73
C ASN A 24 -9.72 6.91 1.75
N LEU A 25 -9.54 6.24 2.92
CA LEU A 25 -8.50 5.20 3.09
C LEU A 25 -8.77 4.06 2.09
N LEU A 26 -9.92 3.39 2.23
CA LEU A 26 -10.27 2.23 1.39
C LEU A 26 -10.72 2.68 -0.02
N GLN A 27 -11.19 3.93 -0.14
CA GLN A 27 -11.66 4.49 -1.42
C GLN A 27 -10.49 4.84 -2.37
N PHE A 28 -9.34 5.26 -1.82
CA PHE A 28 -8.13 5.47 -2.64
C PHE A 28 -7.47 4.11 -2.93
N LEU A 29 -7.58 3.21 -1.95
CA LEU A 29 -7.11 1.83 -2.07
C LEU A 29 -7.84 1.09 -3.22
N GLN A 30 -9.16 1.37 -3.37
CA GLN A 30 -9.96 0.77 -4.44
C GLN A 30 -9.66 1.43 -5.79
N LYS A 31 -9.27 2.72 -5.79
CA LYS A 31 -8.78 3.40 -7.02
C LYS A 31 -7.61 2.62 -7.64
N LEU A 32 -6.58 2.38 -6.80
CA LEU A 32 -5.32 1.74 -7.22
C LEU A 32 -5.51 0.21 -7.41
N ALA A 33 -6.52 -0.37 -6.73
CA ALA A 33 -6.84 -1.82 -6.83
C ALA A 33 -7.57 -2.14 -8.14
N LYS A 34 -8.64 -1.37 -8.43
CA LYS A 34 -9.47 -1.57 -9.64
C LYS A 34 -8.66 -1.36 -10.93
N GLU A 35 -7.70 -0.40 -10.93
CA GLU A 35 -6.83 -0.17 -12.11
C GLU A 35 -5.82 -1.34 -12.31
N SER A 36 -5.58 -2.11 -11.22
CA SER A 36 -4.79 -3.35 -11.29
C SER A 36 -5.61 -4.52 -11.88
N GLY A 37 -6.94 -4.37 -11.83
CA GLY A 37 -7.86 -5.39 -12.31
C GLY A 37 -8.36 -6.28 -11.18
N PHE A 38 -8.63 -5.65 -10.01
CA PHE A 38 -9.17 -6.36 -8.84
C PHE A 38 -10.66 -6.71 -9.09
N ASP A 39 -10.94 -8.03 -9.23
CA ASP A 39 -12.29 -8.55 -9.45
C ASP A 39 -12.94 -8.87 -8.10
N GLY A 40 -13.63 -7.87 -7.54
CA GLY A 40 -14.37 -8.00 -6.29
C GLY A 40 -14.60 -6.64 -5.64
N GLU A 41 -15.44 -6.60 -4.59
CA GLU A 41 -15.71 -5.37 -3.81
C GLU A 41 -14.46 -5.03 -2.95
N LEU A 42 -14.22 -3.72 -2.74
CA LEU A 42 -13.11 -3.22 -1.90
C LEU A 42 -13.23 -3.62 -0.42
N ALA A 43 -14.43 -4.04 0.03
CA ALA A 43 -14.63 -4.62 1.38
C ALA A 43 -13.85 -5.96 1.53
N ASP A 44 -13.64 -6.62 0.38
CA ASP A 44 -12.89 -7.89 0.28
C ASP A 44 -11.37 -7.64 0.09
N LEU A 45 -11.03 -6.41 -0.35
CA LEU A 45 -9.66 -6.02 -0.76
C LEU A 45 -8.63 -6.31 0.34
N THR A 46 -7.79 -7.33 0.11
CA THR A 46 -6.76 -7.78 1.06
C THR A 46 -5.60 -6.77 1.09
N ASP A 47 -5.15 -6.42 2.31
CA ASP A 47 -4.05 -5.46 2.57
C ASP A 47 -2.76 -5.83 1.79
N ASP A 48 -2.56 -7.14 1.57
CA ASP A 48 -1.43 -7.69 0.80
C ASP A 48 -1.36 -7.07 -0.62
N ILE A 49 -2.51 -7.00 -1.31
CA ILE A 49 -2.62 -6.46 -2.70
C ILE A 49 -2.07 -5.03 -2.78
N LEU A 50 -2.46 -4.19 -1.79
CA LEU A 50 -2.09 -2.76 -1.76
C LEU A 50 -0.58 -2.60 -1.52
N ILE A 51 -0.13 -3.20 -0.43
CA ILE A 51 1.26 -3.09 0.05
C ILE A 51 2.23 -3.60 -1.05
N TYR A 52 1.95 -4.81 -1.57
CA TYR A 52 2.67 -5.40 -2.73
C TYR A 52 2.69 -4.45 -3.95
N HIS A 53 1.52 -3.88 -4.30
CA HIS A 53 1.33 -3.01 -5.49
C HIS A 53 2.24 -1.78 -5.44
N LEU A 54 2.27 -1.13 -4.29
CA LEU A 54 3.03 0.12 -4.12
C LEU A 54 4.52 -0.19 -3.96
N LYS A 55 4.87 -1.30 -3.31
CA LYS A 55 6.28 -1.71 -3.13
C LYS A 55 6.98 -1.98 -4.47
N MET A 56 6.19 -2.35 -5.51
CA MET A 56 6.67 -2.44 -6.91
C MET A 56 7.33 -1.10 -7.36
N ARG A 57 6.68 0.03 -7.06
CA ARG A 57 7.23 1.38 -7.39
C ARG A 57 8.15 1.92 -6.25
N ASP A 58 8.12 1.29 -5.06
CA ASP A 58 9.09 1.58 -3.96
C ASP A 58 10.33 0.66 -4.05
N SER A 59 10.51 -0.02 -5.20
CA SER A 59 11.72 -0.84 -5.49
C SER A 59 12.91 0.05 -5.93
N ALA A 60 12.77 1.38 -5.74
CA ALA A 60 13.85 2.38 -5.94
C ALA A 60 14.99 2.23 -4.90
N LYS A 61 15.96 3.15 -4.95
CA LYS A 61 17.16 3.09 -4.08
C LYS A 61 16.76 3.40 -2.62
N ASP A 62 16.11 4.56 -2.44
CA ASP A 62 15.54 4.99 -1.14
C ASP A 62 14.07 4.56 -1.05
N ALA A 63 13.64 4.17 0.16
CA ALA A 63 12.25 3.78 0.46
C ALA A 63 11.99 3.89 1.97
N VAL A 64 10.72 4.09 2.34
CA VAL A 64 10.29 4.24 3.74
C VAL A 64 10.24 2.87 4.44
N ILE A 65 9.80 1.86 3.69
CA ILE A 65 9.62 0.48 4.17
C ILE A 65 10.96 -0.16 4.63
N PRO A 66 11.00 -0.76 5.88
CA PRO A 66 12.12 -1.61 6.32
C PRO A 66 11.98 -3.07 5.85
N GLY A 67 12.94 -3.91 6.26
CA GLY A 67 12.92 -5.35 5.97
C GLY A 67 13.50 -6.13 7.14
N LEU A 68 12.62 -6.77 7.94
CA LEU A 68 13.00 -7.50 9.16
C LEU A 68 13.65 -8.84 8.80
N GLN A 69 12.83 -9.77 8.24
CA GLN A 69 13.24 -11.10 7.73
C GLN A 69 14.04 -11.90 8.78
N LYS A 70 13.33 -12.69 9.60
CA LYS A 70 13.93 -13.66 10.53
C LYS A 70 13.77 -15.08 9.97
N ASP A 71 14.45 -16.03 10.62
CA ASP A 71 14.45 -17.45 10.22
C ASP A 71 14.94 -18.32 11.38
N TYR A 72 14.52 -19.59 11.39
CA TYR A 72 14.93 -20.62 12.36
C TYR A 72 14.47 -20.30 13.80
N GLU A 73 13.31 -20.86 14.15
CA GLU A 73 12.84 -20.96 15.55
C GLU A 73 13.03 -22.41 15.99
N GLU A 74 13.24 -22.63 17.30
CA GLU A 74 13.44 -23.97 17.86
C GLU A 74 12.67 -24.12 19.18
N ASP A 75 12.55 -25.38 19.64
CA ASP A 75 11.83 -25.76 20.87
C ASP A 75 12.36 -27.14 21.35
N PHE A 76 13.67 -27.38 21.10
CA PHE A 76 14.37 -28.63 21.49
C PHE A 76 14.38 -28.82 23.02
N LYS A 77 14.34 -27.70 23.77
CA LYS A 77 14.26 -27.73 25.25
C LYS A 77 13.07 -28.60 25.69
N THR A 78 11.90 -28.35 25.09
CA THR A 78 10.68 -29.10 25.37
C THR A 78 10.80 -30.55 24.87
N ALA A 79 11.36 -30.73 23.66
CA ALA A 79 11.57 -32.07 23.05
C ALA A 79 12.48 -32.95 23.94
N LEU A 80 13.39 -32.30 24.68
CA LEU A 80 14.37 -32.97 25.56
C LEU A 80 13.67 -33.45 26.85
N LEU A 81 12.83 -32.57 27.46
CA LEU A 81 12.10 -32.94 28.70
C LEU A 81 10.97 -33.95 28.40
N ARG A 82 10.54 -34.00 27.12
CA ARG A 82 9.57 -34.99 26.62
C ARG A 82 10.23 -36.36 26.40
N ALA A 83 11.51 -36.34 25.95
CA ALA A 83 12.32 -37.56 25.77
C ALA A 83 12.69 -38.13 27.16
N ARG A 84 13.49 -37.35 27.90
CA ARG A 84 13.83 -37.56 29.33
C ARG A 84 14.42 -38.97 29.66
N GLY A 85 13.52 -39.99 29.73
CA GLY A 85 13.86 -41.34 30.18
C GLY A 85 14.98 -41.99 29.38
N VAL A 86 16.16 -42.10 30.02
CA VAL A 86 17.34 -42.81 29.48
C VAL A 86 17.06 -44.33 29.50
N ILE A 87 17.72 -45.11 28.61
CA ILE A 87 17.60 -46.59 28.61
C ILE A 87 18.09 -47.14 29.96
N LYS A 88 19.34 -46.78 30.32
CA LYS A 88 19.93 -47.01 31.64
C LYS A 88 21.29 -46.29 31.70
N GLU A 89 22.20 -46.73 30.80
CA GLU A 89 23.54 -46.14 30.65
C GLU A 89 24.16 -46.63 29.31
N MET A 1 1.46 1.82 15.30
CA MET A 1 1.15 0.40 15.65
C MET A 1 -0.31 0.24 16.11
N LYS A 2 -0.97 1.36 16.46
CA LYS A 2 -2.37 1.35 16.91
C LYS A 2 -3.28 1.15 15.66
N CYS A 3 -3.33 2.19 14.81
CA CYS A 3 -4.13 2.17 13.58
C CYS A 3 -3.32 1.53 12.44
N LYS A 4 -3.30 0.18 12.43
CA LYS A 4 -2.45 -0.64 11.54
C LYS A 4 -2.67 -0.36 10.05
N ARG A 5 -3.95 -0.27 9.66
CA ARG A 5 -4.34 -0.11 8.24
C ARG A 5 -3.77 1.21 7.69
N LEU A 6 -3.89 2.26 8.52
CA LEU A 6 -3.41 3.60 8.19
C LEU A 6 -1.87 3.63 8.18
N ASN A 7 -1.23 2.90 9.11
CA ASN A 7 0.25 2.83 9.21
C ASN A 7 0.87 2.29 7.92
N GLU A 8 0.47 1.06 7.54
CA GLU A 8 1.08 0.30 6.42
C GLU A 8 0.85 0.97 5.05
N VAL A 9 -0.34 1.57 4.86
CA VAL A 9 -0.60 2.34 3.64
C VAL A 9 0.26 3.63 3.62
N ILE A 10 0.39 4.33 4.75
CA ILE A 10 1.27 5.52 4.88
C ILE A 10 2.78 5.11 4.94
N GLU A 11 3.08 3.80 4.87
CA GLU A 11 4.47 3.34 4.63
C GLU A 11 4.81 3.44 3.12
N LEU A 12 4.11 2.66 2.26
CA LEU A 12 4.50 2.55 0.80
C LEU A 12 3.59 3.40 -0.13
N LEU A 13 2.31 3.52 0.24
CA LEU A 13 1.30 4.27 -0.53
C LEU A 13 1.41 5.78 -0.25
N GLN A 14 2.24 6.17 0.75
CA GLN A 14 2.37 7.56 1.22
C GLN A 14 2.41 8.57 0.01
N PRO A 15 3.40 8.46 -0.98
CA PRO A 15 3.46 9.41 -2.12
C PRO A 15 2.21 9.31 -3.03
N ALA A 16 1.72 8.07 -3.27
CA ALA A 16 0.56 7.79 -4.13
C ALA A 16 -0.70 8.53 -3.65
N TRP A 17 -1.02 8.43 -2.34
CA TRP A 17 -2.19 9.09 -1.74
C TRP A 17 -1.98 10.61 -1.64
N GLN A 18 -0.71 11.06 -1.61
CA GLN A 18 -0.41 12.53 -1.63
C GLN A 18 -0.65 13.14 -3.02
N LYS A 19 -0.74 12.28 -4.06
CA LYS A 19 -1.10 12.72 -5.43
C LYS A 19 -2.58 13.22 -5.45
N GLU A 20 -3.45 12.55 -4.67
CA GLU A 20 -4.83 13.02 -4.42
C GLU A 20 -5.39 12.38 -3.12
N PRO A 21 -5.29 13.09 -1.95
CA PRO A 21 -5.85 12.60 -0.66
C PRO A 21 -7.34 12.97 -0.45
N ASP A 22 -8.02 13.42 -1.54
CA ASP A 22 -9.48 13.66 -1.52
C ASP A 22 -10.24 12.34 -1.28
N PHE A 23 -9.75 11.27 -1.92
CA PHE A 23 -10.29 9.91 -1.76
C PHE A 23 -10.04 9.43 -0.32
N ASN A 24 -11.00 8.68 0.23
CA ASN A 24 -10.87 8.06 1.57
C ASN A 24 -9.95 6.83 1.51
N LEU A 25 -9.84 6.09 2.63
CA LEU A 25 -8.90 4.97 2.78
C LEU A 25 -9.21 3.86 1.74
N LEU A 26 -10.42 3.30 1.78
CA LEU A 26 -10.85 2.22 0.86
C LEU A 26 -11.10 2.78 -0.56
N GLN A 27 -11.43 4.09 -0.66
CA GLN A 27 -11.75 4.75 -1.95
C GLN A 27 -10.50 4.87 -2.84
N PHE A 28 -9.38 5.31 -2.27
CA PHE A 28 -8.11 5.45 -3.01
C PHE A 28 -7.52 4.06 -3.30
N LEU A 29 -7.71 3.16 -2.33
CA LEU A 29 -7.27 1.76 -2.43
C LEU A 29 -7.95 1.04 -3.61
N GLN A 30 -9.26 1.25 -3.77
CA GLN A 30 -10.04 0.63 -4.86
C GLN A 30 -9.66 1.24 -6.22
N LYS A 31 -9.25 2.53 -6.23
CA LYS A 31 -8.74 3.18 -7.45
C LYS A 31 -7.52 2.40 -8.00
N LEU A 32 -6.48 2.29 -7.15
CA LEU A 32 -5.19 1.70 -7.54
C LEU A 32 -5.32 0.17 -7.74
N ALA A 33 -6.25 -0.46 -6.98
CA ALA A 33 -6.43 -1.93 -7.02
C ALA A 33 -7.21 -2.36 -8.26
N LYS A 34 -8.35 -1.70 -8.54
CA LYS A 34 -9.23 -2.07 -9.66
C LYS A 34 -8.57 -1.80 -11.03
N GLU A 35 -7.74 -0.75 -11.13
CA GLU A 35 -6.97 -0.47 -12.36
C GLU A 35 -5.88 -1.56 -12.56
N SER A 36 -5.39 -2.12 -11.44
CA SER A 36 -4.44 -3.26 -11.44
C SER A 36 -5.14 -4.58 -11.89
N GLY A 37 -6.48 -4.60 -11.77
CA GLY A 37 -7.29 -5.74 -12.20
C GLY A 37 -7.95 -6.49 -11.05
N PHE A 38 -8.16 -5.80 -9.92
CA PHE A 38 -8.91 -6.34 -8.77
C PHE A 38 -10.41 -6.15 -9.02
N ASP A 39 -11.11 -7.26 -9.32
CA ASP A 39 -12.56 -7.26 -9.63
C ASP A 39 -13.39 -7.72 -8.42
N GLY A 40 -12.71 -8.13 -7.34
CA GLY A 40 -13.36 -8.39 -6.06
C GLY A 40 -13.84 -7.09 -5.40
N GLU A 41 -14.64 -7.20 -4.32
CA GLU A 41 -15.16 -6.03 -3.62
C GLU A 41 -14.03 -5.43 -2.74
N LEU A 42 -13.94 -4.08 -2.73
CA LEU A 42 -12.89 -3.34 -1.99
C LEU A 42 -13.09 -3.45 -0.46
N ALA A 43 -14.30 -3.82 -0.03
CA ALA A 43 -14.60 -4.17 1.38
C ALA A 43 -13.72 -5.35 1.84
N ASP A 44 -13.48 -6.28 0.89
CA ASP A 44 -12.75 -7.54 1.13
C ASP A 44 -11.29 -7.43 0.62
N LEU A 45 -10.93 -6.23 0.09
CA LEU A 45 -9.58 -5.93 -0.44
C LEU A 45 -8.51 -6.07 0.68
N THR A 46 -7.69 -7.12 0.57
CA THR A 46 -6.65 -7.43 1.55
C THR A 46 -5.42 -6.51 1.38
N ASP A 47 -4.80 -6.15 2.51
CA ASP A 47 -3.65 -5.21 2.55
C ASP A 47 -2.46 -5.72 1.74
N ASP A 48 -2.29 -7.05 1.72
CA ASP A 48 -1.18 -7.71 1.00
C ASP A 48 -1.16 -7.31 -0.49
N ILE A 49 -2.37 -7.17 -1.07
CA ILE A 49 -2.58 -6.67 -2.44
C ILE A 49 -2.01 -5.25 -2.57
N LEU A 50 -2.45 -4.33 -1.69
CA LEU A 50 -2.08 -2.92 -1.76
C LEU A 50 -0.57 -2.74 -1.60
N ILE A 51 -0.04 -3.19 -0.44
CA ILE A 51 1.37 -3.03 -0.06
C ILE A 51 2.30 -3.49 -1.22
N TYR A 52 2.04 -4.70 -1.75
CA TYR A 52 2.75 -5.23 -2.93
C TYR A 52 2.63 -4.30 -4.18
N HIS A 53 1.38 -3.92 -4.53
CA HIS A 53 1.07 -3.14 -5.77
C HIS A 53 1.75 -1.76 -5.77
N LEU A 54 1.84 -1.17 -4.57
CA LEU A 54 2.51 0.12 -4.38
C LEU A 54 4.01 -0.06 -4.51
N LYS A 55 4.57 -1.09 -3.85
CA LYS A 55 6.03 -1.36 -3.85
C LYS A 55 6.60 -1.58 -5.27
N MET A 56 5.75 -2.05 -6.20
CA MET A 56 6.10 -2.18 -7.63
C MET A 56 6.37 -0.80 -8.29
N ARG A 57 5.50 0.18 -7.99
CA ARG A 57 5.63 1.57 -8.52
C ARG A 57 6.53 2.43 -7.59
N ASP A 58 6.75 1.93 -6.36
CA ASP A 58 7.54 2.58 -5.30
C ASP A 58 8.94 1.92 -5.23
N SER A 59 9.28 1.15 -6.28
CA SER A 59 10.58 0.46 -6.38
C SER A 59 11.72 1.41 -6.80
N ALA A 60 11.43 2.74 -6.86
CA ALA A 60 12.43 3.78 -7.13
C ALA A 60 13.44 3.88 -5.96
N LYS A 61 14.61 4.49 -6.22
CA LYS A 61 15.70 4.63 -5.23
C LYS A 61 15.36 5.79 -4.26
N ASP A 62 14.41 5.50 -3.35
CA ASP A 62 13.92 6.36 -2.26
C ASP A 62 12.57 5.75 -1.83
N ALA A 63 12.63 4.74 -0.95
CA ALA A 63 11.44 3.94 -0.59
C ALA A 63 11.62 3.19 0.73
N VAL A 64 10.50 2.69 1.26
CA VAL A 64 10.47 1.87 2.49
C VAL A 64 10.95 0.43 2.21
N ILE A 65 10.96 0.04 0.91
CA ILE A 65 11.39 -1.31 0.49
C ILE A 65 12.85 -1.60 0.95
N PRO A 66 13.17 -2.87 1.38
CA PRO A 66 14.53 -3.24 1.88
C PRO A 66 15.58 -3.42 0.74
N GLY A 67 15.20 -3.05 -0.50
CA GLY A 67 16.07 -3.16 -1.66
C GLY A 67 15.89 -4.50 -2.36
N LEU A 68 15.05 -4.52 -3.41
CA LEU A 68 14.83 -5.71 -4.25
C LEU A 68 14.45 -5.26 -5.66
N GLN A 69 15.33 -5.54 -6.63
CA GLN A 69 15.14 -5.15 -8.04
C GLN A 69 14.43 -6.30 -8.79
N LYS A 70 13.12 -6.49 -8.49
CA LYS A 70 12.30 -7.62 -9.01
C LYS A 70 10.99 -7.13 -9.65
N ASP A 71 10.90 -5.81 -9.89
CA ASP A 71 9.70 -5.19 -10.50
C ASP A 71 9.80 -5.25 -12.03
N TYR A 72 8.63 -5.19 -12.68
CA TYR A 72 8.52 -5.28 -14.16
C TYR A 72 7.69 -4.10 -14.69
N GLU A 73 8.32 -3.30 -15.57
CA GLU A 73 7.67 -2.15 -16.25
C GLU A 73 6.67 -2.66 -17.31
N GLU A 74 5.48 -2.05 -17.36
CA GLU A 74 4.42 -2.40 -18.32
C GLU A 74 3.93 -1.12 -19.02
N ASP A 75 4.57 -0.79 -20.16
CA ASP A 75 4.18 0.36 -20.99
C ASP A 75 3.28 -0.15 -22.14
N PHE A 76 2.00 -0.31 -21.78
CA PHE A 76 0.96 -0.87 -22.67
C PHE A 76 0.41 0.21 -23.63
N LYS A 77 0.32 1.47 -23.13
CA LYS A 77 -0.26 2.62 -23.86
C LYS A 77 0.51 2.90 -25.16
N THR A 78 1.85 2.98 -25.04
CA THR A 78 2.74 3.23 -26.19
C THR A 78 2.67 2.08 -27.21
N ALA A 79 2.54 0.83 -26.69
CA ALA A 79 2.40 -0.38 -27.53
C ALA A 79 1.13 -0.32 -28.42
N LEU A 80 0.05 0.30 -27.88
CA LEU A 80 -1.24 0.45 -28.60
C LEU A 80 -1.12 1.44 -29.77
N LEU A 81 -0.60 2.66 -29.48
CA LEU A 81 -0.48 3.74 -30.48
C LEU A 81 0.57 3.41 -31.56
N ARG A 82 1.51 2.50 -31.24
CA ARG A 82 2.49 1.96 -32.21
C ARG A 82 1.86 0.85 -33.07
N ALA A 83 0.97 0.06 -32.45
CA ALA A 83 0.28 -1.08 -33.11
C ALA A 83 -0.60 -0.58 -34.27
N ARG A 84 -1.29 0.55 -34.04
CA ARG A 84 -2.14 1.19 -35.05
C ARG A 84 -1.32 2.17 -35.92
N GLY A 85 -0.59 3.08 -35.26
CA GLY A 85 0.04 4.21 -35.93
C GLY A 85 -1.01 5.19 -36.44
N VAL A 86 -0.79 5.72 -37.67
CA VAL A 86 -1.74 6.61 -38.38
C VAL A 86 -2.14 7.83 -37.50
N ILE A 87 -1.21 8.81 -37.42
CA ILE A 87 -1.42 10.04 -36.63
C ILE A 87 -2.37 10.96 -37.43
N LYS A 88 -3.57 11.17 -36.87
CA LYS A 88 -4.66 11.98 -37.49
C LYS A 88 -5.19 11.28 -38.77
N GLU A 89 -4.46 11.49 -39.88
CA GLU A 89 -4.80 10.97 -41.22
C GLU A 89 -3.68 11.41 -42.19
N MET A 1 1.93 2.30 18.42
CA MET A 1 1.21 2.77 17.21
C MET A 1 -0.28 2.38 17.29
N LYS A 2 -1.09 2.95 16.38
CA LYS A 2 -2.54 2.68 16.29
C LYS A 2 -2.96 2.56 14.82
N CYS A 3 -3.89 1.60 14.54
CA CYS A 3 -4.45 1.34 13.21
C CYS A 3 -3.35 0.90 12.24
N LYS A 4 -2.98 -0.40 12.28
CA LYS A 4 -1.91 -0.97 11.45
C LYS A 4 -2.15 -0.68 9.96
N ARG A 5 -3.42 -0.76 9.53
CA ARG A 5 -3.85 -0.49 8.14
C ARG A 5 -3.43 0.92 7.69
N LEU A 6 -3.64 1.91 8.57
CA LEU A 6 -3.30 3.32 8.29
C LEU A 6 -1.76 3.48 8.26
N ASN A 7 -1.04 2.77 9.15
CA ASN A 7 0.44 2.77 9.18
C ASN A 7 1.02 2.24 7.85
N GLU A 8 0.65 1.00 7.50
CA GLU A 8 1.29 0.21 6.41
C GLU A 8 1.03 0.83 5.03
N VAL A 9 -0.17 1.39 4.83
CA VAL A 9 -0.47 2.14 3.60
C VAL A 9 0.41 3.41 3.52
N ILE A 10 0.56 4.14 4.64
CA ILE A 10 1.45 5.33 4.68
C ILE A 10 2.96 4.95 4.52
N GLU A 11 3.30 3.66 4.70
CA GLU A 11 4.68 3.17 4.48
C GLU A 11 5.07 3.11 2.98
N LEU A 12 4.22 2.48 2.13
CA LEU A 12 4.55 2.29 0.66
C LEU A 12 3.62 3.06 -0.32
N LEU A 13 2.54 3.63 0.18
CA LEU A 13 1.49 4.30 -0.64
C LEU A 13 1.49 5.82 -0.44
N GLN A 14 2.33 6.32 0.52
CA GLN A 14 2.31 7.74 0.96
C GLN A 14 2.22 8.74 -0.24
N PRO A 15 3.18 8.74 -1.25
CA PRO A 15 3.15 9.70 -2.38
C PRO A 15 1.94 9.45 -3.31
N ALA A 16 1.61 8.16 -3.54
CA ALA A 16 0.50 7.74 -4.41
C ALA A 16 -0.83 8.36 -3.94
N TRP A 17 -1.11 8.20 -2.62
CA TRP A 17 -2.29 8.81 -1.97
C TRP A 17 -2.22 10.34 -2.03
N GLN A 18 -1.01 10.90 -1.81
CA GLN A 18 -0.78 12.37 -1.81
C GLN A 18 -1.00 13.02 -3.19
N LYS A 19 -1.06 12.20 -4.26
CA LYS A 19 -1.40 12.71 -5.62
C LYS A 19 -2.88 13.16 -5.68
N GLU A 20 -3.74 12.49 -4.90
CA GLU A 20 -5.18 12.80 -4.85
C GLU A 20 -5.79 12.31 -3.49
N PRO A 21 -5.37 12.95 -2.34
CA PRO A 21 -5.74 12.48 -0.98
C PRO A 21 -7.17 12.89 -0.55
N ASP A 22 -7.95 13.45 -1.49
CA ASP A 22 -9.38 13.74 -1.29
C ASP A 22 -10.16 12.43 -1.09
N PHE A 23 -9.76 11.39 -1.83
CA PHE A 23 -10.27 10.04 -1.67
C PHE A 23 -9.91 9.50 -0.28
N ASN A 24 -10.88 8.83 0.37
CA ASN A 24 -10.69 8.21 1.70
C ASN A 24 -9.75 6.98 1.61
N LEU A 25 -9.61 6.23 2.72
CA LEU A 25 -8.72 5.06 2.78
C LEU A 25 -9.15 4.00 1.74
N LEU A 26 -10.40 3.52 1.87
CA LEU A 26 -10.97 2.51 0.95
C LEU A 26 -11.30 3.12 -0.44
N GLN A 27 -11.59 4.43 -0.50
CA GLN A 27 -11.90 5.12 -1.78
C GLN A 27 -10.66 5.23 -2.68
N PHE A 28 -9.48 5.47 -2.08
CA PHE A 28 -8.22 5.48 -2.84
C PHE A 28 -7.77 4.03 -3.12
N LEU A 29 -8.09 3.13 -2.18
CA LEU A 29 -7.82 1.68 -2.32
C LEU A 29 -8.54 1.10 -3.55
N GLN A 30 -9.79 1.56 -3.81
CA GLN A 30 -10.57 1.10 -4.98
C GLN A 30 -10.00 1.70 -6.27
N LYS A 31 -9.47 2.95 -6.20
CA LYS A 31 -8.80 3.62 -7.34
C LYS A 31 -7.65 2.74 -7.89
N LEU A 32 -6.72 2.41 -6.99
CA LEU A 32 -5.50 1.67 -7.35
C LEU A 32 -5.81 0.18 -7.63
N ALA A 33 -6.84 -0.36 -6.95
CA ALA A 33 -7.24 -1.78 -7.10
C ALA A 33 -7.82 -2.03 -8.49
N LYS A 34 -8.76 -1.16 -8.90
CA LYS A 34 -9.46 -1.27 -10.20
C LYS A 34 -8.51 -1.05 -11.39
N GLU A 35 -7.52 -0.13 -11.27
CA GLU A 35 -6.53 0.09 -12.35
C GLU A 35 -5.57 -1.13 -12.49
N SER A 36 -5.35 -1.84 -11.35
CA SER A 36 -4.54 -3.08 -11.31
C SER A 36 -5.34 -4.28 -11.85
N GLY A 37 -6.68 -4.22 -11.72
CA GLY A 37 -7.57 -5.28 -12.18
C GLY A 37 -7.94 -6.26 -11.09
N PHE A 38 -8.39 -5.70 -9.96
CA PHE A 38 -8.87 -6.48 -8.79
C PHE A 38 -10.28 -7.03 -9.09
N ASP A 39 -10.46 -8.36 -8.97
CA ASP A 39 -11.72 -9.04 -9.32
C ASP A 39 -12.83 -8.76 -8.31
N GLY A 40 -12.48 -8.85 -7.01
CA GLY A 40 -13.44 -8.60 -5.93
C GLY A 40 -13.72 -7.10 -5.74
N GLU A 41 -14.57 -6.79 -4.74
CA GLU A 41 -14.86 -5.40 -4.34
C GLU A 41 -13.83 -4.94 -3.29
N LEU A 42 -13.63 -3.62 -3.21
CA LEU A 42 -12.69 -2.97 -2.28
C LEU A 42 -12.95 -3.31 -0.79
N ALA A 43 -14.19 -3.69 -0.45
CA ALA A 43 -14.55 -4.15 0.92
C ALA A 43 -13.83 -5.48 1.26
N ASP A 44 -13.55 -6.27 0.21
CA ASP A 44 -12.84 -7.56 0.30
C ASP A 44 -11.31 -7.38 0.11
N LEU A 45 -10.87 -6.14 -0.21
CA LEU A 45 -9.48 -5.82 -0.58
C LEU A 45 -8.57 -6.00 0.63
N THR A 46 -7.66 -6.98 0.52
CA THR A 46 -6.75 -7.34 1.57
C THR A 46 -5.51 -6.44 1.56
N ASP A 47 -5.02 -6.12 2.76
CA ASP A 47 -3.85 -5.24 2.99
C ASP A 47 -2.58 -5.75 2.29
N ASP A 48 -2.42 -7.07 2.27
CA ASP A 48 -1.29 -7.78 1.63
C ASP A 48 -1.12 -7.35 0.14
N ILE A 49 -2.27 -7.14 -0.53
CA ILE A 49 -2.33 -6.67 -1.93
C ILE A 49 -1.80 -5.22 -2.04
N LEU A 50 -2.22 -4.35 -1.09
CA LEU A 50 -1.81 -2.93 -1.09
C LEU A 50 -0.29 -2.79 -0.95
N ILE A 51 0.27 -3.48 0.03
CA ILE A 51 1.71 -3.44 0.32
C ILE A 51 2.52 -3.83 -0.95
N TYR A 52 2.26 -5.03 -1.48
CA TYR A 52 2.93 -5.55 -2.71
C TYR A 52 2.82 -4.57 -3.92
N HIS A 53 1.57 -4.17 -4.26
CA HIS A 53 1.28 -3.36 -5.47
C HIS A 53 1.95 -1.99 -5.42
N LEU A 54 1.84 -1.33 -4.27
CA LEU A 54 2.32 0.05 -4.08
C LEU A 54 3.85 0.09 -4.00
N LYS A 55 4.47 -1.02 -3.54
CA LYS A 55 5.95 -1.15 -3.53
C LYS A 55 6.50 -1.24 -4.97
N MET A 56 5.78 -1.97 -5.85
CA MET A 56 6.16 -2.15 -7.27
C MET A 56 6.27 -0.78 -7.99
N ARG A 57 5.30 0.13 -7.72
CA ARG A 57 5.28 1.47 -8.34
C ARG A 57 6.16 2.46 -7.53
N ASP A 58 6.35 2.19 -6.23
CA ASP A 58 7.11 3.08 -5.32
C ASP A 58 8.59 3.12 -5.73
N SER A 59 9.12 1.94 -6.09
CA SER A 59 10.47 1.80 -6.64
C SER A 59 10.61 2.59 -7.97
N ALA A 60 9.60 2.43 -8.86
CA ALA A 60 9.52 3.10 -10.17
C ALA A 60 10.71 2.70 -11.09
N LYS A 61 11.84 3.40 -10.96
CA LYS A 61 13.12 3.07 -11.64
C LYS A 61 14.25 3.02 -10.59
N ASP A 62 15.44 2.60 -11.04
CA ASP A 62 16.62 2.38 -10.16
C ASP A 62 16.33 1.27 -9.11
N ALA A 63 15.38 0.41 -9.45
CA ALA A 63 14.92 -0.71 -8.60
C ALA A 63 15.96 -1.84 -8.62
N VAL A 64 16.73 -1.94 -7.53
CA VAL A 64 17.78 -2.94 -7.35
C VAL A 64 17.15 -4.24 -6.81
N ILE A 65 16.37 -4.89 -7.69
CA ILE A 65 15.71 -6.19 -7.42
C ILE A 65 16.78 -7.32 -7.34
N PRO A 66 16.45 -8.56 -6.79
CA PRO A 66 17.42 -9.71 -6.69
C PRO A 66 18.23 -9.95 -7.99
N GLY A 67 17.60 -9.67 -9.14
CA GLY A 67 18.25 -9.80 -10.46
C GLY A 67 18.52 -11.24 -10.84
N LEU A 68 17.80 -12.17 -10.19
CA LEU A 68 17.92 -13.62 -10.41
C LEU A 68 16.80 -14.11 -11.35
N GLN A 69 16.07 -13.15 -11.94
CA GLN A 69 15.08 -13.40 -12.99
C GLN A 69 15.81 -13.81 -14.28
N LYS A 70 15.39 -14.94 -14.85
CA LYS A 70 15.89 -15.46 -16.12
C LYS A 70 14.70 -15.97 -16.95
N ASP A 71 14.88 -16.00 -18.27
CA ASP A 71 13.92 -16.62 -19.19
C ASP A 71 13.86 -18.15 -18.96
N TYR A 72 12.66 -18.72 -19.11
CA TYR A 72 12.46 -20.17 -19.13
C TYR A 72 12.47 -20.64 -20.58
N GLU A 73 13.67 -20.90 -21.12
CA GLU A 73 13.85 -21.44 -22.48
C GLU A 73 13.40 -22.91 -22.50
N GLU A 74 12.11 -23.12 -22.85
CA GLU A 74 11.46 -24.44 -22.82
C GLU A 74 12.03 -25.36 -23.91
N ASP A 75 11.48 -25.28 -25.15
CA ASP A 75 11.87 -26.14 -26.29
C ASP A 75 11.90 -27.64 -25.90
N PHE A 76 11.01 -28.04 -24.98
CA PHE A 76 10.88 -29.43 -24.51
C PHE A 76 10.40 -30.34 -25.65
N LYS A 77 9.50 -29.78 -26.49
CA LYS A 77 8.98 -30.47 -27.68
C LYS A 77 10.07 -30.56 -28.76
N THR A 78 10.83 -29.45 -28.94
CA THR A 78 11.94 -29.39 -29.92
C THR A 78 13.02 -30.44 -29.58
N ALA A 79 13.29 -30.57 -28.27
CA ALA A 79 14.27 -31.51 -27.72
C ALA A 79 13.76 -32.96 -27.81
N LEU A 80 12.42 -33.12 -27.75
CA LEU A 80 11.73 -34.44 -27.83
C LEU A 80 11.85 -35.02 -29.26
N LEU A 81 11.49 -34.21 -30.28
CA LEU A 81 11.57 -34.62 -31.71
C LEU A 81 13.03 -34.70 -32.17
N ARG A 82 13.92 -33.94 -31.50
CA ARG A 82 15.37 -33.99 -31.75
C ARG A 82 15.95 -35.31 -31.20
N ALA A 83 15.42 -35.75 -30.05
CA ALA A 83 15.78 -37.04 -29.42
C ALA A 83 15.18 -38.21 -30.21
N ARG A 84 14.11 -37.94 -30.97
CA ARG A 84 13.50 -38.95 -31.87
C ARG A 84 14.35 -39.09 -33.15
N GLY A 85 15.34 -40.01 -33.09
CA GLY A 85 16.24 -40.27 -34.21
C GLY A 85 17.36 -41.23 -33.85
N VAL A 86 18.18 -41.57 -34.85
CA VAL A 86 19.32 -42.50 -34.70
C VAL A 86 20.48 -42.06 -35.63
N ILE A 87 21.72 -42.41 -35.26
CA ILE A 87 22.93 -42.17 -36.10
C ILE A 87 22.89 -43.05 -37.37
N LYS A 88 23.62 -42.63 -38.42
CA LYS A 88 23.56 -43.25 -39.76
C LYS A 88 24.96 -43.41 -40.37
N GLU A 89 25.52 -44.63 -40.27
CA GLU A 89 26.72 -45.05 -41.00
C GLU A 89 26.95 -46.56 -40.75
N MET A 1 0.19 0.72 17.38
CA MET A 1 0.14 -0.76 17.43
C MET A 1 -1.27 -1.29 17.07
N LYS A 2 -2.28 -0.38 16.98
CA LYS A 2 -3.66 -0.75 16.62
C LYS A 2 -3.90 -0.52 15.13
N CYS A 3 -3.64 0.71 14.69
CA CYS A 3 -3.88 1.17 13.32
C CYS A 3 -2.69 0.83 12.40
N LYS A 4 -2.16 -0.40 12.54
CA LYS A 4 -1.00 -0.90 11.77
C LYS A 4 -1.22 -0.74 10.25
N ARG A 5 -2.47 -1.02 9.81
CA ARG A 5 -2.86 -0.99 8.39
C ARG A 5 -2.78 0.45 7.83
N LEU A 6 -3.15 1.43 8.68
CA LEU A 6 -3.09 2.87 8.33
C LEU A 6 -1.61 3.32 8.20
N ASN A 7 -0.73 2.79 9.07
CA ASN A 7 0.72 3.08 9.03
C ASN A 7 1.36 2.53 7.73
N GLU A 8 1.13 1.23 7.45
CA GLU A 8 1.81 0.50 6.35
C GLU A 8 1.34 0.98 4.96
N VAL A 9 0.04 1.35 4.82
CA VAL A 9 -0.42 2.01 3.58
C VAL A 9 0.32 3.36 3.39
N ILE A 10 0.47 4.15 4.48
CA ILE A 10 1.25 5.41 4.42
C ILE A 10 2.78 5.14 4.20
N GLU A 11 3.26 3.91 4.43
CA GLU A 11 4.70 3.56 4.24
C GLU A 11 5.09 3.41 2.77
N LEU A 12 4.25 2.75 1.94
CA LEU A 12 4.56 2.55 0.47
C LEU A 12 3.65 3.38 -0.48
N LEU A 13 2.44 3.69 -0.01
CA LEU A 13 1.39 4.39 -0.81
C LEU A 13 1.41 5.91 -0.57
N GLN A 14 2.32 6.40 0.31
CA GLN A 14 2.41 7.84 0.70
C GLN A 14 2.32 8.77 -0.56
N PRO A 15 3.24 8.64 -1.61
CA PRO A 15 3.25 9.56 -2.77
C PRO A 15 1.94 9.43 -3.59
N ALA A 16 1.43 8.19 -3.69
CA ALA A 16 0.23 7.85 -4.48
C ALA A 16 -1.01 8.55 -3.89
N TRP A 17 -1.26 8.36 -2.58
CA TRP A 17 -2.39 8.98 -1.87
C TRP A 17 -2.20 10.51 -1.72
N GLN A 18 -0.95 11.01 -1.89
CA GLN A 18 -0.70 12.48 -1.96
C GLN A 18 -1.16 13.07 -3.31
N LYS A 19 -1.21 12.23 -4.36
CA LYS A 19 -1.72 12.65 -5.68
C LYS A 19 -3.25 12.90 -5.63
N GLU A 20 -3.97 12.17 -4.75
CA GLU A 20 -5.42 12.34 -4.58
C GLU A 20 -5.84 11.97 -3.12
N PRO A 21 -5.57 12.88 -2.12
CA PRO A 21 -5.95 12.64 -0.69
C PRO A 21 -7.42 13.00 -0.41
N ASP A 22 -8.13 13.44 -1.47
CA ASP A 22 -9.57 13.74 -1.44
C ASP A 22 -10.38 12.45 -1.24
N PHE A 23 -9.82 11.30 -1.67
CA PHE A 23 -10.43 9.98 -1.47
C PHE A 23 -10.14 9.46 -0.04
N ASN A 24 -11.09 8.65 0.46
CA ASN A 24 -10.98 7.94 1.75
C ASN A 24 -9.95 6.80 1.67
N LEU A 25 -9.78 6.06 2.79
CA LEU A 25 -8.86 4.91 2.86
C LEU A 25 -9.24 3.85 1.82
N LEU A 26 -10.48 3.34 1.93
CA LEU A 26 -11.01 2.32 1.00
C LEU A 26 -11.24 2.89 -0.42
N GLN A 27 -11.48 4.22 -0.53
CA GLN A 27 -11.83 4.86 -1.83
C GLN A 27 -10.61 5.05 -2.74
N PHE A 28 -9.46 5.47 -2.20
CA PHE A 28 -8.23 5.57 -3.00
C PHE A 28 -7.69 4.16 -3.29
N LEU A 29 -7.90 3.26 -2.34
CA LEU A 29 -7.50 1.86 -2.44
C LEU A 29 -8.23 1.17 -3.59
N GLN A 30 -9.53 1.48 -3.79
CA GLN A 30 -10.33 0.91 -4.88
C GLN A 30 -9.96 1.57 -6.22
N LYS A 31 -9.47 2.85 -6.20
CA LYS A 31 -8.98 3.51 -7.44
C LYS A 31 -7.83 2.68 -8.05
N LEU A 32 -6.78 2.46 -7.22
CA LEU A 32 -5.56 1.78 -7.67
C LEU A 32 -5.84 0.27 -7.90
N ALA A 33 -6.80 -0.30 -7.13
CA ALA A 33 -7.18 -1.72 -7.22
C ALA A 33 -7.84 -2.02 -8.58
N LYS A 34 -8.80 -1.18 -8.97
CA LYS A 34 -9.49 -1.27 -10.27
C LYS A 34 -8.52 -0.88 -11.45
N GLU A 35 -7.48 -0.06 -11.14
CA GLU A 35 -6.37 0.21 -12.10
C GLU A 35 -5.40 -1.01 -12.18
N SER A 36 -5.40 -1.86 -11.12
CA SER A 36 -4.64 -3.13 -11.09
C SER A 36 -5.50 -4.30 -11.65
N GLY A 37 -6.81 -4.04 -11.84
CA GLY A 37 -7.76 -5.05 -12.33
C GLY A 37 -8.11 -6.07 -11.25
N PHE A 38 -8.57 -5.55 -10.09
CA PHE A 38 -8.97 -6.37 -8.94
C PHE A 38 -10.36 -6.99 -9.19
N ASP A 39 -10.37 -8.32 -9.39
CA ASP A 39 -11.58 -9.12 -9.65
C ASP A 39 -12.33 -9.34 -8.31
N GLY A 40 -13.14 -8.34 -7.93
CA GLY A 40 -13.93 -8.38 -6.69
C GLY A 40 -14.36 -6.99 -6.26
N GLU A 41 -14.58 -6.83 -4.95
CA GLU A 41 -15.08 -5.58 -4.33
C GLU A 41 -14.06 -5.10 -3.27
N LEU A 42 -13.89 -3.76 -3.20
CA LEU A 42 -12.98 -3.10 -2.23
C LEU A 42 -13.33 -3.39 -0.75
N ALA A 43 -14.58 -3.80 -0.48
CA ALA A 43 -15.04 -4.20 0.87
C ALA A 43 -14.29 -5.45 1.37
N ASP A 44 -13.74 -6.23 0.43
CA ASP A 44 -13.00 -7.48 0.72
C ASP A 44 -11.48 -7.31 0.40
N LEU A 45 -11.10 -6.13 -0.15
CA LEU A 45 -9.72 -5.81 -0.58
C LEU A 45 -8.72 -5.99 0.59
N THR A 46 -7.87 -7.04 0.51
CA THR A 46 -6.89 -7.34 1.55
C THR A 46 -5.69 -6.37 1.47
N ASP A 47 -5.21 -5.91 2.64
CA ASP A 47 -4.13 -4.91 2.76
C ASP A 47 -2.83 -5.45 2.14
N ASP A 48 -2.68 -6.79 2.12
CA ASP A 48 -1.51 -7.46 1.50
C ASP A 48 -1.33 -7.02 0.03
N ILE A 49 -2.47 -6.85 -0.68
CA ILE A 49 -2.50 -6.40 -2.10
C ILE A 49 -1.92 -4.98 -2.23
N LEU A 50 -2.33 -4.08 -1.32
CA LEU A 50 -1.95 -2.66 -1.37
C LEU A 50 -0.46 -2.50 -1.06
N ILE A 51 -0.01 -3.16 0.02
CA ILE A 51 1.38 -3.11 0.45
C ILE A 51 2.30 -3.68 -0.65
N TYR A 52 1.88 -4.78 -1.28
CA TYR A 52 2.64 -5.44 -2.36
C TYR A 52 2.74 -4.52 -3.60
N HIS A 53 1.58 -4.07 -4.11
CA HIS A 53 1.46 -3.35 -5.41
C HIS A 53 2.15 -1.98 -5.36
N LEU A 54 2.00 -1.28 -4.23
CA LEU A 54 2.60 0.04 -4.02
C LEU A 54 4.09 -0.10 -3.68
N LYS A 55 4.52 -1.26 -3.14
CA LYS A 55 5.96 -1.57 -2.99
C LYS A 55 6.64 -1.90 -4.35
N MET A 56 5.85 -2.36 -5.34
CA MET A 56 6.38 -2.64 -6.71
C MET A 56 6.94 -1.35 -7.35
N ARG A 57 6.21 -0.23 -7.15
CA ARG A 57 6.62 1.10 -7.64
C ARG A 57 7.60 1.79 -6.67
N ASP A 58 7.36 1.61 -5.34
CA ASP A 58 8.10 2.32 -4.27
C ASP A 58 9.35 1.51 -3.83
N SER A 59 9.69 0.47 -4.63
CA SER A 59 10.89 -0.39 -4.45
C SER A 59 12.20 0.40 -4.58
N ALA A 60 12.11 1.60 -5.20
CA ALA A 60 13.23 2.55 -5.38
C ALA A 60 13.83 2.99 -4.02
N LYS A 61 13.04 2.88 -2.93
CA LYS A 61 13.48 3.18 -1.57
C LYS A 61 14.03 1.89 -0.93
N ASP A 62 15.11 2.00 -0.14
CA ASP A 62 15.73 0.87 0.59
C ASP A 62 15.19 0.85 2.04
N ALA A 63 15.31 -0.31 2.71
CA ALA A 63 14.95 -0.45 4.13
C ALA A 63 16.09 0.09 5.01
N VAL A 64 15.98 1.38 5.39
CA VAL A 64 16.91 2.04 6.33
C VAL A 64 16.72 1.46 7.76
N ILE A 65 15.48 1.01 8.05
CA ILE A 65 15.14 0.32 9.30
C ILE A 65 15.79 -1.08 9.36
N PRO A 66 16.12 -1.61 10.58
CA PRO A 66 16.65 -3.00 10.73
C PRO A 66 15.56 -4.09 10.48
N GLY A 67 15.99 -5.36 10.55
CA GLY A 67 15.08 -6.52 10.43
C GLY A 67 14.70 -7.09 11.78
N LEU A 68 14.43 -8.41 11.82
CA LEU A 68 14.08 -9.13 13.07
C LEU A 68 15.33 -9.77 13.69
N GLN A 69 15.20 -10.21 14.95
CA GLN A 69 16.23 -10.99 15.66
C GLN A 69 15.56 -12.24 16.27
N LYS A 70 14.66 -12.00 17.25
CA LYS A 70 13.93 -13.07 17.97
C LYS A 70 12.43 -12.99 17.66
N ASP A 71 11.76 -14.17 17.70
CA ASP A 71 10.32 -14.31 17.48
C ASP A 71 9.88 -15.73 17.86
N TYR A 72 8.84 -15.83 18.72
CA TYR A 72 8.35 -17.09 19.32
C TYR A 72 9.50 -17.82 20.07
N GLU A 73 9.83 -17.29 21.26
CA GLU A 73 10.94 -17.79 22.11
C GLU A 73 10.83 -17.10 23.48
N GLU A 74 11.29 -17.81 24.55
CA GLU A 74 11.20 -17.36 25.97
C GLU A 74 9.73 -17.41 26.45
N ASP A 75 8.92 -18.26 25.80
CA ASP A 75 7.51 -18.50 26.17
C ASP A 75 7.45 -19.61 27.23
N PHE A 76 8.05 -19.30 28.41
CA PHE A 76 8.04 -20.18 29.58
C PHE A 76 6.64 -20.25 30.19
N LYS A 77 5.83 -19.20 29.92
CA LYS A 77 4.41 -19.13 30.29
C LYS A 77 3.62 -20.26 29.59
N THR A 78 3.86 -20.41 28.27
CA THR A 78 3.27 -21.49 27.45
C THR A 78 3.77 -22.86 27.96
N ALA A 79 5.08 -22.92 28.23
CA ALA A 79 5.77 -24.11 28.73
C ALA A 79 5.30 -24.49 30.14
N LEU A 80 4.84 -23.48 30.93
CA LEU A 80 4.42 -23.66 32.34
C LEU A 80 3.09 -24.44 32.37
N LEU A 81 2.07 -23.87 31.72
CA LEU A 81 0.71 -24.42 31.71
C LEU A 81 0.66 -25.79 30.99
N ARG A 82 1.53 -25.95 29.98
CA ARG A 82 1.60 -27.17 29.15
C ARG A 82 2.39 -28.28 29.90
N ALA A 83 3.30 -27.86 30.82
CA ALA A 83 4.10 -28.78 31.65
C ALA A 83 3.21 -29.56 32.64
N ARG A 84 2.31 -28.85 33.32
CA ARG A 84 1.43 -29.43 34.36
C ARG A 84 0.32 -30.28 33.71
N GLY A 85 -0.42 -29.66 32.78
CA GLY A 85 -1.55 -30.29 32.11
C GLY A 85 -2.65 -29.30 31.83
N VAL A 86 -3.91 -29.67 32.17
CA VAL A 86 -5.13 -28.83 31.98
C VAL A 86 -5.37 -28.48 30.46
N ILE A 87 -4.65 -29.19 29.56
CA ILE A 87 -4.71 -28.92 28.11
C ILE A 87 -6.05 -29.45 27.55
N LYS A 88 -7.04 -28.53 27.50
CA LYS A 88 -8.38 -28.82 27.02
C LYS A 88 -8.42 -28.81 25.48
N GLU A 89 -8.40 -30.02 24.91
CA GLU A 89 -8.46 -30.26 23.47
C GLU A 89 -9.90 -30.66 23.07
N MET A 1 -0.93 5.55 17.25
CA MET A 1 -0.65 4.10 17.23
C MET A 1 -1.94 3.31 17.53
N LYS A 2 -2.81 3.24 16.51
CA LYS A 2 -4.10 2.52 16.56
C LYS A 2 -4.42 1.98 15.15
N CYS A 3 -4.44 2.90 14.17
CA CYS A 3 -4.76 2.59 12.78
C CYS A 3 -3.49 2.06 12.08
N LYS A 4 -3.18 0.78 12.33
CA LYS A 4 -1.96 0.12 11.82
C LYS A 4 -2.03 -0.09 10.30
N ARG A 5 -3.27 -0.25 9.77
CA ARG A 5 -3.53 -0.33 8.31
C ARG A 5 -3.22 1.01 7.63
N LEU A 6 -3.49 2.12 8.35
CA LEU A 6 -3.19 3.48 7.89
C LEU A 6 -1.66 3.67 7.82
N ASN A 7 -0.95 3.09 8.79
CA ASN A 7 0.53 3.21 8.89
C ASN A 7 1.24 2.51 7.73
N GLU A 8 0.88 1.23 7.50
CA GLU A 8 1.53 0.39 6.45
C GLU A 8 1.25 0.94 5.04
N VAL A 9 0.04 1.47 4.80
CA VAL A 9 -0.26 2.14 3.52
C VAL A 9 0.56 3.45 3.41
N ILE A 10 0.67 4.25 4.49
CA ILE A 10 1.52 5.47 4.50
C ILE A 10 3.05 5.10 4.48
N GLU A 11 3.40 3.81 4.56
CA GLU A 11 4.80 3.36 4.31
C GLU A 11 5.12 3.30 2.80
N LEU A 12 4.35 2.48 2.03
CA LEU A 12 4.68 2.22 0.57
C LEU A 12 3.73 2.91 -0.43
N LEU A 13 2.70 3.56 0.08
CA LEU A 13 1.67 4.25 -0.71
C LEU A 13 1.69 5.76 -0.40
N GLN A 14 2.66 6.18 0.48
CA GLN A 14 2.78 7.57 0.99
C GLN A 14 2.64 8.60 -0.18
N PRO A 15 3.52 8.57 -1.27
CA PRO A 15 3.46 9.57 -2.36
C PRO A 15 2.18 9.39 -3.21
N ALA A 16 1.85 8.11 -3.51
CA ALA A 16 0.71 7.72 -4.35
C ALA A 16 -0.62 8.35 -3.87
N TRP A 17 -0.93 8.20 -2.57
CA TRP A 17 -2.14 8.78 -1.96
C TRP A 17 -2.02 10.30 -1.81
N GLN A 18 -0.80 10.83 -1.63
CA GLN A 18 -0.58 12.30 -1.57
C GLN A 18 -0.97 13.00 -2.89
N LYS A 19 -0.96 12.25 -4.00
CA LYS A 19 -1.36 12.78 -5.32
C LYS A 19 -2.88 13.09 -5.37
N GLU A 20 -3.68 12.30 -4.63
CA GLU A 20 -5.15 12.50 -4.52
C GLU A 20 -5.68 11.94 -3.17
N PRO A 21 -5.39 12.64 -2.01
CA PRO A 21 -5.89 12.24 -0.67
C PRO A 21 -7.35 12.68 -0.43
N ASP A 22 -7.93 13.33 -1.45
CA ASP A 22 -9.37 13.65 -1.53
C ASP A 22 -10.23 12.39 -1.36
N PHE A 23 -9.76 11.28 -1.95
CA PHE A 23 -10.37 9.96 -1.81
C PHE A 23 -10.08 9.39 -0.41
N ASN A 24 -11.08 8.70 0.17
CA ASN A 24 -10.97 8.05 1.49
C ASN A 24 -9.91 6.91 1.47
N LEU A 25 -9.75 6.23 2.62
CA LEU A 25 -8.86 5.07 2.75
C LEU A 25 -9.30 3.99 1.73
N LEU A 26 -10.57 3.55 1.82
CA LEU A 26 -11.13 2.54 0.90
C LEU A 26 -11.43 3.12 -0.52
N GLN A 27 -11.68 4.45 -0.64
CA GLN A 27 -12.02 5.07 -1.95
C GLN A 27 -10.79 5.21 -2.87
N PHE A 28 -9.62 5.49 -2.28
CA PHE A 28 -8.36 5.53 -3.05
C PHE A 28 -7.89 4.10 -3.36
N LEU A 29 -8.02 3.25 -2.35
CA LEU A 29 -7.67 1.82 -2.45
C LEU A 29 -8.50 1.12 -3.53
N GLN A 30 -9.81 1.45 -3.62
CA GLN A 30 -10.70 0.88 -4.62
C GLN A 30 -10.38 1.43 -6.00
N LYS A 31 -9.93 2.71 -6.09
CA LYS A 31 -9.49 3.29 -7.37
C LYS A 31 -8.29 2.51 -7.91
N LEU A 32 -7.19 2.45 -7.14
CA LEU A 32 -5.95 1.80 -7.60
C LEU A 32 -6.19 0.30 -7.87
N ALA A 33 -7.13 -0.32 -7.10
CA ALA A 33 -7.50 -1.74 -7.24
C ALA A 33 -8.23 -1.98 -8.58
N LYS A 34 -9.34 -1.26 -8.80
CA LYS A 34 -10.17 -1.38 -10.02
C LYS A 34 -9.36 -1.08 -11.29
N GLU A 35 -8.51 -0.04 -11.24
CA GLU A 35 -7.67 0.38 -12.37
C GLU A 35 -6.54 -0.65 -12.65
N SER A 36 -6.18 -1.45 -11.63
CA SER A 36 -5.23 -2.58 -11.76
C SER A 36 -5.93 -3.84 -12.31
N GLY A 37 -7.26 -3.95 -12.09
CA GLY A 37 -8.05 -5.09 -12.56
C GLY A 37 -8.42 -6.07 -11.45
N PHE A 38 -8.56 -5.56 -10.21
CA PHE A 38 -9.00 -6.36 -9.04
C PHE A 38 -10.46 -6.79 -9.23
N ASP A 39 -10.67 -8.12 -9.29
CA ASP A 39 -11.95 -8.73 -9.70
C ASP A 39 -12.98 -8.75 -8.57
N GLY A 40 -12.49 -8.77 -7.30
CA GLY A 40 -13.36 -8.76 -6.12
C GLY A 40 -13.82 -7.35 -5.75
N GLU A 41 -14.52 -7.22 -4.61
CA GLU A 41 -14.97 -5.91 -4.08
C GLU A 41 -13.90 -5.35 -3.14
N LEU A 42 -13.87 -4.02 -3.00
CA LEU A 42 -12.90 -3.30 -2.16
C LEU A 42 -13.06 -3.60 -0.65
N ALA A 43 -14.27 -4.03 -0.24
CA ALA A 43 -14.52 -4.51 1.15
C ALA A 43 -13.75 -5.83 1.43
N ASP A 44 -13.40 -6.54 0.34
CA ASP A 44 -12.65 -7.80 0.38
C ASP A 44 -11.14 -7.56 0.07
N LEU A 45 -10.81 -6.32 -0.40
CA LEU A 45 -9.44 -5.92 -0.79
C LEU A 45 -8.47 -6.03 0.41
N THR A 46 -7.61 -7.07 0.39
CA THR A 46 -6.67 -7.36 1.47
C THR A 46 -5.45 -6.42 1.43
N ASP A 47 -4.96 -6.03 2.63
CA ASP A 47 -3.77 -5.18 2.80
C ASP A 47 -2.53 -5.76 2.09
N ASP A 48 -2.48 -7.11 1.99
CA ASP A 48 -1.43 -7.84 1.25
C ASP A 48 -1.25 -7.27 -0.18
N ILE A 49 -2.39 -7.09 -0.87
CA ILE A 49 -2.42 -6.57 -2.26
C ILE A 49 -1.82 -5.15 -2.30
N LEU A 50 -2.31 -4.27 -1.39
CA LEU A 50 -1.92 -2.85 -1.37
C LEU A 50 -0.41 -2.69 -1.14
N ILE A 51 0.12 -3.40 -0.13
CA ILE A 51 1.52 -3.30 0.25
C ILE A 51 2.42 -3.68 -0.94
N TYR A 52 2.35 -4.94 -1.41
CA TYR A 52 3.21 -5.44 -2.52
C TYR A 52 3.09 -4.58 -3.80
N HIS A 53 1.85 -4.22 -4.17
CA HIS A 53 1.53 -3.50 -5.42
C HIS A 53 2.18 -2.10 -5.42
N LEU A 54 2.05 -1.42 -4.28
CA LEU A 54 2.56 -0.05 -4.08
C LEU A 54 4.08 -0.07 -3.78
N LYS A 55 4.57 -1.19 -3.25
CA LYS A 55 5.96 -1.34 -2.77
C LYS A 55 6.94 -1.49 -3.94
N MET A 56 6.46 -2.11 -5.03
CA MET A 56 7.25 -2.30 -6.27
C MET A 56 7.63 -0.94 -6.90
N ARG A 57 6.63 -0.01 -6.96
CA ARG A 57 6.87 1.36 -7.48
C ARG A 57 7.56 2.25 -6.42
N ASP A 58 7.27 2.02 -5.12
CA ASP A 58 7.82 2.84 -4.00
C ASP A 58 9.28 2.45 -3.67
N SER A 59 9.74 1.32 -4.26
CA SER A 59 11.12 0.82 -4.13
C SER A 59 12.14 1.78 -4.79
N ALA A 60 11.64 2.82 -5.50
CA ALA A 60 12.48 3.91 -6.06
C ALA A 60 13.23 4.64 -4.93
N LYS A 61 14.44 4.11 -4.62
CA LYS A 61 15.29 4.53 -3.48
C LYS A 61 14.63 4.19 -2.11
N ASP A 62 15.39 4.48 -1.02
CA ASP A 62 14.95 4.29 0.38
C ASP A 62 14.83 2.80 0.77
N ALA A 63 13.79 2.13 0.27
CA ALA A 63 13.52 0.70 0.53
C ALA A 63 14.55 -0.20 -0.17
N VAL A 64 15.53 -0.71 0.61
CA VAL A 64 16.62 -1.57 0.11
C VAL A 64 16.12 -3.01 0.00
N ILE A 65 15.42 -3.27 -1.09
CA ILE A 65 14.99 -4.61 -1.54
C ILE A 65 15.58 -4.87 -2.96
N PRO A 66 15.67 -6.16 -3.44
CA PRO A 66 16.09 -6.46 -4.84
C PRO A 66 15.12 -5.85 -5.89
N GLY A 67 15.56 -5.82 -7.15
CA GLY A 67 14.78 -5.23 -8.26
C GLY A 67 13.58 -6.09 -8.63
N LEU A 68 12.54 -6.03 -7.79
CA LEU A 68 11.30 -6.80 -7.96
C LEU A 68 10.17 -5.88 -8.42
N GLN A 69 9.39 -6.37 -9.37
CA GLN A 69 8.25 -5.66 -9.96
C GLN A 69 7.34 -6.69 -10.64
N LYS A 70 6.29 -6.22 -11.32
CA LYS A 70 5.34 -7.07 -12.06
C LYS A 70 4.60 -6.24 -13.13
N ASP A 71 4.21 -6.90 -14.24
CA ASP A 71 3.49 -6.26 -15.37
C ASP A 71 2.18 -5.60 -14.88
N TYR A 72 2.23 -4.27 -14.70
CA TYR A 72 1.07 -3.47 -14.29
C TYR A 72 1.05 -2.13 -15.03
N GLU A 73 -0.07 -1.44 -14.87
CA GLU A 73 -0.35 -0.15 -15.47
C GLU A 73 -1.30 0.61 -14.52
N GLU A 74 -1.22 1.95 -14.54
CA GLU A 74 -2.17 2.81 -13.81
C GLU A 74 -3.59 2.50 -14.33
N ASP A 75 -3.76 2.69 -15.64
CA ASP A 75 -4.96 2.28 -16.39
C ASP A 75 -4.66 2.42 -17.89
N PHE A 76 -4.97 1.37 -18.67
CA PHE A 76 -4.67 1.32 -20.12
C PHE A 76 -5.38 2.45 -20.87
N LYS A 77 -6.62 2.75 -20.45
CA LYS A 77 -7.46 3.79 -21.06
C LYS A 77 -6.88 5.18 -20.77
N THR A 78 -6.68 5.48 -19.45
CA THR A 78 -6.16 6.79 -18.99
C THR A 78 -4.79 7.09 -19.61
N ALA A 79 -3.91 6.08 -19.62
CA ALA A 79 -2.55 6.18 -20.18
C ALA A 79 -2.59 6.53 -21.69
N LEU A 80 -3.51 5.86 -22.41
CA LEU A 80 -3.66 6.02 -23.88
C LEU A 80 -4.20 7.42 -24.23
N LEU A 81 -5.27 7.86 -23.55
CA LEU A 81 -5.97 9.14 -23.87
C LEU A 81 -5.17 10.36 -23.41
N ARG A 82 -4.27 10.16 -22.43
CA ARG A 82 -3.44 11.24 -21.87
C ARG A 82 -2.13 11.40 -22.67
N ALA A 83 -1.63 10.27 -23.22
CA ALA A 83 -0.44 10.27 -24.09
C ALA A 83 -0.83 10.65 -25.54
N ARG A 84 -1.51 9.71 -26.22
CA ARG A 84 -1.93 9.82 -27.64
C ARG A 84 -0.73 10.07 -28.58
N GLY A 85 -0.26 11.33 -28.66
CA GLY A 85 0.82 11.74 -29.56
C GLY A 85 0.30 12.56 -30.74
N VAL A 86 1.10 13.51 -31.22
CA VAL A 86 0.73 14.41 -32.34
C VAL A 86 0.83 13.66 -33.69
N ILE A 87 -0.16 13.88 -34.57
CA ILE A 87 -0.12 13.38 -35.95
C ILE A 87 0.28 14.56 -36.85
N LYS A 88 1.58 14.58 -37.25
CA LYS A 88 2.18 15.66 -38.06
C LYS A 88 2.10 17.05 -37.34
N GLU A 89 2.37 18.14 -38.07
CA GLU A 89 2.24 19.51 -37.54
C GLU A 89 1.50 20.41 -38.57
N MET A 1 -7.12 2.11 17.96
CA MET A 1 -6.29 1.14 18.69
C MET A 1 -5.72 0.11 17.69
N LYS A 2 -4.45 0.33 17.28
CA LYS A 2 -3.70 -0.54 16.35
C LYS A 2 -4.43 -0.68 14.99
N CYS A 3 -4.17 0.27 14.08
CA CYS A 3 -4.73 0.26 12.72
C CYS A 3 -3.60 -0.03 11.71
N LYS A 4 -3.30 -1.33 11.50
CA LYS A 4 -2.18 -1.76 10.63
C LYS A 4 -2.35 -1.22 9.21
N ARG A 5 -3.55 -1.44 8.64
CA ARG A 5 -3.85 -1.19 7.20
C ARG A 5 -3.57 0.28 6.84
N LEU A 6 -3.94 1.17 7.76
CA LEU A 6 -3.76 2.63 7.61
C LEU A 6 -2.26 2.98 7.68
N ASN A 7 -1.51 2.34 8.60
CA ASN A 7 -0.07 2.62 8.80
C ASN A 7 0.76 2.12 7.58
N GLU A 8 0.48 0.89 7.15
CA GLU A 8 1.30 0.17 6.16
C GLU A 8 1.10 0.73 4.74
N VAL A 9 -0.13 1.21 4.45
CA VAL A 9 -0.37 1.98 3.22
C VAL A 9 0.39 3.32 3.28
N ILE A 10 0.42 4.01 4.44
CA ILE A 10 1.22 5.24 4.64
C ILE A 10 2.76 4.92 4.71
N GLU A 11 3.14 3.63 4.69
CA GLU A 11 4.56 3.25 4.52
C GLU A 11 4.98 3.40 3.03
N LEU A 12 4.27 2.69 2.11
CA LEU A 12 4.65 2.68 0.64
C LEU A 12 3.76 3.63 -0.20
N LEU A 13 2.45 3.56 -0.01
CA LEU A 13 1.44 4.33 -0.78
C LEU A 13 1.44 5.83 -0.38
N GLN A 14 2.24 6.18 0.66
CA GLN A 14 2.36 7.56 1.22
C GLN A 14 2.33 8.65 0.09
N PRO A 15 3.28 8.65 -0.94
CA PRO A 15 3.27 9.69 -2.00
C PRO A 15 2.06 9.54 -2.94
N ALA A 16 1.69 8.28 -3.24
CA ALA A 16 0.63 7.94 -4.21
C ALA A 16 -0.72 8.55 -3.78
N TRP A 17 -1.10 8.32 -2.51
CA TRP A 17 -2.35 8.88 -1.94
C TRP A 17 -2.24 10.41 -1.81
N GLN A 18 -1.03 10.92 -1.51
CA GLN A 18 -0.80 12.38 -1.38
C GLN A 18 -0.80 13.10 -2.73
N LYS A 19 -0.89 12.34 -3.84
CA LYS A 19 -1.15 12.94 -5.17
C LYS A 19 -2.61 13.48 -5.25
N GLU A 20 -3.54 12.80 -4.54
CA GLU A 20 -4.94 13.23 -4.43
C GLU A 20 -5.61 12.53 -3.21
N PRO A 21 -5.44 13.13 -1.96
CA PRO A 21 -6.02 12.56 -0.71
C PRO A 21 -7.50 12.96 -0.51
N ASP A 22 -8.12 13.49 -1.59
CA ASP A 22 -9.55 13.82 -1.65
C ASP A 22 -10.41 12.55 -1.64
N PHE A 23 -9.80 11.41 -2.02
CA PHE A 23 -10.37 10.07 -1.82
C PHE A 23 -10.06 9.58 -0.39
N ASN A 24 -10.97 8.75 0.16
CA ASN A 24 -10.80 8.12 1.51
C ASN A 24 -9.81 6.93 1.42
N LEU A 25 -9.69 6.17 2.54
CA LEU A 25 -8.75 5.02 2.64
C LEU A 25 -9.10 3.96 1.58
N LEU A 26 -10.31 3.40 1.66
CA LEU A 26 -10.77 2.36 0.71
C LEU A 26 -11.09 2.96 -0.67
N GLN A 27 -11.40 4.27 -0.73
CA GLN A 27 -11.76 4.95 -1.99
C GLN A 27 -10.55 5.11 -2.93
N PHE A 28 -9.39 5.54 -2.39
CA PHE A 28 -8.16 5.63 -3.20
C PHE A 28 -7.62 4.22 -3.49
N LEU A 29 -7.79 3.33 -2.51
CA LEU A 29 -7.37 1.92 -2.60
C LEU A 29 -8.11 1.19 -3.72
N GLN A 30 -9.42 1.48 -3.89
CA GLN A 30 -10.24 0.85 -4.94
C GLN A 30 -9.95 1.47 -6.30
N LYS A 31 -9.50 2.75 -6.32
CA LYS A 31 -9.04 3.39 -7.57
C LYS A 31 -7.88 2.59 -8.16
N LEU A 32 -6.82 2.43 -7.37
CA LEU A 32 -5.58 1.77 -7.83
C LEU A 32 -5.83 0.26 -8.07
N ALA A 33 -6.64 -0.37 -7.19
CA ALA A 33 -6.87 -1.84 -7.19
C ALA A 33 -7.72 -2.29 -8.39
N LYS A 34 -8.82 -1.58 -8.66
CA LYS A 34 -9.74 -1.92 -9.77
C LYS A 34 -9.09 -1.62 -11.13
N GLU A 35 -8.16 -0.62 -11.17
CA GLU A 35 -7.33 -0.36 -12.36
C GLU A 35 -6.22 -1.44 -12.50
N SER A 36 -5.82 -2.04 -11.37
CA SER A 36 -4.87 -3.19 -11.36
C SER A 36 -5.58 -4.50 -11.78
N GLY A 37 -6.91 -4.53 -11.61
CA GLY A 37 -7.73 -5.70 -11.98
C GLY A 37 -8.05 -6.59 -10.79
N PHE A 38 -8.39 -5.96 -9.65
CA PHE A 38 -8.85 -6.67 -8.43
C PHE A 38 -10.34 -7.04 -8.60
N ASP A 39 -10.61 -8.33 -8.76
CA ASP A 39 -11.97 -8.84 -8.99
C ASP A 39 -12.65 -9.14 -7.66
N GLY A 40 -13.33 -8.12 -7.12
CA GLY A 40 -14.12 -8.24 -5.88
C GLY A 40 -14.33 -6.89 -5.23
N GLU A 41 -15.09 -6.87 -4.12
CA GLU A 41 -15.45 -5.62 -3.42
C GLU A 41 -14.23 -5.09 -2.64
N LEU A 42 -14.10 -3.76 -2.62
CA LEU A 42 -13.01 -3.05 -1.92
C LEU A 42 -13.14 -3.15 -0.38
N ALA A 43 -14.33 -3.49 0.11
CA ALA A 43 -14.56 -3.80 1.55
C ALA A 43 -13.78 -5.07 1.96
N ASP A 44 -13.55 -5.96 0.99
CA ASP A 44 -12.85 -7.25 1.18
C ASP A 44 -11.38 -7.14 0.66
N LEU A 45 -11.00 -5.94 0.14
CA LEU A 45 -9.63 -5.66 -0.36
C LEU A 45 -8.60 -5.82 0.77
N THR A 46 -7.70 -6.82 0.64
CA THR A 46 -6.68 -7.11 1.65
C THR A 46 -5.46 -6.19 1.48
N ASP A 47 -4.94 -5.70 2.63
CA ASP A 47 -3.77 -4.79 2.69
C ASP A 47 -2.53 -5.38 1.98
N ASP A 48 -2.43 -6.72 1.96
CA ASP A 48 -1.31 -7.46 1.31
C ASP A 48 -1.14 -7.05 -0.18
N ILE A 49 -2.29 -6.85 -0.86
CA ILE A 49 -2.32 -6.46 -2.27
C ILE A 49 -1.70 -5.05 -2.46
N LEU A 50 -2.18 -4.10 -1.64
CA LEU A 50 -1.80 -2.67 -1.75
C LEU A 50 -0.30 -2.49 -1.47
N ILE A 51 0.16 -3.15 -0.40
CA ILE A 51 1.55 -3.03 0.07
C ILE A 51 2.51 -3.51 -1.01
N TYR A 52 2.32 -4.74 -1.48
CA TYR A 52 3.14 -5.33 -2.55
C TYR A 52 3.09 -4.47 -3.86
N HIS A 53 1.87 -4.02 -4.21
CA HIS A 53 1.60 -3.27 -5.46
C HIS A 53 2.34 -1.93 -5.49
N LEU A 54 2.29 -1.20 -4.37
CA LEU A 54 2.88 0.12 -4.26
C LEU A 54 4.40 0.02 -4.04
N LYS A 55 4.86 -1.05 -3.38
CA LYS A 55 6.31 -1.29 -3.21
C LYS A 55 7.02 -1.43 -4.57
N MET A 56 6.29 -1.95 -5.59
CA MET A 56 6.78 -2.01 -6.98
C MET A 56 7.23 -0.62 -7.50
N ARG A 57 6.44 0.45 -7.27
CA ARG A 57 6.80 1.82 -7.72
C ARG A 57 7.83 2.48 -6.76
N ASP A 58 7.74 2.14 -5.45
CA ASP A 58 8.65 2.69 -4.40
C ASP A 58 10.04 2.01 -4.42
N SER A 59 10.16 0.88 -5.15
CA SER A 59 11.44 0.16 -5.35
C SER A 59 12.14 0.64 -6.64
N ALA A 60 11.81 1.89 -7.07
CA ALA A 60 12.35 2.54 -8.30
C ALA A 60 13.88 2.38 -8.45
N LYS A 61 14.33 2.34 -9.71
CA LYS A 61 15.68 1.87 -10.11
C LYS A 61 16.81 2.64 -9.40
N ASP A 62 16.77 3.99 -9.48
CA ASP A 62 17.69 4.87 -8.77
C ASP A 62 17.06 5.28 -7.42
N ALA A 63 17.61 4.73 -6.32
CA ALA A 63 17.14 4.98 -4.95
C ALA A 63 18.20 4.48 -3.94
N VAL A 64 18.48 5.29 -2.90
CA VAL A 64 19.51 4.99 -1.88
C VAL A 64 18.95 4.11 -0.73
N ILE A 65 17.61 3.85 -0.77
CA ILE A 65 16.90 2.99 0.21
C ILE A 65 17.53 1.55 0.26
N PRO A 66 17.59 0.92 1.47
CA PRO A 66 18.06 -0.49 1.61
C PRO A 66 16.96 -1.50 1.23
N GLY A 67 17.28 -2.80 1.36
CA GLY A 67 16.32 -3.88 1.08
C GLY A 67 15.29 -4.10 2.20
N LEU A 68 15.35 -3.25 3.26
CA LEU A 68 14.46 -3.28 4.44
C LEU A 68 14.70 -4.55 5.29
N GLN A 69 13.92 -4.67 6.39
CA GLN A 69 14.00 -5.79 7.34
C GLN A 69 15.40 -5.79 7.99
N LYS A 70 15.56 -4.93 9.01
CA LYS A 70 16.82 -4.77 9.75
C LYS A 70 17.10 -6.01 10.63
N ASP A 71 16.23 -6.21 11.66
CA ASP A 71 16.29 -7.35 12.61
C ASP A 71 17.58 -7.33 13.48
N TYR A 72 17.54 -8.07 14.63
CA TYR A 72 18.65 -8.20 15.57
C TYR A 72 18.99 -6.83 16.21
N GLU A 73 18.38 -6.57 17.38
CA GLU A 73 18.53 -5.30 18.12
C GLU A 73 19.79 -5.33 19.02
N GLU A 74 20.91 -5.77 18.41
CA GLU A 74 22.24 -5.90 19.02
C GLU A 74 22.21 -6.81 20.29
N ASP A 75 21.87 -6.21 21.44
CA ASP A 75 21.94 -6.90 22.74
C ASP A 75 20.87 -6.34 23.70
N PHE A 76 19.81 -5.72 23.13
CA PHE A 76 18.64 -5.19 23.88
C PHE A 76 17.96 -6.32 24.67
N LYS A 77 18.11 -7.58 24.19
CA LYS A 77 17.57 -8.80 24.85
C LYS A 77 18.01 -8.89 26.33
N THR A 78 19.27 -8.51 26.58
CA THR A 78 19.86 -8.44 27.93
C THR A 78 19.14 -7.37 28.77
N ALA A 79 19.01 -6.15 28.19
CA ALA A 79 18.30 -5.01 28.83
C ALA A 79 16.79 -5.33 29.05
N LEU A 80 16.26 -6.24 28.22
CA LEU A 80 14.84 -6.63 28.20
C LEU A 80 14.53 -7.56 29.40
N LEU A 81 15.39 -8.57 29.61
CA LEU A 81 15.25 -9.51 30.75
C LEU A 81 15.69 -8.86 32.07
N ARG A 82 16.59 -7.85 31.96
CA ARG A 82 17.14 -7.11 33.12
C ARG A 82 16.21 -5.94 33.51
N ALA A 83 15.27 -5.60 32.60
CA ALA A 83 14.14 -4.70 32.91
C ALA A 83 13.20 -5.38 33.92
N ARG A 84 13.16 -6.72 33.85
CA ARG A 84 12.42 -7.57 34.80
C ARG A 84 13.29 -7.86 36.04
N GLY A 85 14.57 -8.22 35.78
CA GLY A 85 15.53 -8.56 36.83
C GLY A 85 16.08 -7.31 37.52
N VAL A 86 15.48 -6.96 38.67
CA VAL A 86 15.79 -5.72 39.40
C VAL A 86 17.01 -5.90 40.33
N ILE A 87 18.06 -5.09 40.10
CA ILE A 87 19.27 -5.05 40.96
C ILE A 87 19.08 -3.95 42.02
N LYS A 88 19.05 -2.68 41.56
CA LYS A 88 18.89 -1.50 42.43
C LYS A 88 17.39 -1.22 42.64
N GLU A 89 17.01 -0.96 43.91
CA GLU A 89 15.62 -0.63 44.30
C GLU A 89 15.62 0.09 45.67
N MET A 1 -5.05 -4.38 17.60
CA MET A 1 -4.34 -3.27 18.29
C MET A 1 -3.83 -2.25 17.25
N LYS A 2 -4.32 -0.99 17.36
CA LYS A 2 -3.87 0.18 16.59
C LYS A 2 -4.27 0.12 15.10
N CYS A 3 -4.26 1.29 14.43
CA CYS A 3 -4.65 1.44 13.03
C CYS A 3 -3.44 1.20 12.11
N LYS A 4 -2.92 -0.04 12.18
CA LYS A 4 -1.75 -0.45 11.38
C LYS A 4 -2.06 -0.48 9.88
N ARG A 5 -3.37 -0.64 9.51
CA ARG A 5 -3.81 -0.52 8.09
C ARG A 5 -3.38 0.83 7.51
N LEU A 6 -3.68 1.89 8.29
CA LEU A 6 -3.34 3.29 7.94
C LEU A 6 -1.81 3.45 7.88
N ASN A 7 -1.11 2.82 8.84
CA ASN A 7 0.36 2.90 8.95
C ASN A 7 1.06 2.30 7.70
N GLU A 8 0.67 1.08 7.29
CA GLU A 8 1.34 0.35 6.19
C GLU A 8 1.09 1.05 4.85
N VAL A 9 -0.13 1.55 4.65
CA VAL A 9 -0.46 2.27 3.42
C VAL A 9 0.34 3.60 3.38
N ILE A 10 0.54 4.26 4.54
CA ILE A 10 1.40 5.48 4.61
C ILE A 10 2.92 5.11 4.67
N GLU A 11 3.25 3.81 4.54
CA GLU A 11 4.65 3.37 4.25
C GLU A 11 4.95 3.40 2.73
N LEU A 12 4.17 2.62 1.92
CA LEU A 12 4.46 2.43 0.46
C LEU A 12 3.52 3.26 -0.48
N LEU A 13 2.29 3.49 -0.02
CA LEU A 13 1.29 4.30 -0.75
C LEU A 13 1.39 5.80 -0.38
N GLN A 14 2.38 6.10 0.52
CA GLN A 14 2.67 7.46 1.04
C GLN A 14 2.60 8.55 -0.09
N PRO A 15 3.37 8.42 -1.24
CA PRO A 15 3.31 9.45 -2.32
C PRO A 15 1.95 9.47 -3.04
N ALA A 16 1.47 8.25 -3.41
CA ALA A 16 0.28 8.06 -4.26
C ALA A 16 -0.96 8.77 -3.69
N TRP A 17 -1.29 8.48 -2.42
CA TRP A 17 -2.47 9.07 -1.75
C TRP A 17 -2.28 10.56 -1.46
N GLN A 18 -1.03 11.01 -1.30
CA GLN A 18 -0.75 12.45 -1.06
C GLN A 18 -0.80 13.29 -2.36
N LYS A 19 -0.91 12.60 -3.52
CA LYS A 19 -1.17 13.28 -4.81
C LYS A 19 -2.65 13.71 -4.89
N GLU A 20 -3.53 12.98 -4.18
CA GLU A 20 -4.92 13.41 -3.97
C GLU A 20 -5.50 12.74 -2.70
N PRO A 21 -5.32 13.37 -1.49
CA PRO A 21 -5.88 12.86 -0.21
C PRO A 21 -7.37 13.26 0.01
N ASP A 22 -8.00 13.81 -1.05
CA ASP A 22 -9.46 14.09 -1.06
C ASP A 22 -10.26 12.78 -1.03
N PHE A 23 -9.69 11.74 -1.69
CA PHE A 23 -10.21 10.38 -1.62
C PHE A 23 -10.05 9.81 -0.19
N ASN A 24 -11.00 8.98 0.22
CA ASN A 24 -10.95 8.25 1.50
C ASN A 24 -9.96 7.07 1.39
N LEU A 25 -9.85 6.27 2.47
CA LEU A 25 -8.93 5.12 2.53
C LEU A 25 -9.35 4.07 1.50
N LEU A 26 -10.58 3.56 1.62
CA LEU A 26 -11.13 2.54 0.69
C LEU A 26 -11.41 3.14 -0.72
N GLN A 27 -11.63 4.47 -0.80
CA GLN A 27 -11.95 5.15 -2.06
C GLN A 27 -10.71 5.26 -2.97
N PHE A 28 -9.55 5.65 -2.41
CA PHE A 28 -8.29 5.71 -3.19
C PHE A 28 -7.82 4.27 -3.49
N LEU A 29 -8.07 3.37 -2.53
CA LEU A 29 -7.70 1.96 -2.63
C LEU A 29 -8.49 1.24 -3.75
N GLN A 30 -9.79 1.58 -3.92
CA GLN A 30 -10.61 0.99 -4.99
C GLN A 30 -10.23 1.54 -6.35
N LYS A 31 -9.75 2.80 -6.39
CA LYS A 31 -9.20 3.41 -7.60
C LYS A 31 -8.02 2.55 -8.12
N LEU A 32 -6.99 2.40 -7.27
CA LEU A 32 -5.75 1.73 -7.67
C LEU A 32 -5.97 0.22 -7.89
N ALA A 33 -6.85 -0.40 -7.06
CA ALA A 33 -7.09 -1.86 -7.07
C ALA A 33 -7.73 -2.30 -8.39
N LYS A 34 -8.77 -1.57 -8.82
CA LYS A 34 -9.47 -1.85 -10.10
C LYS A 34 -8.57 -1.52 -11.31
N GLU A 35 -7.63 -0.56 -11.15
CA GLU A 35 -6.57 -0.28 -12.16
C GLU A 35 -5.53 -1.43 -12.18
N SER A 36 -5.35 -2.10 -11.03
CA SER A 36 -4.47 -3.29 -10.90
C SER A 36 -5.12 -4.54 -11.50
N GLY A 37 -6.46 -4.48 -11.68
CA GLY A 37 -7.24 -5.60 -12.20
C GLY A 37 -7.76 -6.49 -11.08
N PHE A 38 -8.33 -5.85 -10.04
CA PHE A 38 -8.89 -6.57 -8.88
C PHE A 38 -10.25 -7.18 -9.24
N ASP A 39 -10.30 -8.51 -9.21
CA ASP A 39 -11.50 -9.31 -9.56
C ASP A 39 -12.51 -9.36 -8.40
N GLY A 40 -12.08 -8.92 -7.19
CA GLY A 40 -12.94 -8.91 -6.00
C GLY A 40 -13.57 -7.53 -5.76
N GLU A 41 -13.83 -7.21 -4.48
CA GLU A 41 -14.47 -5.96 -4.06
C GLU A 41 -13.58 -5.23 -3.03
N LEU A 42 -13.61 -3.90 -3.04
CA LEU A 42 -12.76 -3.06 -2.15
C LEU A 42 -13.11 -3.26 -0.66
N ALA A 43 -14.36 -3.70 -0.40
CA ALA A 43 -14.84 -4.06 0.94
C ALA A 43 -14.03 -5.25 1.52
N ASP A 44 -13.55 -6.11 0.60
CA ASP A 44 -12.76 -7.31 0.93
C ASP A 44 -11.35 -7.21 0.28
N LEU A 45 -10.90 -5.96 0.05
CA LEU A 45 -9.54 -5.69 -0.46
C LEU A 45 -8.52 -5.96 0.66
N THR A 46 -7.75 -7.06 0.50
CA THR A 46 -6.72 -7.46 1.48
C THR A 46 -5.54 -6.46 1.45
N ASP A 47 -5.02 -6.12 2.64
CA ASP A 47 -3.90 -5.17 2.80
C ASP A 47 -2.64 -5.67 2.06
N ASP A 48 -2.51 -7.01 1.98
CA ASP A 48 -1.43 -7.69 1.23
C ASP A 48 -1.28 -7.15 -0.20
N ILE A 49 -2.43 -6.90 -0.85
CA ILE A 49 -2.48 -6.33 -2.21
C ILE A 49 -1.88 -4.92 -2.24
N LEU A 50 -2.27 -4.07 -1.28
CA LEU A 50 -1.82 -2.66 -1.24
C LEU A 50 -0.31 -2.56 -0.99
N ILE A 51 0.18 -3.32 -0.01
CA ILE A 51 1.61 -3.34 0.34
C ILE A 51 2.45 -3.78 -0.90
N TYR A 52 2.20 -5.00 -1.40
CA TYR A 52 2.92 -5.59 -2.53
C TYR A 52 2.86 -4.70 -3.81
N HIS A 53 1.63 -4.29 -4.20
CA HIS A 53 1.38 -3.55 -5.48
C HIS A 53 2.07 -2.19 -5.49
N LEU A 54 1.99 -1.48 -4.36
CA LEU A 54 2.58 -0.14 -4.23
C LEU A 54 4.11 -0.25 -4.25
N LYS A 55 4.66 -1.31 -3.64
CA LYS A 55 6.10 -1.60 -3.68
C LYS A 55 6.59 -1.94 -5.11
N MET A 56 5.70 -2.55 -5.92
CA MET A 56 5.99 -2.86 -7.35
C MET A 56 6.14 -1.57 -8.18
N ARG A 57 5.30 -0.55 -7.91
CA ARG A 57 5.38 0.75 -8.63
C ARG A 57 6.40 1.71 -7.97
N ASP A 58 6.77 1.40 -6.71
CA ASP A 58 7.65 2.24 -5.85
C ASP A 58 8.98 1.49 -5.60
N SER A 59 9.32 0.53 -6.49
CA SER A 59 10.54 -0.35 -6.39
C SER A 59 11.86 0.42 -6.15
N ALA A 60 11.88 1.72 -6.51
CA ALA A 60 12.98 2.64 -6.16
C ALA A 60 13.26 2.65 -4.64
N LYS A 61 12.14 2.67 -3.88
CA LYS A 61 12.09 2.43 -2.41
C LYS A 61 12.48 3.68 -1.60
N ASP A 62 13.45 4.47 -2.10
CA ASP A 62 13.87 5.73 -1.47
C ASP A 62 12.71 6.76 -1.56
N ALA A 63 11.86 6.72 -0.52
CA ALA A 63 10.63 7.52 -0.44
C ALA A 63 10.92 8.99 -0.10
N VAL A 64 9.87 9.84 -0.20
CA VAL A 64 9.91 11.25 0.23
C VAL A 64 10.17 11.34 1.76
N ILE A 65 9.71 10.30 2.48
CA ILE A 65 10.00 10.11 3.90
C ILE A 65 11.36 9.40 4.08
N PRO A 66 12.15 9.75 5.16
CA PRO A 66 13.39 9.02 5.55
C PRO A 66 13.22 7.48 5.66
N GLY A 67 11.97 7.06 5.92
CA GLY A 67 11.59 5.64 5.89
C GLY A 67 11.89 4.93 7.19
N LEU A 68 11.22 5.38 8.27
CA LEU A 68 11.28 4.71 9.59
C LEU A 68 10.04 3.81 9.76
N GLN A 69 10.16 2.80 10.65
CA GLN A 69 9.03 1.94 11.05
C GLN A 69 7.95 2.81 11.74
N LYS A 70 6.71 2.73 11.21
CA LYS A 70 5.55 3.47 11.73
C LYS A 70 5.33 3.24 13.24
N ASP A 71 5.22 1.98 13.64
CA ASP A 71 5.06 1.62 15.06
C ASP A 71 5.59 0.21 15.34
N TYR A 72 6.45 0.13 16.35
CA TYR A 72 6.88 -1.12 16.97
C TYR A 72 6.86 -0.87 18.49
N GLU A 73 5.64 -0.79 19.03
CA GLU A 73 5.36 -0.25 20.36
C GLU A 73 5.58 -1.29 21.46
N GLU A 74 6.84 -1.34 21.96
CA GLU A 74 7.21 -2.14 23.14
C GLU A 74 7.18 -1.22 24.38
N ASP A 75 7.01 -1.82 25.58
CA ASP A 75 6.91 -1.12 26.88
C ASP A 75 5.62 -0.29 26.97
N PHE A 76 4.58 -0.77 26.28
CA PHE A 76 3.22 -0.20 26.33
C PHE A 76 2.59 -0.46 27.72
N LYS A 77 2.92 -1.64 28.33
CA LYS A 77 2.52 -1.97 29.72
C LYS A 77 3.06 -0.92 30.70
N THR A 78 4.33 -0.53 30.47
CA THR A 78 5.01 0.53 31.23
C THR A 78 4.24 1.86 31.09
N ALA A 79 3.86 2.18 29.85
CA ALA A 79 3.10 3.41 29.51
C ALA A 79 1.70 3.41 30.18
N LEU A 80 1.10 2.20 30.36
CA LEU A 80 -0.19 2.04 31.08
C LEU A 80 -0.02 2.44 32.56
N LEU A 81 0.90 1.78 33.28
CA LEU A 81 1.14 2.02 34.71
C LEU A 81 1.80 3.40 34.97
N ARG A 82 2.36 4.00 33.91
CA ARG A 82 2.99 5.33 33.94
C ARG A 82 1.90 6.41 33.95
N ALA A 83 0.86 6.19 33.13
CA ALA A 83 -0.27 7.13 32.98
C ALA A 83 -1.22 7.03 34.18
N ARG A 84 -1.66 5.79 34.47
CA ARG A 84 -2.56 5.50 35.59
C ARG A 84 -1.87 5.82 36.93
N GLY A 85 -2.64 6.34 37.89
CA GLY A 85 -2.10 6.77 39.18
C GLY A 85 -3.19 7.39 40.04
N VAL A 86 -3.92 8.37 39.45
CA VAL A 86 -5.11 8.95 40.10
C VAL A 86 -6.30 7.97 39.95
N ILE A 87 -6.30 6.98 40.86
CA ILE A 87 -7.32 5.92 40.93
C ILE A 87 -8.37 6.25 42.01
N LYS A 88 -8.31 7.51 42.52
CA LYS A 88 -9.26 8.06 43.51
C LYS A 88 -9.28 9.59 43.36
N GLU A 89 -10.47 10.17 43.54
CA GLU A 89 -10.67 11.62 43.59
C GLU A 89 -10.63 12.08 45.07
N MET A 1 0.56 -0.90 17.64
CA MET A 1 -0.21 -0.24 16.57
C MET A 1 -1.70 -0.65 16.67
N LYS A 2 -2.59 0.35 16.58
CA LYS A 2 -4.04 0.18 16.59
C LYS A 2 -4.56 0.01 15.15
N CYS A 3 -4.41 1.09 14.35
CA CYS A 3 -4.89 1.14 12.96
C CYS A 3 -3.75 0.73 12.01
N LYS A 4 -3.41 -0.59 12.02
CA LYS A 4 -2.30 -1.16 11.22
C LYS A 4 -2.46 -0.86 9.72
N ARG A 5 -3.73 -0.84 9.26
CA ARG A 5 -4.11 -0.58 7.85
C ARG A 5 -3.61 0.81 7.41
N LEU A 6 -3.87 1.80 8.27
CA LEU A 6 -3.54 3.21 8.00
C LEU A 6 -2.01 3.40 8.03
N ASN A 7 -1.31 2.67 8.92
CA ASN A 7 0.16 2.73 9.04
C ASN A 7 0.86 2.18 7.79
N GLU A 8 0.50 0.94 7.40
CA GLU A 8 1.19 0.20 6.32
C GLU A 8 1.02 0.89 4.96
N VAL A 9 -0.18 1.47 4.72
CA VAL A 9 -0.42 2.24 3.50
C VAL A 9 0.42 3.55 3.52
N ILE A 10 0.52 4.23 4.68
CA ILE A 10 1.38 5.43 4.82
C ILE A 10 2.90 5.07 4.74
N GLU A 11 3.25 3.77 4.84
CA GLU A 11 4.63 3.32 4.63
C GLU A 11 5.01 3.40 3.12
N LEU A 12 4.27 2.67 2.26
CA LEU A 12 4.64 2.57 0.80
C LEU A 12 3.76 3.45 -0.13
N LEU A 13 2.50 3.61 0.22
CA LEU A 13 1.48 4.32 -0.60
C LEU A 13 1.51 5.84 -0.39
N GLN A 14 2.27 6.32 0.63
CA GLN A 14 2.30 7.75 1.04
C GLN A 14 2.36 8.74 -0.19
N PRO A 15 3.36 8.62 -1.16
CA PRO A 15 3.46 9.52 -2.34
C PRO A 15 2.27 9.36 -3.31
N ALA A 16 1.72 8.13 -3.40
CA ALA A 16 0.57 7.83 -4.27
C ALA A 16 -0.70 8.51 -3.77
N TRP A 17 -0.98 8.39 -2.45
CA TRP A 17 -2.13 9.07 -1.81
C TRP A 17 -1.92 10.59 -1.74
N GLN A 18 -0.64 11.02 -1.81
CA GLN A 18 -0.30 12.46 -1.95
C GLN A 18 -0.85 13.01 -3.27
N LYS A 19 -0.78 12.19 -4.34
CA LYS A 19 -1.26 12.59 -5.69
C LYS A 19 -2.73 13.07 -5.67
N GLU A 20 -3.58 12.43 -4.83
CA GLU A 20 -4.97 12.89 -4.61
C GLU A 20 -5.47 12.34 -3.25
N PRO A 21 -5.29 13.14 -2.12
CA PRO A 21 -5.72 12.72 -0.76
C PRO A 21 -7.23 12.97 -0.48
N ASP A 22 -7.95 13.39 -1.54
CA ASP A 22 -9.39 13.66 -1.51
C ASP A 22 -10.18 12.35 -1.35
N PHE A 23 -9.61 11.26 -1.87
CA PHE A 23 -10.14 9.91 -1.64
C PHE A 23 -9.87 9.47 -0.19
N ASN A 24 -10.80 8.69 0.39
CA ASN A 24 -10.64 8.07 1.72
C ASN A 24 -9.68 6.86 1.64
N LEU A 25 -9.59 6.09 2.75
CA LEU A 25 -8.69 4.92 2.84
C LEU A 25 -9.11 3.86 1.79
N LEU A 26 -10.34 3.34 1.89
CA LEU A 26 -10.83 2.30 0.96
C LEU A 26 -11.16 2.87 -0.42
N GLN A 27 -11.45 4.19 -0.50
CA GLN A 27 -11.77 4.87 -1.78
C GLN A 27 -10.55 4.93 -2.70
N PHE A 28 -9.39 5.36 -2.15
CA PHE A 28 -8.14 5.45 -2.92
C PHE A 28 -7.63 4.03 -3.26
N LEU A 29 -7.78 3.14 -2.28
CA LEU A 29 -7.39 1.72 -2.40
C LEU A 29 -8.15 1.02 -3.54
N GLN A 30 -9.48 1.22 -3.58
CA GLN A 30 -10.34 0.59 -4.60
C GLN A 30 -10.02 1.15 -5.98
N LYS A 31 -9.68 2.47 -6.04
CA LYS A 31 -9.32 3.14 -7.29
C LYS A 31 -8.11 2.47 -7.92
N LEU A 32 -7.01 2.40 -7.17
CA LEU A 32 -5.73 1.91 -7.69
C LEU A 32 -5.83 0.38 -7.98
N ALA A 33 -6.54 -0.34 -7.08
CA ALA A 33 -6.64 -1.82 -7.13
C ALA A 33 -7.47 -2.30 -8.32
N LYS A 34 -8.67 -1.71 -8.50
CA LYS A 34 -9.57 -2.11 -9.60
C LYS A 34 -8.99 -1.72 -10.97
N GLU A 35 -8.19 -0.64 -11.02
CA GLU A 35 -7.42 -0.26 -12.24
C GLU A 35 -6.27 -1.27 -12.48
N SER A 36 -5.75 -1.87 -11.39
CA SER A 36 -4.73 -2.93 -11.46
C SER A 36 -5.32 -4.26 -11.97
N GLY A 37 -6.65 -4.43 -11.82
CA GLY A 37 -7.35 -5.62 -12.28
C GLY A 37 -7.95 -6.45 -11.14
N PHE A 38 -8.16 -5.79 -9.98
CA PHE A 38 -8.84 -6.39 -8.82
C PHE A 38 -10.35 -6.53 -9.13
N ASP A 39 -10.79 -7.78 -9.29
CA ASP A 39 -12.16 -8.11 -9.71
C ASP A 39 -13.14 -8.09 -8.52
N GLY A 40 -12.60 -8.38 -7.32
CA GLY A 40 -13.42 -8.48 -6.10
C GLY A 40 -13.90 -7.13 -5.57
N GLU A 41 -14.54 -7.14 -4.40
CA GLU A 41 -15.08 -5.93 -3.75
C GLU A 41 -14.01 -5.35 -2.79
N LEU A 42 -14.01 -4.02 -2.65
CA LEU A 42 -13.03 -3.30 -1.80
C LEU A 42 -13.28 -3.54 -0.29
N ALA A 43 -14.50 -3.95 0.05
CA ALA A 43 -14.86 -4.37 1.43
C ALA A 43 -14.06 -5.63 1.85
N ASP A 44 -13.65 -6.41 0.84
CA ASP A 44 -12.88 -7.66 1.03
C ASP A 44 -11.40 -7.45 0.62
N LEU A 45 -11.09 -6.26 0.02
CA LEU A 45 -9.74 -5.92 -0.47
C LEU A 45 -8.70 -6.01 0.66
N THR A 46 -7.82 -7.02 0.58
CA THR A 46 -6.75 -7.22 1.54
C THR A 46 -5.64 -6.17 1.31
N ASP A 47 -5.18 -5.54 2.40
CA ASP A 47 -4.16 -4.48 2.35
C ASP A 47 -2.86 -5.00 1.71
N ASP A 48 -2.60 -6.31 1.89
CA ASP A 48 -1.42 -7.00 1.30
C ASP A 48 -1.30 -6.79 -0.23
N ILE A 49 -2.45 -6.82 -0.93
CA ILE A 49 -2.50 -6.59 -2.40
C ILE A 49 -1.94 -5.19 -2.74
N LEU A 50 -2.40 -4.18 -1.98
CA LEU A 50 -2.03 -2.78 -2.19
C LEU A 50 -0.53 -2.61 -1.89
N ILE A 51 -0.15 -3.00 -0.66
CA ILE A 51 1.24 -2.88 -0.14
C ILE A 51 2.26 -3.44 -1.17
N TYR A 52 2.00 -4.66 -1.65
CA TYR A 52 2.79 -5.32 -2.71
C TYR A 52 2.97 -4.42 -3.97
N HIS A 53 1.85 -3.96 -4.54
CA HIS A 53 1.82 -3.17 -5.79
C HIS A 53 2.49 -1.79 -5.61
N LEU A 54 2.28 -1.19 -4.43
CA LEU A 54 2.80 0.14 -4.09
C LEU A 54 4.31 0.10 -3.82
N LYS A 55 4.79 -1.07 -3.36
CA LYS A 55 6.23 -1.31 -3.17
C LYS A 55 6.96 -1.44 -4.51
N MET A 56 6.29 -2.07 -5.50
CA MET A 56 6.84 -2.24 -6.86
C MET A 56 7.01 -0.87 -7.57
N ARG A 57 6.03 0.05 -7.41
CA ARG A 57 6.10 1.39 -8.02
C ARG A 57 7.02 2.33 -7.21
N ASP A 58 7.15 2.06 -5.90
CA ASP A 58 8.07 2.77 -4.99
C ASP A 58 9.53 2.43 -5.37
N SER A 59 9.74 1.17 -5.78
CA SER A 59 11.04 0.68 -6.28
C SER A 59 11.41 1.40 -7.60
N ALA A 60 10.36 1.85 -8.33
CA ALA A 60 10.47 2.59 -9.60
C ALA A 60 11.05 1.70 -10.71
N LYS A 61 12.38 1.47 -10.65
CA LYS A 61 13.13 0.61 -11.60
C LYS A 61 13.23 1.27 -12.99
N ASP A 62 12.11 1.33 -13.70
CA ASP A 62 12.00 1.99 -15.02
C ASP A 62 10.75 2.87 -15.10
N ALA A 63 9.94 2.87 -14.02
CA ALA A 63 8.79 3.77 -13.88
C ALA A 63 9.32 5.22 -13.75
N VAL A 64 9.18 6.00 -14.84
CA VAL A 64 9.68 7.38 -14.97
C VAL A 64 8.66 8.37 -14.33
N ILE A 65 8.40 8.13 -13.03
CA ILE A 65 7.40 8.85 -12.23
C ILE A 65 7.90 10.27 -11.85
N PRO A 66 6.98 11.30 -11.74
CA PRO A 66 7.37 12.68 -11.36
C PRO A 66 7.74 12.77 -9.86
N GLY A 67 9.05 12.80 -9.58
CA GLY A 67 9.58 12.82 -8.22
C GLY A 67 9.62 14.21 -7.60
N LEU A 68 8.52 14.97 -7.76
CA LEU A 68 8.39 16.33 -7.22
C LEU A 68 7.68 16.27 -5.86
N GLN A 69 8.32 16.87 -4.84
CA GLN A 69 7.82 16.87 -3.46
C GLN A 69 6.61 17.81 -3.36
N LYS A 70 5.57 17.36 -2.64
CA LYS A 70 4.30 18.10 -2.51
C LYS A 70 3.71 17.89 -1.10
N ASP A 71 4.23 18.67 -0.16
CA ASP A 71 3.95 18.54 1.29
C ASP A 71 2.67 19.30 1.70
N TYR A 72 2.48 20.49 1.10
CA TYR A 72 1.38 21.43 1.42
C TYR A 72 1.41 21.80 2.92
N GLU A 73 2.61 22.19 3.38
CA GLU A 73 2.84 22.63 4.76
C GLU A 73 2.06 23.92 5.03
N GLU A 74 1.00 23.82 5.85
CA GLU A 74 0.09 24.95 6.15
C GLU A 74 0.59 25.76 7.37
N ASP A 75 1.93 25.84 7.50
CA ASP A 75 2.62 26.55 8.57
C ASP A 75 3.02 27.97 8.13
N PHE A 76 2.13 28.63 7.35
CA PHE A 76 2.32 30.02 6.90
C PHE A 76 2.34 30.97 8.12
N LYS A 77 1.68 30.56 9.22
CA LYS A 77 1.69 31.28 10.50
C LYS A 77 3.14 31.49 10.98
N THR A 78 3.95 30.42 10.90
CA THR A 78 5.39 30.45 11.24
C THR A 78 6.14 31.49 10.38
N ALA A 79 5.92 31.42 9.06
CA ALA A 79 6.54 32.35 8.09
C ALA A 79 6.10 33.81 8.32
N LEU A 80 4.86 33.97 8.80
CA LEU A 80 4.22 35.29 8.97
C LEU A 80 4.78 36.02 10.21
N LEU A 81 4.87 35.29 11.34
CA LEU A 81 5.32 35.86 12.63
C LEU A 81 6.85 36.07 12.66
N ARG A 82 7.60 35.20 11.94
CA ARG A 82 9.07 35.32 11.82
C ARG A 82 9.43 36.46 10.87
N ALA A 83 8.58 36.71 9.85
CA ALA A 83 8.73 37.87 8.95
C ALA A 83 8.45 39.19 9.70
N ARG A 84 7.60 39.11 10.74
CA ARG A 84 7.33 40.22 11.66
C ARG A 84 8.58 40.43 12.57
N GLY A 85 9.49 41.29 12.12
CA GLY A 85 10.79 41.52 12.76
C GLY A 85 10.73 42.56 13.87
N VAL A 86 10.22 42.14 15.03
CA VAL A 86 10.17 42.97 16.24
C VAL A 86 11.48 42.82 17.04
N ILE A 87 12.27 43.91 17.10
CA ILE A 87 13.53 43.94 17.90
C ILE A 87 13.23 44.33 19.36
N LYS A 88 14.26 44.33 20.21
CA LYS A 88 14.14 44.75 21.62
C LYS A 88 15.24 45.76 21.97
N GLU A 89 14.82 46.94 22.46
CA GLU A 89 15.71 48.00 22.91
C GLU A 89 14.90 48.96 23.82
N MET A 1 -0.66 4.04 14.62
CA MET A 1 -0.20 3.14 15.71
C MET A 1 -1.25 2.06 15.98
N LYS A 2 -2.51 2.48 16.19
CA LYS A 2 -3.66 1.56 16.36
C LYS A 2 -4.08 0.99 15.00
N CYS A 3 -4.44 1.91 14.08
CA CYS A 3 -4.82 1.58 12.72
C CYS A 3 -3.58 1.16 11.92
N LYS A 4 -3.24 -0.14 12.01
CA LYS A 4 -2.07 -0.72 11.33
C LYS A 4 -2.26 -0.62 9.80
N ARG A 5 -3.53 -0.57 9.34
CA ARG A 5 -3.89 -0.27 7.93
C ARG A 5 -3.29 1.08 7.51
N LEU A 6 -3.53 2.11 8.34
CA LEU A 6 -3.05 3.48 8.09
C LEU A 6 -1.50 3.49 8.10
N ASN A 7 -0.91 2.77 9.06
CA ASN A 7 0.57 2.64 9.20
C ASN A 7 1.21 2.11 7.91
N GLU A 8 0.76 0.94 7.45
CA GLU A 8 1.39 0.18 6.35
C GLU A 8 1.19 0.86 4.99
N VAL A 9 0.02 1.50 4.79
CA VAL A 9 -0.22 2.29 3.57
C VAL A 9 0.65 3.57 3.58
N ILE A 10 0.77 4.23 4.74
CA ILE A 10 1.66 5.41 4.92
C ILE A 10 3.17 4.97 4.98
N GLU A 11 3.45 3.65 4.88
CA GLU A 11 4.81 3.14 4.64
C GLU A 11 5.17 3.20 3.12
N LEU A 12 4.38 2.55 2.23
CA LEU A 12 4.70 2.52 0.76
C LEU A 12 3.85 3.54 -0.04
N LEU A 13 2.54 3.51 0.20
CA LEU A 13 1.53 4.29 -0.54
C LEU A 13 1.62 5.80 -0.23
N GLN A 14 2.39 6.17 0.84
CA GLN A 14 2.50 7.55 1.37
C GLN A 14 2.51 8.62 0.22
N PRO A 15 3.49 8.59 -0.77
CA PRO A 15 3.49 9.56 -1.88
C PRO A 15 2.27 9.38 -2.83
N ALA A 16 1.95 8.12 -3.21
CA ALA A 16 0.84 7.80 -4.14
C ALA A 16 -0.51 8.43 -3.71
N TRP A 17 -0.84 8.33 -2.41
CA TRP A 17 -2.08 8.92 -1.84
C TRP A 17 -1.99 10.45 -1.80
N GLN A 18 -0.78 10.98 -1.56
CA GLN A 18 -0.57 12.44 -1.55
C GLN A 18 -0.70 13.05 -2.97
N LYS A 19 -0.64 12.19 -4.00
CA LYS A 19 -0.88 12.61 -5.41
C LYS A 19 -2.39 12.86 -5.65
N GLU A 20 -3.25 12.19 -4.85
CA GLU A 20 -4.71 12.35 -4.93
C GLU A 20 -5.37 12.01 -3.55
N PRO A 21 -5.24 12.94 -2.53
CA PRO A 21 -5.80 12.72 -1.17
C PRO A 21 -7.26 13.23 -1.01
N ASP A 22 -7.99 13.35 -2.12
CA ASP A 22 -9.43 13.67 -2.12
C ASP A 22 -10.25 12.46 -1.65
N PHE A 23 -9.88 11.28 -2.16
CA PHE A 23 -10.55 10.01 -1.84
C PHE A 23 -10.15 9.54 -0.43
N ASN A 24 -11.11 8.86 0.26
CA ASN A 24 -10.89 8.28 1.61
C ASN A 24 -9.87 7.11 1.55
N LEU A 25 -9.67 6.43 2.70
CA LEU A 25 -8.75 5.29 2.81
C LEU A 25 -9.16 4.17 1.81
N LEU A 26 -10.40 3.66 1.94
CA LEU A 26 -10.92 2.59 1.06
C LEU A 26 -11.26 3.11 -0.37
N GLN A 27 -11.64 4.40 -0.49
CA GLN A 27 -11.99 4.99 -1.80
C GLN A 27 -10.76 5.11 -2.71
N PHE A 28 -9.62 5.53 -2.15
CA PHE A 28 -8.36 5.61 -2.91
C PHE A 28 -7.84 4.20 -3.21
N LEU A 29 -8.07 3.31 -2.24
CA LEU A 29 -7.72 1.88 -2.37
C LEU A 29 -8.50 1.19 -3.52
N GLN A 30 -9.77 1.59 -3.73
CA GLN A 30 -10.62 1.05 -4.81
C GLN A 30 -10.15 1.56 -6.18
N LYS A 31 -9.63 2.81 -6.21
CA LYS A 31 -9.04 3.42 -7.43
C LYS A 31 -7.87 2.55 -7.94
N LEU A 32 -6.88 2.35 -7.05
CA LEU A 32 -5.63 1.64 -7.37
C LEU A 32 -5.84 0.13 -7.52
N ALA A 33 -6.89 -0.42 -6.87
CA ALA A 33 -7.22 -1.85 -6.94
C ALA A 33 -7.82 -2.21 -8.30
N LYS A 34 -8.96 -1.56 -8.63
CA LYS A 34 -9.74 -1.89 -9.84
C LYS A 34 -8.97 -1.58 -11.14
N GLU A 35 -8.08 -0.56 -11.13
CA GLU A 35 -7.22 -0.25 -12.30
C GLU A 35 -6.22 -1.39 -12.57
N SER A 36 -5.88 -2.15 -11.49
CA SER A 36 -4.95 -3.29 -11.55
C SER A 36 -5.68 -4.60 -11.95
N GLY A 37 -6.98 -4.49 -12.27
CA GLY A 37 -7.80 -5.62 -12.71
C GLY A 37 -8.22 -6.51 -11.54
N PHE A 38 -8.54 -5.87 -10.41
CA PHE A 38 -8.98 -6.56 -9.18
C PHE A 38 -10.41 -7.11 -9.33
N ASP A 39 -10.54 -8.46 -9.44
CA ASP A 39 -11.83 -9.16 -9.46
C ASP A 39 -12.33 -9.32 -8.02
N GLY A 40 -13.07 -8.32 -7.54
CA GLY A 40 -13.66 -8.35 -6.22
C GLY A 40 -14.10 -6.96 -5.75
N GLU A 41 -14.60 -6.90 -4.52
CA GLU A 41 -15.01 -5.66 -3.85
C GLU A 41 -13.86 -5.14 -2.98
N LEU A 42 -13.72 -3.80 -2.91
CA LEU A 42 -12.70 -3.11 -2.07
C LEU A 42 -12.90 -3.42 -0.58
N ALA A 43 -14.12 -3.83 -0.21
CA ALA A 43 -14.45 -4.28 1.16
C ALA A 43 -13.65 -5.54 1.55
N ASP A 44 -13.37 -6.37 0.53
CA ASP A 44 -12.65 -7.65 0.70
C ASP A 44 -11.22 -7.54 0.10
N LEU A 45 -10.79 -6.29 -0.19
CA LEU A 45 -9.44 -5.97 -0.68
C LEU A 45 -8.42 -6.22 0.46
N THR A 46 -7.64 -7.32 0.35
CA THR A 46 -6.68 -7.73 1.39
C THR A 46 -5.47 -6.78 1.42
N ASP A 47 -4.93 -6.49 2.64
CA ASP A 47 -3.79 -5.56 2.85
C ASP A 47 -2.55 -5.99 2.04
N ASP A 48 -2.41 -7.30 1.82
CA ASP A 48 -1.32 -7.91 1.02
C ASP A 48 -1.23 -7.27 -0.39
N ILE A 49 -2.41 -7.03 -1.00
CA ILE A 49 -2.52 -6.42 -2.33
C ILE A 49 -2.00 -4.96 -2.31
N LEU A 50 -2.38 -4.21 -1.27
CA LEU A 50 -2.02 -2.78 -1.14
C LEU A 50 -0.51 -2.59 -1.01
N ILE A 51 0.10 -3.34 -0.09
CA ILE A 51 1.55 -3.26 0.15
C ILE A 51 2.30 -3.59 -1.15
N TYR A 52 2.08 -4.81 -1.68
CA TYR A 52 2.69 -5.27 -2.97
C TYR A 52 2.58 -4.21 -4.11
N HIS A 53 1.34 -3.75 -4.38
CA HIS A 53 1.02 -2.90 -5.56
C HIS A 53 1.76 -1.55 -5.49
N LEU A 54 1.70 -0.93 -4.32
CA LEU A 54 2.28 0.40 -4.09
C LEU A 54 3.79 0.29 -3.88
N LYS A 55 4.26 -0.86 -3.43
CA LYS A 55 5.68 -1.12 -3.15
C LYS A 55 6.46 -1.28 -4.47
N MET A 56 5.76 -1.68 -5.55
CA MET A 56 6.35 -1.75 -6.91
C MET A 56 6.65 -0.34 -7.46
N ARG A 57 5.65 0.56 -7.40
CA ARG A 57 5.78 1.94 -7.95
C ARG A 57 6.63 2.84 -7.03
N ASP A 58 6.33 2.82 -5.72
CA ASP A 58 6.97 3.69 -4.71
C ASP A 58 8.28 3.08 -4.18
N SER A 59 8.83 2.08 -4.91
CA SER A 59 10.13 1.45 -4.61
C SER A 59 11.32 2.42 -4.86
N ALA A 60 11.01 3.61 -5.44
CA ALA A 60 12.01 4.68 -5.70
C ALA A 60 12.69 5.15 -4.40
N LYS A 61 13.98 5.48 -4.50
CA LYS A 61 14.81 5.92 -3.36
C LYS A 61 14.29 7.25 -2.78
N ASP A 62 13.56 7.13 -1.65
CA ASP A 62 12.99 8.28 -0.94
C ASP A 62 12.68 7.85 0.51
N ALA A 63 13.63 8.13 1.42
CA ALA A 63 13.54 7.73 2.83
C ALA A 63 14.26 8.76 3.71
N VAL A 64 13.53 9.34 4.69
CA VAL A 64 14.08 10.33 5.64
C VAL A 64 14.57 9.58 6.88
N ILE A 65 15.74 8.95 6.72
CA ILE A 65 16.45 8.24 7.80
C ILE A 65 17.73 9.03 8.16
N PRO A 66 17.70 9.90 9.22
CA PRO A 66 18.87 10.68 9.65
C PRO A 66 19.84 9.87 10.55
N GLY A 67 21.14 10.08 10.34
CA GLY A 67 22.20 9.37 11.09
C GLY A 67 22.39 9.92 12.51
N LEU A 68 22.04 11.20 12.70
CA LEU A 68 22.15 11.88 14.00
C LEU A 68 20.77 12.42 14.45
N GLN A 69 20.05 11.62 15.25
CA GLN A 69 18.75 12.04 15.83
C GLN A 69 18.50 11.29 17.14
N LYS A 70 18.50 9.94 17.04
CA LYS A 70 18.16 8.99 18.13
C LYS A 70 16.69 9.13 18.54
N ASP A 71 15.85 8.17 18.10
CA ASP A 71 14.45 8.05 18.54
C ASP A 71 14.44 7.59 20.01
N TYR A 72 14.50 8.58 20.92
CA TYR A 72 14.68 8.36 22.37
C TYR A 72 13.59 7.45 22.95
N GLU A 73 14.01 6.26 23.39
CA GLU A 73 13.14 5.25 23.98
C GLU A 73 13.90 4.53 25.12
N GLU A 74 13.23 4.38 26.26
CA GLU A 74 13.75 3.68 27.44
C GLU A 74 12.66 2.80 28.05
N ASP A 75 13.00 2.13 29.16
CA ASP A 75 12.06 1.38 29.97
C ASP A 75 12.58 1.29 31.40
N PHE A 76 12.18 2.27 32.22
CA PHE A 76 12.37 2.21 33.67
C PHE A 76 11.24 1.36 34.29
N LYS A 77 10.08 1.33 33.60
CA LYS A 77 8.80 0.80 34.13
C LYS A 77 8.83 -0.72 34.40
N THR A 78 9.05 -1.51 33.34
CA THR A 78 9.04 -2.98 33.44
C THR A 78 10.31 -3.49 34.14
N ALA A 79 11.42 -2.77 33.91
CA ALA A 79 12.70 -3.01 34.61
C ALA A 79 12.52 -2.88 36.15
N LEU A 80 11.63 -1.97 36.57
CA LEU A 80 11.35 -1.69 37.99
C LEU A 80 10.58 -2.86 38.63
N LEU A 81 9.40 -3.20 38.05
CA LEU A 81 8.52 -4.27 38.60
C LEU A 81 9.18 -5.66 38.53
N ARG A 82 10.14 -5.82 37.59
CA ARG A 82 10.89 -7.07 37.38
C ARG A 82 12.07 -7.17 38.38
N ALA A 83 12.62 -6.01 38.76
CA ALA A 83 13.65 -5.90 39.82
C ALA A 83 13.03 -6.07 41.22
N ARG A 84 11.71 -5.85 41.30
CA ARG A 84 10.94 -5.97 42.54
C ARG A 84 10.67 -7.47 42.82
N GLY A 85 11.05 -7.93 44.03
CA GLY A 85 10.89 -9.33 44.42
C GLY A 85 11.86 -9.68 45.55
N VAL A 86 12.66 -10.75 45.37
CA VAL A 86 13.67 -11.18 46.35
C VAL A 86 14.87 -10.19 46.37
N ILE A 87 14.81 -9.27 47.33
CA ILE A 87 15.91 -8.33 47.63
C ILE A 87 16.61 -8.80 48.93
N LYS A 88 15.81 -9.41 49.83
CA LYS A 88 16.29 -9.93 51.12
C LYS A 88 17.12 -11.21 50.96
N GLU A 89 17.79 -11.60 52.04
CA GLU A 89 18.66 -12.77 52.12
C GLU A 89 18.42 -13.51 53.47
N MET A 1 -7.39 3.85 19.31
CA MET A 1 -7.48 2.64 18.45
C MET A 1 -6.37 2.71 17.40
N LYS A 2 -5.25 1.99 17.68
CA LYS A 2 -4.05 1.96 16.80
C LYS A 2 -4.39 1.34 15.42
N CYS A 3 -4.18 2.12 14.36
CA CYS A 3 -4.57 1.75 12.99
C CYS A 3 -3.37 1.16 12.23
N LYS A 4 -3.16 -0.17 12.42
CA LYS A 4 -2.04 -0.94 11.80
C LYS A 4 -2.06 -0.84 10.27
N ARG A 5 -3.27 -0.94 9.70
CA ARG A 5 -3.46 -0.93 8.24
C ARG A 5 -3.18 0.48 7.66
N LEU A 6 -3.44 1.51 8.47
CA LEU A 6 -3.12 2.91 8.12
C LEU A 6 -1.59 3.12 8.12
N ASN A 7 -0.87 2.51 9.09
CA ASN A 7 0.61 2.63 9.19
C ASN A 7 1.31 2.09 7.92
N GLU A 8 0.93 0.86 7.52
CA GLU A 8 1.59 0.13 6.40
C GLU A 8 1.30 0.77 5.02
N VAL A 9 0.05 1.26 4.81
CA VAL A 9 -0.28 2.01 3.58
C VAL A 9 0.50 3.35 3.57
N ILE A 10 0.59 4.03 4.73
CA ILE A 10 1.39 5.27 4.87
C ILE A 10 2.93 4.98 4.75
N GLU A 11 3.35 3.71 4.82
CA GLU A 11 4.76 3.35 4.58
C GLU A 11 5.13 3.46 3.08
N LEU A 12 4.42 2.72 2.20
CA LEU A 12 4.79 2.64 0.74
C LEU A 12 3.86 3.46 -0.20
N LEU A 13 2.62 3.69 0.24
CA LEU A 13 1.59 4.41 -0.54
C LEU A 13 1.60 5.91 -0.23
N GLN A 14 2.40 6.34 0.79
CA GLN A 14 2.43 7.74 1.30
C GLN A 14 2.38 8.79 0.15
N PRO A 15 3.39 8.82 -0.84
CA PRO A 15 3.41 9.85 -1.90
C PRO A 15 2.23 9.70 -2.88
N ALA A 16 1.83 8.43 -3.13
CA ALA A 16 0.73 8.11 -4.06
C ALA A 16 -0.60 8.69 -3.57
N TRP A 17 -0.90 8.49 -2.27
CA TRP A 17 -2.10 9.06 -1.63
C TRP A 17 -1.97 10.58 -1.47
N GLN A 18 -0.72 11.10 -1.39
CA GLN A 18 -0.47 12.58 -1.38
C GLN A 18 -0.73 13.22 -2.75
N LYS A 19 -0.82 12.39 -3.80
CA LYS A 19 -1.23 12.86 -5.14
C LYS A 19 -2.71 13.22 -5.15
N GLU A 20 -3.51 12.49 -4.35
CA GLU A 20 -4.96 12.68 -4.26
C GLU A 20 -5.47 12.20 -2.88
N PRO A 21 -5.23 13.02 -1.79
CA PRO A 21 -5.68 12.68 -0.41
C PRO A 21 -7.16 13.07 -0.17
N ASP A 22 -7.80 13.55 -1.25
CA ASP A 22 -9.22 13.92 -1.27
C ASP A 22 -10.09 12.66 -1.20
N PHE A 23 -9.55 11.56 -1.74
CA PHE A 23 -10.10 10.23 -1.55
C PHE A 23 -9.88 9.75 -0.12
N ASN A 24 -10.88 9.05 0.42
CA ASN A 24 -10.77 8.34 1.71
C ASN A 24 -9.88 7.08 1.54
N LEU A 25 -9.70 6.33 2.64
CA LEU A 25 -8.83 5.13 2.68
C LEU A 25 -9.28 4.11 1.59
N LEU A 26 -10.54 3.69 1.64
CA LEU A 26 -11.11 2.72 0.68
C LEU A 26 -11.29 3.31 -0.75
N GLN A 27 -11.44 4.64 -0.87
CA GLN A 27 -11.72 5.31 -2.16
C GLN A 27 -10.49 5.30 -3.10
N PHE A 28 -9.33 5.70 -2.55
CA PHE A 28 -8.07 5.71 -3.32
C PHE A 28 -7.65 4.27 -3.68
N LEU A 29 -7.90 3.37 -2.72
CA LEU A 29 -7.56 1.94 -2.83
C LEU A 29 -8.38 1.24 -3.93
N GLN A 30 -9.70 1.54 -4.01
CA GLN A 30 -10.59 0.92 -5.01
C GLN A 30 -10.24 1.41 -6.43
N LYS A 31 -9.73 2.65 -6.55
CA LYS A 31 -9.24 3.18 -7.84
C LYS A 31 -8.09 2.31 -8.38
N LEU A 32 -7.03 2.18 -7.57
CA LEU A 32 -5.79 1.48 -7.97
C LEU A 32 -6.02 -0.05 -8.05
N ALA A 33 -7.01 -0.57 -7.29
CA ALA A 33 -7.35 -2.00 -7.27
C ALA A 33 -8.11 -2.41 -8.55
N LYS A 34 -9.18 -1.66 -8.88
CA LYS A 34 -10.01 -1.93 -10.08
C LYS A 34 -9.19 -1.84 -11.39
N GLU A 35 -8.24 -0.88 -11.47
CA GLU A 35 -7.37 -0.75 -12.68
C GLU A 35 -6.30 -1.85 -12.74
N SER A 36 -5.99 -2.45 -11.58
CA SER A 36 -5.10 -3.63 -11.48
C SER A 36 -5.86 -4.94 -11.81
N GLY A 37 -7.21 -4.84 -11.97
CA GLY A 37 -8.06 -5.98 -12.32
C GLY A 37 -8.40 -6.85 -11.12
N PHE A 38 -8.78 -6.22 -10.01
CA PHE A 38 -9.17 -6.91 -8.77
C PHE A 38 -10.57 -7.54 -8.93
N ASP A 39 -10.63 -8.89 -8.85
CA ASP A 39 -11.86 -9.67 -9.08
C ASP A 39 -12.91 -9.45 -7.97
N GLY A 40 -12.45 -9.32 -6.72
CA GLY A 40 -13.34 -9.05 -5.58
C GLY A 40 -13.72 -7.58 -5.49
N GLU A 41 -14.61 -7.23 -4.53
CA GLU A 41 -15.01 -5.84 -4.27
C GLU A 41 -14.01 -5.19 -3.28
N LEU A 42 -14.00 -3.86 -3.20
CA LEU A 42 -13.03 -3.11 -2.36
C LEU A 42 -13.24 -3.37 -0.85
N ALA A 43 -14.45 -3.81 -0.46
CA ALA A 43 -14.72 -4.24 0.93
C ALA A 43 -13.96 -5.54 1.27
N ASP A 44 -13.70 -6.34 0.22
CA ASP A 44 -12.95 -7.61 0.29
C ASP A 44 -11.43 -7.36 0.10
N LEU A 45 -11.07 -6.12 -0.32
CA LEU A 45 -9.68 -5.74 -0.65
C LEU A 45 -8.76 -5.84 0.59
N THR A 46 -7.85 -6.83 0.56
CA THR A 46 -6.84 -7.03 1.62
C THR A 46 -5.65 -6.08 1.40
N ASP A 47 -5.14 -5.51 2.50
CA ASP A 47 -4.03 -4.51 2.49
C ASP A 47 -2.76 -5.09 1.86
N ASP A 48 -2.61 -6.42 1.93
CA ASP A 48 -1.47 -7.16 1.36
C ASP A 48 -1.30 -6.87 -0.16
N ILE A 49 -2.44 -6.70 -0.85
CA ILE A 49 -2.47 -6.35 -2.28
C ILE A 49 -1.88 -4.93 -2.51
N LEU A 50 -2.34 -3.97 -1.71
CA LEU A 50 -1.97 -2.55 -1.87
C LEU A 50 -0.47 -2.35 -1.58
N ILE A 51 -0.03 -2.88 -0.42
CA ILE A 51 1.37 -2.78 0.02
C ILE A 51 2.31 -3.30 -1.08
N TYR A 52 2.03 -4.51 -1.58
CA TYR A 52 2.76 -5.12 -2.71
C TYR A 52 2.85 -4.18 -3.95
N HIS A 53 1.69 -3.67 -4.43
CA HIS A 53 1.60 -2.85 -5.67
C HIS A 53 2.35 -1.51 -5.54
N LEU A 54 2.27 -0.91 -4.36
CA LEU A 54 2.87 0.39 -4.07
C LEU A 54 4.38 0.25 -3.82
N LYS A 55 4.82 -0.96 -3.40
CA LYS A 55 6.24 -1.32 -3.31
C LYS A 55 6.84 -1.55 -4.72
N MET A 56 6.01 -2.08 -5.62
CA MET A 56 6.38 -2.27 -7.05
C MET A 56 6.75 -0.93 -7.71
N ARG A 57 5.96 0.13 -7.42
CA ARG A 57 6.21 1.48 -7.96
C ARG A 57 7.20 2.27 -7.07
N ASP A 58 7.48 1.76 -5.86
CA ASP A 58 8.47 2.34 -4.91
C ASP A 58 9.93 2.16 -5.45
N SER A 59 10.08 1.42 -6.58
CA SER A 59 11.32 1.40 -7.38
C SER A 59 11.73 2.84 -7.78
N ALA A 60 10.71 3.68 -8.03
CA ALA A 60 10.89 5.13 -8.18
C ALA A 60 11.16 5.74 -6.79
N LYS A 61 12.32 6.39 -6.64
CA LYS A 61 12.77 6.99 -5.36
C LYS A 61 11.79 8.10 -4.90
N ASP A 62 11.18 8.74 -5.90
CA ASP A 62 10.13 9.76 -5.73
C ASP A 62 9.03 9.49 -6.76
N ALA A 63 7.76 9.59 -6.32
CA ALA A 63 6.59 9.44 -7.20
C ALA A 63 6.44 10.72 -8.06
N VAL A 64 7.14 10.73 -9.20
CA VAL A 64 7.15 11.87 -10.14
C VAL A 64 5.93 11.75 -11.08
N ILE A 65 4.75 11.89 -10.47
CA ILE A 65 3.46 11.94 -11.18
C ILE A 65 2.72 13.21 -10.69
N PRO A 66 1.95 13.93 -11.60
CA PRO A 66 1.46 15.31 -11.34
C PRO A 66 0.55 15.43 -10.09
N GLY A 67 -0.28 14.40 -9.83
CA GLY A 67 -1.30 14.44 -8.78
C GLY A 67 -2.61 15.04 -9.28
N LEU A 68 -3.71 14.74 -8.60
CA LEU A 68 -5.06 15.23 -8.97
C LEU A 68 -5.66 16.08 -7.84
N GLN A 69 -5.83 17.39 -8.10
CA GLN A 69 -6.54 18.31 -7.22
C GLN A 69 -8.06 18.03 -7.31
N LYS A 70 -8.58 17.28 -6.33
CA LYS A 70 -9.96 16.78 -6.36
C LYS A 70 -10.74 17.29 -5.12
N ASP A 71 -12.07 17.04 -5.12
CA ASP A 71 -12.94 17.23 -3.93
C ASP A 71 -13.97 16.10 -3.91
N TYR A 72 -13.72 15.06 -3.09
CA TYR A 72 -14.69 13.99 -2.88
C TYR A 72 -15.67 14.42 -1.74
N GLU A 73 -15.39 14.01 -0.48
CA GLU A 73 -16.21 14.32 0.72
C GLU A 73 -15.74 13.41 1.89
N GLU A 74 -15.32 14.03 3.01
CA GLU A 74 -15.03 13.30 4.25
C GLU A 74 -16.34 13.18 5.04
N ASP A 75 -16.94 11.99 5.02
CA ASP A 75 -18.22 11.72 5.69
C ASP A 75 -18.04 11.61 7.22
N PHE A 76 -18.05 12.78 7.89
CA PHE A 76 -17.93 12.89 9.36
C PHE A 76 -19.14 12.24 10.07
N LYS A 77 -20.31 12.36 9.41
CA LYS A 77 -21.60 11.90 9.94
C LYS A 77 -21.62 10.38 10.22
N THR A 78 -21.00 9.59 9.33
CA THR A 78 -20.85 8.12 9.50
C THR A 78 -20.00 7.81 10.75
N ALA A 79 -18.85 8.51 10.86
CA ALA A 79 -17.93 8.37 12.01
C ALA A 79 -18.59 8.86 13.33
N LEU A 80 -19.50 9.84 13.19
CA LEU A 80 -20.19 10.50 14.32
C LEU A 80 -21.13 9.50 15.03
N LEU A 81 -21.95 8.79 14.22
CA LEU A 81 -22.95 7.83 14.73
C LEU A 81 -22.29 6.53 15.23
N ARG A 82 -21.12 6.17 14.64
CA ARG A 82 -20.33 4.99 15.06
C ARG A 82 -19.59 5.25 16.39
N ALA A 83 -19.16 6.50 16.60
CA ALA A 83 -18.38 6.89 17.80
C ALA A 83 -19.24 6.86 19.07
N ARG A 84 -20.44 7.45 18.97
CA ARG A 84 -21.40 7.53 20.08
C ARG A 84 -22.15 6.19 20.26
N GLY A 85 -22.29 5.74 21.53
CA GLY A 85 -22.98 4.48 21.84
C GLY A 85 -22.78 4.09 23.31
N VAL A 86 -22.41 2.81 23.55
CA VAL A 86 -22.14 2.23 24.90
C VAL A 86 -23.41 2.18 25.78
N ILE A 87 -23.86 0.96 26.14
CA ILE A 87 -25.02 0.74 27.01
C ILE A 87 -24.62 0.99 28.49
N LYS A 88 -25.39 1.84 29.19
CA LYS A 88 -25.12 2.23 30.58
C LYS A 88 -25.93 1.36 31.57
N GLU A 89 -25.62 1.51 32.86
CA GLU A 89 -26.31 0.85 33.98
C GLU A 89 -26.33 1.83 35.17
N MET A 1 -1.13 4.84 17.03
CA MET A 1 -1.87 4.33 15.85
C MET A 1 -1.99 2.80 15.93
N LYS A 2 -3.13 2.32 16.47
CA LYS A 2 -3.41 0.88 16.64
C LYS A 2 -3.91 0.26 15.32
N CYS A 3 -4.38 1.11 14.40
CA CYS A 3 -4.81 0.70 13.05
C CYS A 3 -3.56 0.36 12.21
N LYS A 4 -3.25 -0.96 12.13
CA LYS A 4 -2.11 -1.50 11.35
C LYS A 4 -2.17 -0.99 9.90
N ARG A 5 -3.39 -1.08 9.32
CA ARG A 5 -3.66 -0.73 7.92
C ARG A 5 -3.25 0.71 7.60
N LEU A 6 -3.46 1.62 8.57
CA LEU A 6 -3.11 3.04 8.42
C LEU A 6 -1.56 3.19 8.36
N ASN A 7 -0.84 2.48 9.25
CA ASN A 7 0.65 2.55 9.30
C ASN A 7 1.26 2.11 7.96
N GLU A 8 0.94 0.87 7.55
CA GLU A 8 1.55 0.19 6.40
C GLU A 8 1.20 0.86 5.05
N VAL A 9 -0.03 1.39 4.90
CA VAL A 9 -0.37 2.17 3.67
C VAL A 9 0.49 3.45 3.62
N ILE A 10 0.57 4.19 4.74
CA ILE A 10 1.43 5.40 4.84
C ILE A 10 2.96 5.07 4.70
N GLU A 11 3.34 3.77 4.78
CA GLU A 11 4.72 3.33 4.49
C GLU A 11 5.04 3.36 2.97
N LEU A 12 4.27 2.63 2.13
CA LEU A 12 4.58 2.48 0.65
C LEU A 12 3.66 3.31 -0.28
N LEU A 13 2.63 3.92 0.28
CA LEU A 13 1.56 4.62 -0.47
C LEU A 13 1.53 6.11 -0.10
N GLN A 14 2.43 6.54 0.82
CA GLN A 14 2.48 7.93 1.31
C GLN A 14 2.44 8.98 0.13
N PRO A 15 3.38 8.92 -0.90
CA PRO A 15 3.36 9.90 -2.01
C PRO A 15 2.12 9.69 -2.92
N ALA A 16 1.80 8.40 -3.19
CA ALA A 16 0.74 8.01 -4.14
C ALA A 16 -0.62 8.61 -3.73
N TRP A 17 -1.03 8.36 -2.48
CA TRP A 17 -2.29 8.89 -1.90
C TRP A 17 -2.27 10.43 -1.83
N GLN A 18 -1.09 11.03 -1.60
CA GLN A 18 -0.95 12.50 -1.52
C GLN A 18 -1.03 13.19 -2.91
N LYS A 19 -0.95 12.40 -4.00
CA LYS A 19 -1.19 12.95 -5.36
C LYS A 19 -2.69 13.19 -5.62
N GLU A 20 -3.53 12.42 -4.90
CA GLU A 20 -5.01 12.54 -4.98
C GLU A 20 -5.65 12.16 -3.60
N PRO A 21 -5.42 13.02 -2.53
CA PRO A 21 -5.98 12.77 -1.16
C PRO A 21 -7.45 13.20 -1.05
N ASP A 22 -8.04 13.58 -2.20
CA ASP A 22 -9.47 13.81 -2.36
C ASP A 22 -10.28 12.54 -2.05
N PHE A 23 -9.63 11.38 -2.31
CA PHE A 23 -10.16 10.06 -2.00
C PHE A 23 -9.83 9.68 -0.54
N ASN A 24 -10.75 8.94 0.11
CA ASN A 24 -10.57 8.41 1.47
C ASN A 24 -9.55 7.23 1.47
N LEU A 25 -9.46 6.51 2.61
CA LEU A 25 -8.56 5.34 2.76
C LEU A 25 -8.96 4.25 1.74
N LEU A 26 -10.21 3.77 1.84
CA LEU A 26 -10.72 2.70 0.94
C LEU A 26 -11.05 3.24 -0.47
N GLN A 27 -11.32 4.57 -0.60
CA GLN A 27 -11.62 5.19 -1.93
C GLN A 27 -10.38 5.22 -2.84
N PHE A 28 -9.22 5.58 -2.30
CA PHE A 28 -7.95 5.54 -3.06
C PHE A 28 -7.52 4.09 -3.31
N LEU A 29 -7.85 3.22 -2.35
CA LEU A 29 -7.54 1.79 -2.41
C LEU A 29 -8.33 1.10 -3.53
N GLN A 30 -9.60 1.53 -3.73
CA GLN A 30 -10.45 1.00 -4.81
C GLN A 30 -10.07 1.63 -6.15
N LYS A 31 -9.45 2.83 -6.12
CA LYS A 31 -8.92 3.48 -7.35
C LYS A 31 -7.85 2.59 -7.98
N LEU A 32 -6.80 2.32 -7.19
CA LEU A 32 -5.63 1.55 -7.65
C LEU A 32 -6.02 0.07 -7.93
N ALA A 33 -6.98 -0.46 -7.13
CA ALA A 33 -7.47 -1.85 -7.23
C ALA A 33 -8.17 -2.09 -8.58
N LYS A 34 -9.15 -1.23 -8.88
CA LYS A 34 -9.96 -1.32 -10.13
C LYS A 34 -9.09 -1.09 -11.38
N GLU A 35 -8.05 -0.25 -11.27
CA GLU A 35 -7.08 -0.02 -12.39
C GLU A 35 -6.16 -1.24 -12.58
N SER A 36 -5.94 -2.01 -11.51
CA SER A 36 -5.17 -3.27 -11.56
C SER A 36 -6.06 -4.45 -12.03
N GLY A 37 -7.37 -4.21 -12.14
CA GLY A 37 -8.34 -5.23 -12.57
C GLY A 37 -8.64 -6.23 -11.46
N PHE A 38 -8.94 -5.69 -10.26
CA PHE A 38 -9.24 -6.48 -9.05
C PHE A 38 -10.56 -7.26 -9.22
N ASP A 39 -10.55 -8.54 -8.81
CA ASP A 39 -11.71 -9.46 -8.98
C ASP A 39 -12.89 -9.05 -8.09
N GLY A 40 -12.67 -9.04 -6.77
CA GLY A 40 -13.73 -8.76 -5.79
C GLY A 40 -13.94 -7.26 -5.56
N GLU A 41 -14.78 -6.94 -4.56
CA GLU A 41 -15.02 -5.54 -4.14
C GLU A 41 -13.93 -5.09 -3.15
N LEU A 42 -13.81 -3.77 -2.96
CA LEU A 42 -12.80 -3.17 -2.06
C LEU A 42 -12.97 -3.56 -0.56
N ALA A 43 -14.15 -4.04 -0.16
CA ALA A 43 -14.35 -4.66 1.19
C ALA A 43 -13.54 -5.96 1.31
N ASP A 44 -13.38 -6.62 0.16
CA ASP A 44 -12.63 -7.89 0.04
C ASP A 44 -11.12 -7.62 -0.22
N LEU A 45 -10.78 -6.33 -0.49
CA LEU A 45 -9.40 -5.89 -0.77
C LEU A 45 -8.52 -6.04 0.49
N THR A 46 -7.62 -7.02 0.48
CA THR A 46 -6.74 -7.32 1.62
C THR A 46 -5.47 -6.46 1.56
N ASP A 47 -4.92 -6.13 2.74
CA ASP A 47 -3.71 -5.30 2.92
C ASP A 47 -2.51 -5.84 2.13
N ASP A 48 -2.43 -7.17 2.04
CA ASP A 48 -1.40 -7.89 1.28
C ASP A 48 -1.26 -7.33 -0.16
N ILE A 49 -2.42 -7.11 -0.78
CA ILE A 49 -2.51 -6.56 -2.14
C ILE A 49 -1.91 -5.14 -2.20
N LEU A 50 -2.35 -4.26 -1.28
CA LEU A 50 -1.95 -2.84 -1.25
C LEU A 50 -0.44 -2.68 -1.06
N ILE A 51 0.09 -3.34 -0.02
CA ILE A 51 1.50 -3.24 0.37
C ILE A 51 2.39 -3.63 -0.83
N TYR A 52 2.21 -4.84 -1.36
CA TYR A 52 2.98 -5.34 -2.52
C TYR A 52 2.86 -4.40 -3.75
N HIS A 53 1.59 -4.06 -4.10
CA HIS A 53 1.25 -3.26 -5.31
C HIS A 53 1.91 -1.87 -5.31
N LEU A 54 1.86 -1.21 -4.15
CA LEU A 54 2.38 0.17 -4.00
C LEU A 54 3.90 0.14 -3.83
N LYS A 55 4.46 -0.95 -3.29
CA LYS A 55 5.91 -1.15 -3.23
C LYS A 55 6.49 -1.30 -4.63
N MET A 56 5.73 -1.92 -5.55
CA MET A 56 6.17 -2.12 -6.96
C MET A 56 6.59 -0.78 -7.60
N ARG A 57 5.82 0.31 -7.34
CA ARG A 57 6.17 1.67 -7.85
C ARG A 57 7.13 2.41 -6.90
N ASP A 58 6.97 2.20 -5.57
CA ASP A 58 7.62 3.04 -4.52
C ASP A 58 8.95 2.43 -4.03
N SER A 59 9.34 1.27 -4.59
CA SER A 59 10.65 0.64 -4.31
C SER A 59 11.72 1.17 -5.29
N ALA A 60 11.31 2.09 -6.19
CA ALA A 60 12.23 2.79 -7.12
C ALA A 60 13.36 3.53 -6.36
N LYS A 61 13.10 3.85 -5.07
CA LYS A 61 14.08 4.45 -4.16
C LYS A 61 15.23 3.45 -3.85
N ASP A 62 14.85 2.19 -3.50
CA ASP A 62 15.80 1.11 -3.15
C ASP A 62 15.38 -0.22 -3.82
N ALA A 63 15.72 -0.35 -5.11
CA ALA A 63 15.59 -1.58 -5.90
C ALA A 63 16.31 -1.41 -7.27
N VAL A 64 17.29 -2.29 -7.54
CA VAL A 64 17.96 -2.35 -8.86
C VAL A 64 17.00 -3.01 -9.88
N ILE A 65 16.06 -3.82 -9.36
CA ILE A 65 14.90 -4.33 -10.13
C ILE A 65 14.02 -3.13 -10.57
N PRO A 66 13.67 -3.03 -11.91
CA PRO A 66 12.74 -2.01 -12.44
C PRO A 66 11.44 -1.88 -11.60
N GLY A 67 11.33 -0.72 -10.90
CA GLY A 67 10.20 -0.44 -10.02
C GLY A 67 9.03 0.23 -10.75
N LEU A 68 8.60 -0.41 -11.86
CA LEU A 68 7.48 0.02 -12.76
C LEU A 68 7.82 1.27 -13.60
N GLN A 69 8.36 2.33 -12.94
CA GLN A 69 8.71 3.62 -13.58
C GLN A 69 7.44 4.31 -14.14
N LYS A 70 6.30 4.04 -13.47
CA LYS A 70 5.04 4.75 -13.71
C LYS A 70 5.11 6.08 -12.93
N ASP A 71 5.86 7.04 -13.52
CA ASP A 71 6.13 8.34 -12.90
C ASP A 71 4.99 9.32 -13.24
N TYR A 72 4.47 9.97 -12.20
CA TYR A 72 3.39 10.95 -12.29
C TYR A 72 3.56 11.96 -11.14
N GLU A 73 3.32 13.23 -11.42
CA GLU A 73 3.45 14.33 -10.45
C GLU A 73 2.47 15.44 -10.80
N GLU A 74 2.06 16.21 -9.78
CA GLU A 74 1.11 17.31 -9.93
C GLU A 74 1.74 18.48 -10.72
N ASP A 75 1.40 18.56 -12.02
CA ASP A 75 1.82 19.66 -12.92
C ASP A 75 0.94 20.93 -12.67
N PHE A 76 0.05 20.83 -11.66
CA PHE A 76 -0.74 21.96 -11.12
C PHE A 76 0.17 23.18 -10.78
N LYS A 77 1.46 22.92 -10.48
CA LYS A 77 2.49 23.97 -10.25
C LYS A 77 2.49 24.98 -11.42
N THR A 78 2.66 24.44 -12.64
CA THR A 78 2.67 25.22 -13.88
C THR A 78 1.30 25.88 -14.12
N ALA A 79 0.23 25.09 -13.93
CA ALA A 79 -1.16 25.53 -14.13
C ALA A 79 -1.54 26.71 -13.19
N LEU A 80 -0.95 26.73 -11.98
CA LEU A 80 -1.26 27.72 -10.94
C LEU A 80 -0.63 29.08 -11.27
N LEU A 81 0.71 29.10 -11.46
CA LEU A 81 1.47 30.33 -11.75
C LEU A 81 1.07 30.94 -13.11
N ARG A 82 0.61 30.07 -14.02
CA ARG A 82 0.14 30.47 -15.38
C ARG A 82 -1.29 31.05 -15.29
N ALA A 83 -2.07 30.57 -14.30
CA ALA A 83 -3.42 31.11 -14.01
C ALA A 83 -3.32 32.49 -13.32
N ARG A 84 -2.24 32.68 -12.53
CA ARG A 84 -1.98 33.93 -11.81
C ARG A 84 -1.45 35.02 -12.75
N GLY A 85 -1.98 36.24 -12.59
CA GLY A 85 -1.57 37.42 -13.37
C GLY A 85 -1.20 38.56 -12.45
N VAL A 86 -0.50 39.56 -12.97
CA VAL A 86 -0.05 40.74 -12.18
C VAL A 86 -1.18 41.79 -12.08
N ILE A 87 -1.90 41.98 -13.20
CA ILE A 87 -3.02 42.94 -13.29
C ILE A 87 -4.24 42.45 -12.48
N LYS A 88 -4.87 43.38 -11.74
CA LYS A 88 -6.11 43.11 -10.96
C LYS A 88 -7.29 43.89 -11.55
N GLU A 89 -7.00 44.69 -12.59
CA GLU A 89 -8.00 45.52 -13.30
C GLU A 89 -9.08 44.63 -13.98
N MET A 1 -5.28 6.12 16.21
CA MET A 1 -4.58 5.51 17.36
C MET A 1 -3.98 4.16 16.93
N LYS A 2 -4.84 3.10 16.85
CA LYS A 2 -4.43 1.74 16.44
C LYS A 2 -4.63 1.53 14.92
N CYS A 3 -4.42 2.62 14.16
CA CYS A 3 -4.65 2.67 12.71
C CYS A 3 -3.50 1.95 11.97
N LYS A 4 -3.50 0.61 12.06
CA LYS A 4 -2.41 -0.25 11.59
C LYS A 4 -2.29 -0.18 10.05
N ARG A 5 -3.47 -0.30 9.38
CA ARG A 5 -3.58 -0.25 7.91
C ARG A 5 -3.14 1.12 7.38
N LEU A 6 -3.38 2.16 8.18
CA LEU A 6 -3.01 3.54 7.85
C LEU A 6 -1.46 3.66 7.80
N ASN A 7 -0.77 3.06 8.80
CA ASN A 7 0.73 3.04 8.82
C ASN A 7 1.28 2.33 7.57
N GLU A 8 0.70 1.15 7.26
CA GLU A 8 1.10 0.31 6.12
C GLU A 8 1.03 1.08 4.80
N VAL A 9 -0.16 1.67 4.54
CA VAL A 9 -0.38 2.37 3.28
C VAL A 9 0.52 3.63 3.22
N ILE A 10 0.70 4.34 4.35
CA ILE A 10 1.59 5.52 4.43
C ILE A 10 3.11 5.11 4.36
N GLU A 11 3.40 3.80 4.39
CA GLU A 11 4.76 3.30 4.09
C GLU A 11 4.99 3.26 2.56
N LEU A 12 4.23 2.43 1.84
CA LEU A 12 4.50 2.13 0.39
C LEU A 12 3.67 2.97 -0.59
N LEU A 13 2.70 3.71 -0.07
CA LEU A 13 1.74 4.50 -0.88
C LEU A 13 1.83 6.00 -0.52
N GLN A 14 2.78 6.36 0.39
CA GLN A 14 2.93 7.73 0.97
C GLN A 14 2.77 8.84 -0.13
N PRO A 15 3.59 8.89 -1.24
CA PRO A 15 3.45 9.94 -2.27
C PRO A 15 2.17 9.76 -3.12
N ALA A 16 1.78 8.48 -3.36
CA ALA A 16 0.65 8.12 -4.23
C ALA A 16 -0.66 8.74 -3.74
N TRP A 17 -0.98 8.55 -2.44
CA TRP A 17 -2.20 9.13 -1.82
C TRP A 17 -2.09 10.66 -1.72
N GLN A 18 -0.87 11.18 -1.51
CA GLN A 18 -0.65 12.64 -1.39
C GLN A 18 -0.83 13.37 -2.75
N LYS A 19 -0.93 12.60 -3.85
CA LYS A 19 -1.30 13.16 -5.17
C LYS A 19 -2.80 13.57 -5.20
N GLU A 20 -3.66 12.80 -4.50
CA GLU A 20 -5.09 13.14 -4.35
C GLU A 20 -5.64 12.47 -3.06
N PRO A 21 -5.38 13.10 -1.85
CA PRO A 21 -5.79 12.55 -0.53
C PRO A 21 -7.24 12.88 -0.16
N ASP A 22 -7.99 13.47 -1.11
CA ASP A 22 -9.41 13.79 -0.95
C ASP A 22 -10.25 12.52 -0.75
N PHE A 23 -9.84 11.45 -1.45
CA PHE A 23 -10.48 10.13 -1.33
C PHE A 23 -10.18 9.49 0.03
N ASN A 24 -11.14 8.66 0.49
CA ASN A 24 -11.03 7.86 1.72
C ASN A 24 -9.91 6.81 1.57
N LEU A 25 -9.69 5.99 2.63
CA LEU A 25 -8.70 4.91 2.58
C LEU A 25 -9.12 3.89 1.49
N LEU A 26 -10.30 3.30 1.66
CA LEU A 26 -10.82 2.28 0.72
C LEU A 26 -11.23 2.88 -0.65
N GLN A 27 -11.56 4.20 -0.68
CA GLN A 27 -11.91 4.90 -1.94
C GLN A 27 -10.66 5.09 -2.84
N PHE A 28 -9.54 5.52 -2.25
CA PHE A 28 -8.27 5.64 -3.00
C PHE A 28 -7.71 4.24 -3.31
N LEU A 29 -7.98 3.30 -2.40
CA LEU A 29 -7.51 1.91 -2.51
C LEU A 29 -8.24 1.17 -3.64
N GLN A 30 -9.52 1.52 -3.90
CA GLN A 30 -10.28 0.91 -5.01
C GLN A 30 -9.90 1.56 -6.35
N LYS A 31 -9.40 2.83 -6.32
CA LYS A 31 -8.83 3.48 -7.51
C LYS A 31 -7.67 2.61 -8.08
N LEU A 32 -6.68 2.35 -7.20
CA LEU A 32 -5.46 1.61 -7.56
C LEU A 32 -5.74 0.10 -7.74
N ALA A 33 -6.73 -0.45 -6.98
CA ALA A 33 -7.07 -1.88 -7.02
C ALA A 33 -7.72 -2.25 -8.36
N LYS A 34 -8.75 -1.48 -8.74
CA LYS A 34 -9.54 -1.75 -9.95
C LYS A 34 -8.72 -1.49 -11.23
N GLU A 35 -7.76 -0.53 -11.20
CA GLU A 35 -6.84 -0.30 -12.35
C GLU A 35 -5.76 -1.41 -12.43
N SER A 36 -5.47 -2.06 -11.28
CA SER A 36 -4.63 -3.28 -11.23
C SER A 36 -5.41 -4.52 -11.75
N GLY A 37 -6.75 -4.44 -11.67
CA GLY A 37 -7.64 -5.50 -12.16
C GLY A 37 -8.13 -6.43 -11.05
N PHE A 38 -8.43 -5.83 -9.88
CA PHE A 38 -8.94 -6.56 -8.70
C PHE A 38 -10.37 -7.08 -8.98
N ASP A 39 -10.51 -8.42 -8.98
CA ASP A 39 -11.78 -9.12 -9.34
C ASP A 39 -12.89 -8.84 -8.32
N GLY A 40 -12.52 -8.87 -7.02
CA GLY A 40 -13.47 -8.66 -5.94
C GLY A 40 -13.84 -7.20 -5.72
N GLU A 41 -14.69 -6.96 -4.70
CA GLU A 41 -15.06 -5.61 -4.27
C GLU A 41 -14.04 -5.09 -3.23
N LEU A 42 -13.92 -3.76 -3.14
CA LEU A 42 -12.94 -3.10 -2.26
C LEU A 42 -13.17 -3.38 -0.77
N ALA A 43 -14.38 -3.81 -0.40
CA ALA A 43 -14.70 -4.24 0.98
C ALA A 43 -13.89 -5.50 1.35
N ASP A 44 -13.61 -6.34 0.35
CA ASP A 44 -12.85 -7.60 0.50
C ASP A 44 -11.40 -7.42 -0.03
N LEU A 45 -10.97 -6.13 -0.14
CA LEU A 45 -9.63 -5.79 -0.61
C LEU A 45 -8.61 -6.14 0.47
N THR A 46 -7.82 -7.18 0.20
CA THR A 46 -6.91 -7.80 1.14
C THR A 46 -5.64 -6.94 1.32
N ASP A 47 -5.13 -6.86 2.55
CA ASP A 47 -4.04 -5.94 2.95
C ASP A 47 -2.77 -6.17 2.12
N ASP A 48 -2.41 -7.45 1.93
CA ASP A 48 -1.18 -7.86 1.22
C ASP A 48 -1.16 -7.33 -0.24
N ILE A 49 -2.35 -7.17 -0.82
CA ILE A 49 -2.51 -6.63 -2.19
C ILE A 49 -2.05 -5.16 -2.25
N LEU A 50 -2.48 -4.35 -1.26
CA LEU A 50 -2.09 -2.92 -1.19
C LEU A 50 -0.59 -2.78 -0.98
N ILE A 51 -0.08 -3.53 0.00
CA ILE A 51 1.34 -3.53 0.34
C ILE A 51 2.19 -3.91 -0.90
N TYR A 52 1.95 -5.10 -1.48
CA TYR A 52 2.67 -5.62 -2.67
C TYR A 52 2.70 -4.62 -3.85
N HIS A 53 1.49 -4.20 -4.30
CA HIS A 53 1.31 -3.39 -5.53
C HIS A 53 1.98 -2.00 -5.40
N LEU A 54 1.83 -1.40 -4.23
CA LEU A 54 2.32 -0.04 -3.98
C LEU A 54 3.83 -0.04 -3.71
N LYS A 55 4.37 -1.17 -3.22
CA LYS A 55 5.83 -1.37 -3.09
C LYS A 55 6.49 -1.40 -4.47
N MET A 56 5.81 -2.04 -5.46
CA MET A 56 6.31 -2.12 -6.85
C MET A 56 6.53 -0.70 -7.43
N ARG A 57 5.48 0.15 -7.34
CA ARG A 57 5.51 1.52 -7.88
C ARG A 57 6.42 2.45 -7.02
N ASP A 58 6.59 2.11 -5.72
CA ASP A 58 7.44 2.92 -4.80
C ASP A 58 8.93 2.59 -5.01
N SER A 59 9.19 1.37 -5.50
CA SER A 59 10.55 0.87 -5.83
C SER A 59 10.83 1.02 -7.35
N ALA A 60 10.07 1.93 -8.01
CA ALA A 60 10.21 2.23 -9.45
C ALA A 60 11.67 2.59 -9.81
N LYS A 61 12.17 1.99 -10.90
CA LYS A 61 13.55 2.16 -11.38
C LYS A 61 13.77 3.63 -11.81
N ASP A 62 14.88 4.22 -11.31
CA ASP A 62 15.28 5.61 -11.59
C ASP A 62 14.20 6.60 -11.16
N ALA A 63 14.12 6.83 -9.84
CA ALA A 63 13.16 7.73 -9.22
C ALA A 63 13.88 8.61 -8.19
N VAL A 64 14.36 9.78 -8.65
CA VAL A 64 15.02 10.78 -7.78
C VAL A 64 13.97 11.55 -6.95
N ILE A 65 12.68 11.35 -7.32
CA ILE A 65 11.50 11.90 -6.63
C ILE A 65 11.47 11.43 -5.15
N PRO A 66 11.63 12.37 -4.15
CA PRO A 66 11.46 12.05 -2.72
C PRO A 66 10.01 11.65 -2.40
N GLY A 67 9.75 10.33 -2.39
CA GLY A 67 8.43 9.80 -2.10
C GLY A 67 8.09 9.92 -0.63
N LEU A 68 8.90 9.25 0.20
CA LEU A 68 8.81 9.35 1.67
C LEU A 68 9.77 10.46 2.14
N GLN A 69 9.26 11.68 2.23
CA GLN A 69 9.99 12.83 2.78
C GLN A 69 9.44 13.13 4.19
N LYS A 70 10.34 13.08 5.20
CA LYS A 70 10.00 13.38 6.60
C LYS A 70 9.48 14.82 6.74
N ASP A 71 8.17 14.95 6.98
CA ASP A 71 7.52 16.25 7.20
C ASP A 71 7.76 16.67 8.67
N TYR A 72 8.15 17.92 8.87
CA TYR A 72 8.42 18.48 10.21
C TYR A 72 7.15 19.15 10.76
N GLU A 73 6.84 18.86 12.03
CA GLU A 73 5.68 19.45 12.74
C GLU A 73 6.16 20.58 13.66
N GLU A 74 5.19 21.29 14.25
CA GLU A 74 5.42 22.38 15.21
C GLU A 74 4.38 22.31 16.34
N ASP A 75 4.80 22.66 17.56
CA ASP A 75 3.89 22.69 18.72
C ASP A 75 4.39 23.74 19.72
N PHE A 76 3.96 24.97 19.51
CA PHE A 76 4.23 26.09 20.41
C PHE A 76 3.25 26.08 21.59
N LYS A 77 2.02 25.58 21.32
CA LYS A 77 0.87 25.65 22.25
C LYS A 77 1.19 24.99 23.62
N THR A 78 1.80 23.79 23.59
CA THR A 78 2.19 23.07 24.83
C THR A 78 3.26 23.85 25.61
N ALA A 79 4.23 24.40 24.86
CA ALA A 79 5.34 25.20 25.44
C ALA A 79 4.80 26.51 26.06
N LEU A 80 3.70 27.04 25.47
CA LEU A 80 3.03 28.28 25.95
C LEU A 80 2.28 28.04 27.26
N LEU A 81 1.47 26.94 27.33
CA LEU A 81 0.66 26.63 28.53
C LEU A 81 1.53 26.17 29.71
N ARG A 82 2.75 25.67 29.40
CA ARG A 82 3.75 25.32 30.43
C ARG A 82 4.51 26.58 30.89
N ALA A 83 4.82 27.48 29.94
CA ALA A 83 5.46 28.78 30.24
C ALA A 83 4.52 29.68 31.08
N ARG A 84 3.22 29.37 31.05
CA ARG A 84 2.18 30.10 31.80
C ARG A 84 2.29 29.86 33.33
N GLY A 85 3.04 28.81 33.74
CA GLY A 85 3.22 28.48 35.15
C GLY A 85 4.05 29.51 35.92
N VAL A 86 5.38 29.25 36.00
CA VAL A 86 6.38 30.14 36.68
C VAL A 86 5.99 30.38 38.16
N ILE A 87 6.46 29.50 39.07
CA ILE A 87 6.19 29.63 40.51
C ILE A 87 7.22 30.60 41.15
N LYS A 88 6.72 31.57 41.94
CA LYS A 88 7.55 32.61 42.60
C LYS A 88 7.71 32.27 44.09
N GLU A 89 8.69 31.42 44.41
CA GLU A 89 8.96 30.97 45.80
C GLU A 89 10.28 31.61 46.28
N MET A 1 -7.03 -1.58 18.49
CA MET A 1 -5.57 -1.78 18.37
C MET A 1 -4.95 -0.57 17.65
N LYS A 2 -3.67 -0.70 17.27
CA LYS A 2 -3.00 0.24 16.35
C LYS A 2 -3.56 0.03 14.93
N CYS A 3 -3.77 1.14 14.21
CA CYS A 3 -4.25 1.11 12.82
C CYS A 3 -3.09 0.69 11.89
N LYS A 4 -2.83 -0.64 11.86
CA LYS A 4 -1.70 -1.21 11.09
C LYS A 4 -1.83 -0.84 9.60
N ARG A 5 -3.10 -0.82 9.10
CA ARG A 5 -3.43 -0.49 7.71
C ARG A 5 -2.90 0.89 7.36
N LEU A 6 -3.20 1.88 8.24
CA LEU A 6 -2.80 3.28 8.03
C LEU A 6 -1.27 3.40 7.98
N ASN A 7 -0.59 2.69 8.90
CA ASN A 7 0.89 2.67 8.96
C ASN A 7 1.50 2.17 7.64
N GLU A 8 1.08 0.97 7.21
CA GLU A 8 1.69 0.25 6.07
C GLU A 8 1.31 0.88 4.71
N VAL A 9 0.09 1.43 4.59
CA VAL A 9 -0.28 2.19 3.36
C VAL A 9 0.53 3.51 3.30
N ILE A 10 0.72 4.19 4.44
CA ILE A 10 1.58 5.41 4.52
C ILE A 10 3.10 5.05 4.42
N GLU A 11 3.43 3.74 4.40
CA GLU A 11 4.80 3.28 4.08
C GLU A 11 5.07 3.38 2.55
N LEU A 12 4.29 2.64 1.72
CA LEU A 12 4.58 2.49 0.25
C LEU A 12 3.65 3.34 -0.66
N LEU A 13 2.52 3.78 -0.12
CA LEU A 13 1.47 4.54 -0.85
C LEU A 13 1.48 6.01 -0.45
N GLN A 14 2.41 6.41 0.47
CA GLN A 14 2.50 7.79 1.01
C GLN A 14 2.40 8.86 -0.13
N PRO A 15 3.30 8.84 -1.19
CA PRO A 15 3.27 9.86 -2.26
C PRO A 15 2.00 9.73 -3.13
N ALA A 16 1.56 8.49 -3.37
CA ALA A 16 0.39 8.18 -4.22
C ALA A 16 -0.88 8.84 -3.65
N TRP A 17 -1.12 8.65 -2.35
CA TRP A 17 -2.27 9.26 -1.64
C TRP A 17 -2.02 10.77 -1.37
N GLN A 18 -0.75 11.22 -1.46
CA GLN A 18 -0.41 12.67 -1.41
C GLN A 18 -0.69 13.39 -2.74
N LYS A 19 -0.94 12.61 -3.81
CA LYS A 19 -1.36 13.18 -5.10
C LYS A 19 -2.80 13.72 -4.99
N GLU A 20 -3.67 12.97 -4.27
CA GLU A 20 -5.01 13.43 -3.91
C GLU A 20 -5.52 12.65 -2.67
N PRO A 21 -5.34 13.22 -1.43
CA PRO A 21 -5.89 12.63 -0.18
C PRO A 21 -7.39 12.95 0.03
N ASP A 22 -8.04 13.57 -0.99
CA ASP A 22 -9.49 13.78 -0.99
C ASP A 22 -10.22 12.42 -1.10
N PHE A 23 -9.62 11.48 -1.85
CA PHE A 23 -10.04 10.08 -1.85
C PHE A 23 -9.94 9.52 -0.42
N ASN A 24 -10.98 8.83 0.05
CA ASN A 24 -10.97 8.17 1.37
C ASN A 24 -10.04 6.95 1.36
N LEU A 25 -9.88 6.28 2.52
CA LEU A 25 -8.95 5.13 2.67
C LEU A 25 -9.35 4.01 1.67
N LEU A 26 -10.60 3.54 1.75
CA LEU A 26 -11.12 2.49 0.83
C LEU A 26 -11.32 3.03 -0.61
N GLN A 27 -11.54 4.36 -0.76
CA GLN A 27 -11.81 4.97 -2.09
C GLN A 27 -10.54 4.99 -2.97
N PHE A 28 -9.43 5.50 -2.43
CA PHE A 28 -8.15 5.54 -3.17
C PHE A 28 -7.66 4.12 -3.48
N LEU A 29 -7.93 3.23 -2.53
CA LEU A 29 -7.56 1.81 -2.61
C LEU A 29 -8.31 1.09 -3.73
N GLN A 30 -9.63 1.36 -3.87
CA GLN A 30 -10.44 0.72 -4.93
C GLN A 30 -10.08 1.30 -6.31
N LYS A 31 -9.65 2.59 -6.33
CA LYS A 31 -9.17 3.24 -7.57
C LYS A 31 -8.00 2.43 -8.17
N LEU A 32 -6.95 2.27 -7.36
CA LEU A 32 -5.71 1.60 -7.80
C LEU A 32 -5.95 0.08 -7.98
N ALA A 33 -6.84 -0.50 -7.16
CA ALA A 33 -7.14 -1.96 -7.16
C ALA A 33 -7.80 -2.37 -8.48
N LYS A 34 -8.86 -1.65 -8.85
CA LYS A 34 -9.60 -1.90 -10.11
C LYS A 34 -8.72 -1.60 -11.35
N GLU A 35 -7.73 -0.69 -11.21
CA GLU A 35 -6.69 -0.45 -12.24
C GLU A 35 -5.68 -1.63 -12.31
N SER A 36 -5.41 -2.26 -11.16
CA SER A 36 -4.52 -3.44 -11.05
C SER A 36 -5.21 -4.70 -11.63
N GLY A 37 -6.55 -4.67 -11.70
CA GLY A 37 -7.33 -5.79 -12.25
C GLY A 37 -8.00 -6.64 -11.18
N PHE A 38 -8.04 -6.13 -9.93
CA PHE A 38 -8.71 -6.78 -8.79
C PHE A 38 -10.22 -6.91 -9.10
N ASP A 39 -10.68 -8.16 -9.33
CA ASP A 39 -12.06 -8.47 -9.72
C ASP A 39 -12.97 -8.73 -8.50
N GLY A 40 -12.36 -8.78 -7.30
CA GLY A 40 -13.13 -8.78 -6.04
C GLY A 40 -13.62 -7.38 -5.70
N GLU A 41 -14.45 -7.26 -4.65
CA GLU A 41 -14.97 -5.95 -4.20
C GLU A 41 -14.01 -5.35 -3.16
N LEU A 42 -14.01 -4.01 -3.03
CA LEU A 42 -13.09 -3.28 -2.13
C LEU A 42 -13.40 -3.53 -0.64
N ALA A 43 -14.64 -3.92 -0.34
CA ALA A 43 -15.04 -4.34 1.03
C ALA A 43 -14.26 -5.59 1.47
N ASP A 44 -13.85 -6.38 0.47
CA ASP A 44 -13.05 -7.61 0.68
C ASP A 44 -11.53 -7.32 0.57
N LEU A 45 -11.18 -6.19 -0.11
CA LEU A 45 -9.79 -5.81 -0.45
C LEU A 45 -8.85 -5.81 0.78
N THR A 46 -7.92 -6.79 0.82
CA THR A 46 -6.99 -6.98 1.93
C THR A 46 -5.72 -6.13 1.74
N ASP A 47 -5.20 -5.58 2.85
CA ASP A 47 -3.99 -4.71 2.90
C ASP A 47 -2.79 -5.35 2.18
N ASP A 48 -2.69 -6.68 2.25
CA ASP A 48 -1.64 -7.49 1.57
C ASP A 48 -1.52 -7.14 0.08
N ILE A 49 -2.68 -7.02 -0.58
CA ILE A 49 -2.77 -6.68 -2.01
C ILE A 49 -2.22 -5.26 -2.28
N LEU A 50 -2.69 -4.28 -1.48
CA LEU A 50 -2.30 -2.86 -1.64
C LEU A 50 -0.79 -2.69 -1.48
N ILE A 51 -0.28 -3.18 -0.35
CA ILE A 51 1.12 -3.01 0.05
C ILE A 51 2.06 -3.52 -1.04
N TYR A 52 1.87 -4.78 -1.46
CA TYR A 52 2.68 -5.41 -2.52
C TYR A 52 2.67 -4.59 -3.84
N HIS A 53 1.46 -4.12 -4.25
CA HIS A 53 1.26 -3.40 -5.53
C HIS A 53 1.99 -2.04 -5.53
N LEU A 54 1.80 -1.25 -4.46
CA LEU A 54 2.42 0.08 -4.31
C LEU A 54 3.92 -0.06 -4.01
N LYS A 55 4.33 -1.21 -3.48
CA LYS A 55 5.73 -1.49 -3.17
C LYS A 55 6.55 -1.74 -4.45
N MET A 56 5.87 -2.21 -5.51
CA MET A 56 6.47 -2.36 -6.85
C MET A 56 6.95 -0.99 -7.42
N ARG A 57 6.18 0.10 -7.15
CA ARG A 57 6.58 1.47 -7.55
C ARG A 57 7.47 2.15 -6.47
N ASP A 58 7.25 1.78 -5.19
CA ASP A 58 7.97 2.38 -4.04
C ASP A 58 9.39 1.80 -3.89
N SER A 59 9.66 0.71 -4.64
CA SER A 59 10.97 0.06 -4.69
C SER A 59 12.05 0.97 -5.33
N ALA A 60 11.59 2.07 -6.01
CA ALA A 60 12.41 3.07 -6.74
C ALA A 60 12.84 2.57 -8.11
N LYS A 61 13.38 3.49 -8.95
CA LYS A 61 13.95 3.14 -10.27
C LYS A 61 15.12 2.15 -10.08
N ASP A 62 15.91 2.38 -9.03
CA ASP A 62 16.82 1.38 -8.49
C ASP A 62 15.97 0.44 -7.62
N ALA A 63 15.52 -0.68 -8.22
CA ALA A 63 14.61 -1.63 -7.55
C ALA A 63 15.29 -2.24 -6.29
N VAL A 64 14.73 -1.94 -5.10
CA VAL A 64 15.22 -2.49 -3.82
C VAL A 64 15.01 -4.02 -3.77
N ILE A 65 13.94 -4.47 -4.45
CA ILE A 65 13.59 -5.88 -4.59
C ILE A 65 14.13 -6.43 -5.92
N PRO A 66 14.83 -7.60 -5.90
CA PRO A 66 15.27 -8.31 -7.12
C PRO A 66 14.21 -9.34 -7.61
N GLY A 67 12.94 -9.10 -7.23
CA GLY A 67 11.85 -10.03 -7.51
C GLY A 67 11.78 -11.13 -6.46
N LEU A 68 10.64 -11.21 -5.74
CA LEU A 68 10.42 -12.21 -4.68
C LEU A 68 10.01 -13.54 -5.32
N GLN A 69 11.02 -14.38 -5.65
CA GLN A 69 10.82 -15.69 -6.29
C GLN A 69 10.40 -16.72 -5.22
N LYS A 70 9.08 -16.82 -5.00
CA LYS A 70 8.49 -17.74 -4.01
C LYS A 70 7.58 -18.74 -4.74
N ASP A 71 8.14 -19.87 -5.15
CA ASP A 71 7.40 -20.96 -5.83
C ASP A 71 7.88 -22.32 -5.30
N TYR A 72 6.97 -23.30 -5.32
CA TYR A 72 7.18 -24.62 -4.69
C TYR A 72 6.86 -25.75 -5.68
N GLU A 73 7.92 -26.35 -6.22
CA GLU A 73 7.83 -27.54 -7.08
C GLU A 73 7.91 -28.80 -6.20
N GLU A 74 6.90 -29.66 -6.31
CA GLU A 74 6.77 -30.88 -5.49
C GLU A 74 7.28 -32.10 -6.26
N ASP A 75 7.89 -33.04 -5.51
CA ASP A 75 8.37 -34.34 -6.04
C ASP A 75 7.96 -35.47 -5.08
N PHE A 76 7.02 -35.17 -4.15
CA PHE A 76 6.54 -36.13 -3.13
C PHE A 76 5.86 -37.35 -3.79
N LYS A 77 5.04 -37.05 -4.81
CA LYS A 77 4.29 -38.08 -5.56
C LYS A 77 5.26 -39.06 -6.22
N THR A 78 6.34 -38.51 -6.82
CA THR A 78 7.38 -39.30 -7.48
C THR A 78 8.15 -40.16 -6.46
N ALA A 79 8.54 -39.54 -5.34
CA ALA A 79 9.32 -40.19 -4.26
C ALA A 79 8.50 -41.29 -3.56
N LEU A 80 7.17 -41.10 -3.54
CA LEU A 80 6.23 -42.04 -2.89
C LEU A 80 6.19 -43.36 -3.68
N LEU A 81 6.06 -43.25 -5.03
CA LEU A 81 6.04 -44.43 -5.92
C LEU A 81 7.46 -44.97 -6.21
N ARG A 82 8.48 -44.13 -5.98
CA ARG A 82 9.91 -44.48 -6.20
C ARG A 82 10.42 -45.39 -5.08
N ALA A 83 10.02 -45.06 -3.84
CA ALA A 83 10.28 -45.89 -2.65
C ALA A 83 9.28 -47.06 -2.62
N ARG A 84 8.00 -46.73 -2.93
CA ARG A 84 6.89 -47.69 -3.15
C ARG A 84 6.47 -48.42 -1.84
N GLY A 85 5.16 -48.78 -1.77
CA GLY A 85 4.61 -49.53 -0.63
C GLY A 85 5.07 -50.98 -0.62
N VAL A 86 6.30 -51.20 -0.13
CA VAL A 86 6.90 -52.54 -0.01
C VAL A 86 6.33 -53.23 1.25
N ILE A 87 5.22 -53.95 1.06
CA ILE A 87 4.46 -54.56 2.17
C ILE A 87 5.06 -55.95 2.53
N LYS A 88 5.74 -56.03 3.70
CA LYS A 88 6.26 -57.29 4.30
C LYS A 88 7.31 -57.98 3.38
N GLU A 89 7.46 -59.33 3.51
CA GLU A 89 8.41 -60.12 2.73
C GLU A 89 7.88 -60.32 1.28
N MET A 1 1.62 4.15 17.29
CA MET A 1 0.39 4.39 16.49
C MET A 1 -0.39 3.08 16.31
N LYS A 2 -1.63 3.03 16.83
CA LYS A 2 -2.52 1.85 16.74
C LYS A 2 -3.29 1.82 15.40
N CYS A 3 -3.14 2.90 14.61
CA CYS A 3 -3.73 2.98 13.26
C CYS A 3 -2.95 2.05 12.30
N LYS A 4 -3.38 0.77 12.25
CA LYS A 4 -2.61 -0.32 11.60
C LYS A 4 -2.66 -0.22 10.06
N ARG A 5 -3.87 -0.09 9.51
CA ARG A 5 -4.10 0.00 8.04
C ARG A 5 -3.48 1.30 7.51
N LEU A 6 -3.70 2.38 8.29
CA LEU A 6 -3.22 3.73 7.98
C LEU A 6 -1.66 3.74 7.98
N ASN A 7 -1.04 3.01 8.92
CA ASN A 7 0.44 2.92 9.03
C ASN A 7 1.05 2.37 7.72
N GLU A 8 0.67 1.11 7.40
CA GLU A 8 1.29 0.33 6.30
C GLU A 8 1.03 0.95 4.91
N VAL A 9 -0.15 1.56 4.72
CA VAL A 9 -0.43 2.28 3.47
C VAL A 9 0.44 3.57 3.39
N ILE A 10 0.60 4.30 4.50
CA ILE A 10 1.49 5.52 4.53
C ILE A 10 3.01 5.10 4.51
N GLU A 11 3.30 3.80 4.56
CA GLU A 11 4.67 3.28 4.33
C GLU A 11 5.02 3.25 2.82
N LEU A 12 4.24 2.52 2.00
CA LEU A 12 4.57 2.32 0.53
C LEU A 12 3.72 3.21 -0.42
N LEU A 13 2.53 3.57 0.03
CA LEU A 13 1.53 4.36 -0.76
C LEU A 13 1.63 5.87 -0.48
N GLN A 14 2.59 6.26 0.41
CA GLN A 14 2.72 7.67 0.90
C GLN A 14 2.61 8.72 -0.26
N PRO A 15 3.48 8.67 -1.36
CA PRO A 15 3.41 9.65 -2.47
C PRO A 15 2.12 9.53 -3.28
N ALA A 16 1.63 8.27 -3.44
CA ALA A 16 0.45 7.95 -4.24
C ALA A 16 -0.81 8.67 -3.68
N TRP A 17 -1.07 8.50 -2.37
CA TRP A 17 -2.24 9.12 -1.72
C TRP A 17 -2.06 10.64 -1.56
N GLN A 18 -0.80 11.12 -1.57
CA GLN A 18 -0.53 12.58 -1.56
C GLN A 18 -0.97 13.25 -2.87
N LYS A 19 -1.04 12.45 -3.96
CA LYS A 19 -1.55 12.93 -5.26
C LYS A 19 -3.05 13.31 -5.19
N GLU A 20 -3.84 12.59 -4.34
CA GLU A 20 -5.22 12.97 -4.04
C GLU A 20 -5.69 12.31 -2.71
N PRO A 21 -5.47 13.00 -1.54
CA PRO A 21 -5.91 12.48 -0.21
C PRO A 21 -7.39 12.76 0.13
N ASP A 22 -8.15 13.37 -0.81
CA ASP A 22 -9.61 13.57 -0.64
C ASP A 22 -10.39 12.25 -0.82
N PHE A 23 -9.78 11.26 -1.50
CA PHE A 23 -10.29 9.89 -1.48
C PHE A 23 -10.09 9.29 -0.09
N ASN A 24 -11.12 8.59 0.41
CA ASN A 24 -11.07 7.89 1.73
C ASN A 24 -10.09 6.70 1.67
N LEU A 25 -9.95 5.98 2.81
CA LEU A 25 -8.97 4.89 2.96
C LEU A 25 -9.22 3.81 1.90
N LEU A 26 -10.43 3.24 1.89
CA LEU A 26 -10.82 2.17 0.94
C LEU A 26 -11.07 2.75 -0.48
N GLN A 27 -11.43 4.04 -0.58
CA GLN A 27 -11.80 4.68 -1.88
C GLN A 27 -10.57 4.86 -2.79
N PHE A 28 -9.48 5.40 -2.25
CA PHE A 28 -8.22 5.57 -3.01
C PHE A 28 -7.64 4.19 -3.38
N LEU A 29 -7.80 3.28 -2.45
CA LEU A 29 -7.36 1.89 -2.58
C LEU A 29 -8.11 1.16 -3.72
N GLN A 30 -9.42 1.46 -3.90
CA GLN A 30 -10.24 0.83 -4.96
C GLN A 30 -9.82 1.38 -6.33
N LYS A 31 -9.39 2.66 -6.36
CA LYS A 31 -8.89 3.31 -7.59
C LYS A 31 -7.69 2.52 -8.14
N LEU A 32 -6.64 2.38 -7.31
CA LEU A 32 -5.38 1.75 -7.71
C LEU A 32 -5.52 0.22 -7.86
N ALA A 33 -6.48 -0.39 -7.14
CA ALA A 33 -6.70 -1.85 -7.15
C ALA A 33 -7.44 -2.30 -8.42
N LYS A 34 -8.66 -1.76 -8.61
CA LYS A 34 -9.56 -2.18 -9.70
C LYS A 34 -9.02 -1.79 -11.08
N GLU A 35 -8.24 -0.69 -11.16
CA GLU A 35 -7.55 -0.30 -12.42
C GLU A 35 -6.37 -1.25 -12.73
N SER A 36 -5.86 -1.94 -11.70
CA SER A 36 -4.86 -3.03 -11.83
C SER A 36 -5.54 -4.38 -12.11
N GLY A 37 -6.88 -4.38 -12.20
CA GLY A 37 -7.65 -5.57 -12.56
C GLY A 37 -7.96 -6.46 -11.37
N PHE A 38 -7.97 -5.87 -10.15
CA PHE A 38 -8.41 -6.56 -8.92
C PHE A 38 -9.86 -7.04 -9.09
N ASP A 39 -10.02 -8.35 -9.23
CA ASP A 39 -11.33 -8.98 -9.44
C ASP A 39 -11.98 -9.22 -8.08
N GLY A 40 -12.66 -8.18 -7.59
CA GLY A 40 -13.35 -8.21 -6.31
C GLY A 40 -13.83 -6.82 -5.90
N GLU A 41 -14.31 -6.71 -4.66
CA GLU A 41 -14.80 -5.43 -4.09
C GLU A 41 -13.78 -4.91 -3.06
N LEU A 42 -13.72 -3.58 -2.94
CA LEU A 42 -12.81 -2.87 -2.01
C LEU A 42 -13.09 -3.17 -0.53
N ALA A 43 -14.35 -3.56 -0.21
CA ALA A 43 -14.74 -3.98 1.16
C ALA A 43 -13.95 -5.21 1.61
N ASP A 44 -13.57 -6.05 0.64
CA ASP A 44 -12.84 -7.31 0.86
C ASP A 44 -11.35 -7.18 0.45
N LEU A 45 -10.98 -5.98 -0.09
CA LEU A 45 -9.60 -5.68 -0.55
C LEU A 45 -8.60 -5.86 0.61
N THR A 46 -7.83 -6.96 0.56
CA THR A 46 -6.86 -7.31 1.61
C THR A 46 -5.62 -6.40 1.52
N ASP A 47 -5.11 -6.00 2.70
CA ASP A 47 -3.92 -5.11 2.84
C ASP A 47 -2.70 -5.66 2.06
N ASP A 48 -2.61 -7.00 2.00
CA ASP A 48 -1.55 -7.74 1.27
C ASP A 48 -1.41 -7.27 -0.20
N ILE A 49 -2.57 -7.00 -0.85
CA ILE A 49 -2.61 -6.52 -2.25
C ILE A 49 -2.01 -5.10 -2.36
N LEU A 50 -2.31 -4.24 -1.38
CA LEU A 50 -1.86 -2.83 -1.38
C LEU A 50 -0.33 -2.74 -1.17
N ILE A 51 0.17 -3.46 -0.16
CA ILE A 51 1.61 -3.50 0.17
C ILE A 51 2.42 -3.95 -1.07
N TYR A 52 1.98 -5.05 -1.70
CA TYR A 52 2.61 -5.60 -2.92
C TYR A 52 2.57 -4.59 -4.09
N HIS A 53 1.34 -4.10 -4.38
CA HIS A 53 1.02 -3.22 -5.54
C HIS A 53 1.89 -1.95 -5.54
N LEU A 54 1.91 -1.28 -4.38
CA LEU A 54 2.59 0.00 -4.22
C LEU A 54 4.11 -0.16 -4.09
N LYS A 55 4.58 -1.30 -3.57
CA LYS A 55 6.03 -1.59 -3.45
C LYS A 55 6.66 -1.90 -4.82
N MET A 56 5.85 -2.41 -5.77
CA MET A 56 6.32 -2.66 -7.15
C MET A 56 6.72 -1.34 -7.85
N ARG A 57 5.96 -0.25 -7.60
CA ARG A 57 6.25 1.07 -8.21
C ARG A 57 7.27 1.89 -7.38
N ASP A 58 7.05 1.90 -6.05
CA ASP A 58 7.76 2.81 -5.13
C ASP A 58 9.13 2.22 -4.77
N SER A 59 9.10 0.98 -4.26
CA SER A 59 10.29 0.32 -3.68
C SER A 59 11.07 -0.46 -4.77
N ALA A 60 10.80 -0.16 -6.05
CA ALA A 60 11.59 -0.68 -7.19
C ALA A 60 13.03 -0.12 -7.14
N LYS A 61 13.15 1.11 -6.64
CA LYS A 61 14.44 1.80 -6.44
C LYS A 61 14.84 1.68 -4.96
N ASP A 62 16.18 1.61 -4.72
CA ASP A 62 16.82 1.65 -3.38
C ASP A 62 16.59 0.38 -2.54
N ALA A 63 15.81 -0.58 -3.05
CA ALA A 63 15.61 -1.90 -2.42
C ALA A 63 16.54 -2.94 -3.08
N VAL A 64 16.67 -4.10 -2.43
CA VAL A 64 17.55 -5.19 -2.88
C VAL A 64 16.77 -6.10 -3.86
N ILE A 65 16.40 -5.52 -5.02
CA ILE A 65 15.73 -6.22 -6.12
C ILE A 65 16.77 -6.50 -7.23
N PRO A 66 17.13 -7.80 -7.49
CA PRO A 66 18.11 -8.16 -8.55
C PRO A 66 17.47 -8.30 -9.95
N GLY A 67 16.17 -7.95 -10.06
CA GLY A 67 15.40 -8.12 -11.30
C GLY A 67 15.07 -9.59 -11.56
N LEU A 68 13.88 -10.02 -11.11
CA LEU A 68 13.46 -11.44 -11.21
C LEU A 68 12.94 -11.75 -12.62
N GLN A 69 12.92 -13.05 -12.98
CA GLN A 69 12.51 -13.53 -14.32
C GLN A 69 10.98 -13.54 -14.51
N LYS A 70 10.24 -13.33 -13.38
CA LYS A 70 8.77 -13.18 -13.39
C LYS A 70 8.35 -11.84 -14.06
N ASP A 71 9.31 -10.89 -14.11
CA ASP A 71 9.11 -9.59 -14.78
C ASP A 71 9.19 -9.76 -16.31
N TYR A 72 8.06 -10.13 -16.91
CA TYR A 72 7.92 -10.22 -18.38
C TYR A 72 6.75 -9.32 -18.78
N GLU A 73 6.96 -8.01 -18.59
CA GLU A 73 5.93 -6.98 -18.83
C GLU A 73 6.25 -6.24 -20.16
N GLU A 74 7.22 -6.76 -20.94
CA GLU A 74 7.54 -6.26 -22.28
C GLU A 74 6.36 -6.53 -23.25
N ASP A 75 5.77 -5.46 -23.78
CA ASP A 75 4.60 -5.52 -24.69
C ASP A 75 4.75 -4.52 -25.86
N PHE A 76 6.01 -4.05 -26.04
CA PHE A 76 6.40 -3.10 -27.10
C PHE A 76 5.94 -3.56 -28.50
N LYS A 77 6.08 -4.87 -28.77
CA LYS A 77 5.76 -5.46 -30.09
C LYS A 77 4.26 -5.27 -30.43
N THR A 78 3.39 -5.52 -29.43
CA THR A 78 1.94 -5.39 -29.58
C THR A 78 1.54 -3.93 -29.89
N ALA A 79 2.21 -2.98 -29.20
CA ALA A 79 1.99 -1.53 -29.39
C ALA A 79 2.35 -1.09 -30.82
N LEU A 80 3.46 -1.64 -31.35
CA LEU A 80 3.99 -1.28 -32.69
C LEU A 80 3.18 -1.93 -33.84
N LEU A 81 2.57 -3.11 -33.60
CA LEU A 81 1.67 -3.74 -34.62
C LEU A 81 0.26 -3.12 -34.57
N ARG A 82 -0.08 -2.45 -33.46
CA ARG A 82 -1.31 -1.62 -33.38
C ARG A 82 -1.03 -0.21 -33.94
N ALA A 83 0.26 0.17 -34.00
CA ALA A 83 0.70 1.47 -34.54
C ALA A 83 0.70 1.47 -36.08
N ARG A 84 1.47 0.54 -36.68
CA ARG A 84 1.62 0.40 -38.15
C ARG A 84 0.76 -0.77 -38.68
N GLY A 85 0.92 -1.96 -38.07
CA GLY A 85 0.24 -3.18 -38.52
C GLY A 85 1.08 -3.99 -39.47
N VAL A 86 1.33 -3.40 -40.67
CA VAL A 86 2.10 -4.02 -41.78
C VAL A 86 1.37 -5.30 -42.30
N ILE A 87 0.63 -5.13 -43.42
CA ILE A 87 -0.25 -6.18 -43.98
C ILE A 87 0.52 -7.42 -44.50
N LYS A 88 -0.21 -8.54 -44.66
CA LYS A 88 0.34 -9.83 -45.10
C LYS A 88 0.77 -9.79 -46.60
N GLU A 89 2.01 -9.39 -46.85
CA GLU A 89 2.63 -9.42 -48.20
C GLU A 89 3.86 -10.35 -48.14
N MET A 1 -5.88 0.26 20.60
CA MET A 1 -5.82 0.35 19.13
C MET A 1 -4.49 0.99 18.68
N LYS A 2 -3.70 0.23 17.92
CA LYS A 2 -2.46 0.71 17.30
C LYS A 2 -2.72 1.00 15.82
N CYS A 3 -2.18 2.11 15.32
CA CYS A 3 -2.40 2.58 13.93
C CYS A 3 -1.42 1.91 12.96
N LYS A 4 -1.41 0.57 12.97
CA LYS A 4 -0.48 -0.25 12.17
C LYS A 4 -0.84 -0.12 10.67
N ARG A 5 -2.15 -0.15 10.35
CA ARG A 5 -2.66 0.05 8.97
C ARG A 5 -2.21 1.43 8.43
N LEU A 6 -2.41 2.47 9.25
CA LEU A 6 -2.02 3.85 8.90
C LEU A 6 -0.49 3.93 8.65
N ASN A 7 0.30 3.17 9.43
CA ASN A 7 1.77 3.11 9.26
C ASN A 7 2.15 2.56 7.88
N GLU A 8 1.72 1.30 7.60
CA GLU A 8 2.16 0.55 6.41
C GLU A 8 1.66 1.19 5.10
N VAL A 9 0.43 1.75 5.12
CA VAL A 9 -0.08 2.47 3.94
C VAL A 9 0.77 3.75 3.68
N ILE A 10 1.11 4.49 4.75
CA ILE A 10 1.99 5.68 4.64
C ILE A 10 3.49 5.28 4.41
N GLU A 11 3.81 3.98 4.51
CA GLU A 11 5.15 3.46 4.18
C GLU A 11 5.36 3.41 2.64
N LEU A 12 4.49 2.67 1.91
CA LEU A 12 4.66 2.46 0.42
C LEU A 12 3.67 3.28 -0.43
N LEU A 13 2.46 3.51 0.10
CA LEU A 13 1.37 4.24 -0.61
C LEU A 13 1.47 5.76 -0.40
N GLN A 14 2.51 6.20 0.37
CA GLN A 14 2.73 7.62 0.73
C GLN A 14 2.52 8.57 -0.49
N PRO A 15 3.31 8.46 -1.63
CA PRO A 15 3.18 9.40 -2.77
C PRO A 15 1.86 9.21 -3.54
N ALA A 16 1.35 7.97 -3.56
CA ALA A 16 0.12 7.61 -4.29
C ALA A 16 -1.09 8.34 -3.70
N TRP A 17 -1.28 8.22 -2.36
CA TRP A 17 -2.39 8.90 -1.66
C TRP A 17 -2.20 10.44 -1.67
N GLN A 18 -0.96 10.89 -1.91
CA GLN A 18 -0.68 12.33 -2.10
C GLN A 18 -1.05 12.81 -3.52
N LYS A 19 -1.20 11.86 -4.47
CA LYS A 19 -1.71 12.19 -5.83
C LYS A 19 -3.20 12.56 -5.79
N GLU A 20 -3.97 11.92 -4.88
CA GLU A 20 -5.34 12.34 -4.57
C GLU A 20 -5.76 11.89 -3.16
N PRO A 21 -5.56 12.76 -2.11
CA PRO A 21 -6.02 12.49 -0.72
C PRO A 21 -7.51 12.85 -0.50
N ASP A 22 -8.19 13.34 -1.55
CA ASP A 22 -9.63 13.67 -1.51
C ASP A 22 -10.48 12.38 -1.37
N PHE A 23 -9.91 11.24 -1.80
CA PHE A 23 -10.51 9.91 -1.58
C PHE A 23 -10.22 9.42 -0.14
N ASN A 24 -11.18 8.68 0.42
CA ASN A 24 -11.08 8.05 1.76
C ASN A 24 -10.12 6.83 1.74
N LEU A 25 -10.11 6.03 2.82
CA LEU A 25 -9.22 4.85 2.95
C LEU A 25 -9.59 3.82 1.86
N LEU A 26 -10.84 3.30 1.91
CA LEU A 26 -11.32 2.28 0.95
C LEU A 26 -11.59 2.88 -0.45
N GLN A 27 -11.86 4.20 -0.51
CA GLN A 27 -12.16 4.89 -1.77
C GLN A 27 -10.90 5.07 -2.63
N PHE A 28 -9.77 5.41 -2.01
CA PHE A 28 -8.50 5.51 -2.73
C PHE A 28 -7.99 4.11 -3.09
N LEU A 29 -8.23 3.17 -2.17
CA LEU A 29 -7.86 1.76 -2.33
C LEU A 29 -8.56 1.12 -3.55
N GLN A 30 -9.86 1.45 -3.75
CA GLN A 30 -10.63 0.94 -4.89
C GLN A 30 -10.15 1.58 -6.19
N LYS A 31 -9.71 2.86 -6.14
CA LYS A 31 -9.15 3.55 -7.32
C LYS A 31 -7.94 2.78 -7.86
N LEU A 32 -6.93 2.57 -7.01
CA LEU A 32 -5.66 1.93 -7.41
C LEU A 32 -5.88 0.42 -7.72
N ALA A 33 -6.88 -0.19 -7.03
CA ALA A 33 -7.23 -1.62 -7.23
C ALA A 33 -7.81 -1.84 -8.62
N LYS A 34 -8.79 -1.02 -8.98
CA LYS A 34 -9.44 -1.06 -10.31
C LYS A 34 -8.46 -0.63 -11.44
N GLU A 35 -7.44 0.19 -11.08
CA GLU A 35 -6.31 0.52 -11.99
C GLU A 35 -5.42 -0.73 -12.21
N SER A 36 -5.26 -1.54 -11.16
CA SER A 36 -4.50 -2.80 -11.21
C SER A 36 -5.30 -3.91 -11.93
N GLY A 37 -6.63 -3.77 -11.96
CA GLY A 37 -7.53 -4.77 -12.53
C GLY A 37 -7.88 -5.86 -11.51
N PHE A 38 -8.21 -5.42 -10.29
CA PHE A 38 -8.61 -6.31 -9.18
C PHE A 38 -9.95 -6.98 -9.49
N ASP A 39 -9.93 -8.31 -9.69
CA ASP A 39 -11.13 -9.10 -9.93
C ASP A 39 -11.83 -9.39 -8.59
N GLY A 40 -12.72 -8.46 -8.22
CA GLY A 40 -13.51 -8.53 -6.98
C GLY A 40 -13.93 -7.14 -6.53
N GLU A 41 -14.85 -7.07 -5.55
CA GLU A 41 -15.28 -5.81 -4.95
C GLU A 41 -14.26 -5.35 -3.89
N LEU A 42 -14.12 -4.02 -3.73
CA LEU A 42 -13.16 -3.40 -2.79
C LEU A 42 -13.44 -3.76 -1.31
N ALA A 43 -14.67 -4.23 -1.02
CA ALA A 43 -15.03 -4.71 0.33
C ALA A 43 -14.21 -5.96 0.72
N ASP A 44 -13.79 -6.73 -0.31
CA ASP A 44 -12.99 -7.96 -0.14
C ASP A 44 -11.47 -7.66 -0.25
N LEU A 45 -11.13 -6.43 -0.69
CA LEU A 45 -9.73 -6.01 -0.91
C LEU A 45 -8.91 -6.08 0.41
N THR A 46 -8.01 -7.08 0.48
CA THR A 46 -7.14 -7.31 1.65
C THR A 46 -5.92 -6.36 1.63
N ASP A 47 -5.52 -5.88 2.82
CA ASP A 47 -4.37 -4.96 3.02
C ASP A 47 -3.09 -5.46 2.34
N ASP A 48 -2.91 -6.78 2.31
CA ASP A 48 -1.76 -7.45 1.67
C ASP A 48 -1.60 -7.03 0.21
N ILE A 49 -2.72 -7.02 -0.52
CA ILE A 49 -2.78 -6.65 -1.94
C ILE A 49 -2.28 -5.20 -2.13
N LEU A 50 -2.72 -4.30 -1.25
CA LEU A 50 -2.34 -2.87 -1.31
C LEU A 50 -0.83 -2.70 -1.11
N ILE A 51 -0.33 -3.16 0.06
CA ILE A 51 1.07 -3.01 0.44
C ILE A 51 2.00 -3.59 -0.64
N TYR A 52 1.70 -4.84 -1.07
CA TYR A 52 2.39 -5.51 -2.21
C TYR A 52 2.46 -4.60 -3.48
N HIS A 53 1.28 -4.17 -3.96
CA HIS A 53 1.14 -3.41 -5.24
C HIS A 53 1.85 -2.04 -5.20
N LEU A 54 1.83 -1.41 -4.03
CA LEU A 54 2.43 -0.09 -3.83
C LEU A 54 3.95 -0.21 -3.63
N LYS A 55 4.42 -1.37 -3.13
CA LYS A 55 5.86 -1.69 -3.06
C LYS A 55 6.44 -1.94 -4.46
N MET A 56 5.61 -2.55 -5.32
CA MET A 56 5.97 -2.82 -6.74
C MET A 56 6.37 -1.51 -7.45
N ARG A 57 5.53 -0.46 -7.28
CA ARG A 57 5.76 0.85 -7.91
C ARG A 57 6.68 1.75 -7.07
N ASP A 58 6.83 1.43 -5.76
CA ASP A 58 7.51 2.31 -4.77
C ASP A 58 8.90 2.78 -5.22
N SER A 59 9.74 1.82 -5.63
CA SER A 59 11.10 2.11 -6.06
C SER A 59 11.12 2.76 -7.47
N ALA A 60 10.14 2.34 -8.31
CA ALA A 60 10.00 2.76 -9.72
C ALA A 60 11.23 2.35 -10.56
N LYS A 61 12.32 3.12 -10.45
CA LYS A 61 13.63 2.80 -11.00
C LYS A 61 14.61 2.52 -9.83
N ASP A 62 14.61 3.45 -8.85
CA ASP A 62 15.55 3.47 -7.72
C ASP A 62 15.00 4.36 -6.59
N ALA A 63 14.84 3.80 -5.38
CA ALA A 63 14.40 4.54 -4.19
C ALA A 63 15.03 3.92 -2.93
N VAL A 64 15.77 4.76 -2.17
CA VAL A 64 16.37 4.36 -0.88
C VAL A 64 15.68 5.18 0.22
N ILE A 65 14.47 4.72 0.59
CA ILE A 65 13.65 5.36 1.64
C ILE A 65 14.19 4.99 3.05
N PRO A 66 14.34 5.99 3.99
CA PRO A 66 14.78 5.71 5.37
C PRO A 66 13.74 4.86 6.15
N GLY A 67 12.46 5.30 6.12
CA GLY A 67 11.35 4.59 6.75
C GLY A 67 11.30 4.79 8.27
N LEU A 68 10.08 4.98 8.82
CA LEU A 68 9.87 5.17 10.27
C LEU A 68 9.34 3.86 10.89
N GLN A 69 10.14 3.27 11.81
CA GLN A 69 9.77 2.06 12.57
C GLN A 69 9.99 2.31 14.07
N LYS A 70 8.92 2.65 14.79
CA LYS A 70 8.90 2.73 16.27
C LYS A 70 7.58 2.14 16.77
N ASP A 71 7.59 0.85 17.14
CA ASP A 71 6.40 0.16 17.68
C ASP A 71 6.23 0.57 19.16
N TYR A 72 4.98 0.81 19.58
CA TYR A 72 4.66 1.34 20.92
C TYR A 72 4.28 0.23 21.90
N GLU A 73 4.79 0.34 23.14
CA GLU A 73 4.60 -0.65 24.22
C GLU A 73 3.19 -0.53 24.83
N GLU A 74 2.44 -1.64 24.81
CA GLU A 74 1.06 -1.72 25.31
C GLU A 74 0.92 -2.94 26.23
N ASP A 75 1.26 -2.75 27.53
CA ASP A 75 1.17 -3.82 28.56
C ASP A 75 1.16 -3.21 29.98
N PHE A 76 0.70 -1.94 30.08
CA PHE A 76 0.59 -1.20 31.36
C PHE A 76 -0.41 -1.91 32.29
N LYS A 77 -1.55 -2.33 31.69
CA LYS A 77 -2.64 -3.02 32.41
C LYS A 77 -2.16 -4.37 32.99
N THR A 78 -1.35 -5.10 32.19
CA THR A 78 -0.81 -6.42 32.60
C THR A 78 0.09 -6.29 33.83
N ALA A 79 1.00 -5.31 33.80
CA ALA A 79 1.91 -5.01 34.93
C ALA A 79 1.10 -4.61 36.19
N LEU A 80 0.01 -3.85 35.97
CA LEU A 80 -0.89 -3.38 37.03
C LEU A 80 -1.55 -4.58 37.75
N LEU A 81 -2.19 -5.47 36.98
CA LEU A 81 -2.96 -6.61 37.55
C LEU A 81 -2.02 -7.69 38.11
N ARG A 82 -0.79 -7.80 37.57
CA ARG A 82 0.23 -8.74 38.09
C ARG A 82 0.93 -8.19 39.34
N ALA A 83 0.70 -6.90 39.67
CA ALA A 83 1.06 -6.32 40.98
C ALA A 83 0.10 -6.78 42.10
N ARG A 84 -1.07 -7.34 41.69
CA ARG A 84 -2.08 -7.90 42.62
C ARG A 84 -1.87 -9.42 42.75
N GLY A 85 -2.57 -10.03 43.71
CA GLY A 85 -2.56 -11.48 43.92
C GLY A 85 -1.32 -11.96 44.66
N VAL A 86 -1.00 -11.32 45.78
CA VAL A 86 0.11 -11.74 46.65
C VAL A 86 -0.31 -12.94 47.53
N ILE A 87 -1.54 -12.86 48.07
CA ILE A 87 -2.08 -13.80 49.07
C ILE A 87 -1.14 -13.87 50.30
N LYS A 88 -1.48 -13.09 51.34
CA LYS A 88 -0.74 -13.05 52.60
C LYS A 88 -1.73 -13.09 53.77
N GLU A 89 -1.37 -13.82 54.83
CA GLU A 89 -2.20 -13.97 56.04
C GLU A 89 -1.48 -13.26 57.21
N MET A 1 1.46 1.17 17.27
CA MET A 1 0.66 1.17 16.02
C MET A 1 -0.56 0.25 16.19
N LYS A 2 -1.74 0.84 16.46
CA LYS A 2 -3.02 0.11 16.56
C LYS A 2 -3.59 -0.13 15.15
N CYS A 3 -3.79 0.96 14.39
CA CYS A 3 -4.20 0.90 12.98
C CYS A 3 -2.95 0.65 12.12
N LYS A 4 -2.43 -0.59 12.19
CA LYS A 4 -1.20 -1.00 11.47
C LYS A 4 -1.35 -0.79 9.96
N ARG A 5 -2.55 -1.18 9.46
CA ARG A 5 -2.93 -1.05 8.03
C ARG A 5 -2.77 0.41 7.55
N LEU A 6 -3.12 1.38 8.42
CA LEU A 6 -3.00 2.81 8.10
C LEU A 6 -1.52 3.20 8.01
N ASN A 7 -0.67 2.70 8.93
CA ASN A 7 0.78 3.02 8.95
C ASN A 7 1.49 2.49 7.69
N GLU A 8 1.21 1.23 7.34
CA GLU A 8 1.91 0.50 6.26
C GLU A 8 1.44 0.97 4.87
N VAL A 9 0.16 1.39 4.73
CA VAL A 9 -0.26 2.07 3.47
C VAL A 9 0.46 3.43 3.36
N ILE A 10 0.59 4.17 4.48
CA ILE A 10 1.36 5.43 4.53
C ILE A 10 2.91 5.16 4.37
N GLU A 11 3.33 3.89 4.40
CA GLU A 11 4.73 3.56 4.01
C GLU A 11 4.91 3.57 2.47
N LEU A 12 4.20 2.68 1.73
CA LEU A 12 4.49 2.46 0.26
C LEU A 12 3.54 3.24 -0.67
N LEU A 13 2.49 3.81 -0.10
CA LEU A 13 1.44 4.56 -0.83
C LEU A 13 1.48 6.05 -0.43
N GLN A 14 2.47 6.41 0.43
CA GLN A 14 2.65 7.79 0.98
C GLN A 14 2.50 8.87 -0.13
N PRO A 15 3.31 8.85 -1.26
CA PRO A 15 3.19 9.91 -2.30
C PRO A 15 1.88 9.78 -3.10
N ALA A 16 1.51 8.51 -3.40
CA ALA A 16 0.37 8.18 -4.28
C ALA A 16 -0.94 8.79 -3.75
N TRP A 17 -1.25 8.53 -2.47
CA TRP A 17 -2.47 9.06 -1.82
C TRP A 17 -2.41 10.58 -1.65
N GLN A 18 -1.20 11.12 -1.43
CA GLN A 18 -1.01 12.58 -1.26
C GLN A 18 -1.09 13.37 -2.58
N LYS A 19 -1.19 12.64 -3.71
CA LYS A 19 -1.51 13.26 -5.02
C LYS A 19 -2.98 13.69 -5.08
N GLU A 20 -3.85 13.01 -4.29
CA GLU A 20 -5.23 13.46 -4.07
C GLU A 20 -5.82 12.70 -2.85
N PRO A 21 -5.61 13.24 -1.59
CA PRO A 21 -6.18 12.64 -0.36
C PRO A 21 -7.68 12.96 -0.17
N ASP A 22 -8.30 13.58 -1.20
CA ASP A 22 -9.76 13.78 -1.29
C ASP A 22 -10.49 12.41 -1.30
N PHE A 23 -9.83 11.41 -1.88
CA PHE A 23 -10.25 10.01 -1.77
C PHE A 23 -10.04 9.52 -0.34
N ASN A 24 -11.02 8.75 0.19
CA ASN A 24 -10.91 8.10 1.53
C ASN A 24 -9.96 6.88 1.48
N LEU A 25 -9.84 6.15 2.60
CA LEU A 25 -8.92 5.00 2.72
C LEU A 25 -9.28 3.92 1.68
N LEU A 26 -10.51 3.41 1.72
CA LEU A 26 -10.97 2.38 0.75
C LEU A 26 -11.17 2.97 -0.68
N GLN A 27 -11.44 4.29 -0.77
CA GLN A 27 -11.73 4.97 -2.05
C GLN A 27 -10.48 5.07 -2.95
N PHE A 28 -9.35 5.53 -2.39
CA PHE A 28 -8.09 5.61 -3.17
C PHE A 28 -7.57 4.20 -3.48
N LEU A 29 -7.75 3.32 -2.51
CA LEU A 29 -7.37 1.91 -2.60
C LEU A 29 -8.13 1.17 -3.72
N GLN A 30 -9.42 1.55 -3.94
CA GLN A 30 -10.24 0.95 -5.00
C GLN A 30 -9.84 1.48 -6.38
N LYS A 31 -9.36 2.76 -6.43
CA LYS A 31 -8.85 3.36 -7.69
C LYS A 31 -7.69 2.51 -8.23
N LEU A 32 -6.69 2.29 -7.36
CA LEU A 32 -5.47 1.57 -7.71
C LEU A 32 -5.73 0.06 -7.86
N ALA A 33 -6.73 -0.47 -7.11
CA ALA A 33 -7.09 -1.91 -7.13
C ALA A 33 -7.73 -2.28 -8.47
N LYS A 34 -8.73 -1.50 -8.88
CA LYS A 34 -9.50 -1.76 -10.11
C LYS A 34 -8.62 -1.61 -11.37
N GLU A 35 -7.68 -0.63 -11.37
CA GLU A 35 -6.74 -0.46 -12.49
C GLU A 35 -5.68 -1.60 -12.50
N SER A 36 -5.43 -2.21 -11.32
CA SER A 36 -4.61 -3.44 -11.22
C SER A 36 -5.37 -4.68 -11.74
N GLY A 37 -6.70 -4.56 -11.81
CA GLY A 37 -7.57 -5.63 -12.28
C GLY A 37 -8.06 -6.52 -11.15
N PHE A 38 -8.39 -5.89 -10.01
CA PHE A 38 -8.98 -6.59 -8.85
C PHE A 38 -10.45 -6.93 -9.17
N ASP A 39 -10.72 -8.25 -9.32
CA ASP A 39 -12.04 -8.77 -9.73
C ASP A 39 -13.12 -8.45 -8.67
N GLY A 40 -12.75 -8.69 -7.40
CA GLY A 40 -13.67 -8.55 -6.27
C GLY A 40 -13.97 -7.10 -5.92
N GLU A 41 -14.88 -6.91 -4.94
CA GLU A 41 -15.24 -5.58 -4.42
C GLU A 41 -14.14 -5.09 -3.46
N LEU A 42 -13.99 -3.77 -3.35
CA LEU A 42 -12.96 -3.12 -2.52
C LEU A 42 -13.14 -3.38 -1.00
N ALA A 43 -14.35 -3.81 -0.59
CA ALA A 43 -14.62 -4.25 0.80
C ALA A 43 -13.81 -5.53 1.14
N ASP A 44 -13.50 -6.31 0.10
CA ASP A 44 -12.71 -7.55 0.20
C ASP A 44 -11.19 -7.25 0.11
N LEU A 45 -10.84 -6.04 -0.38
CA LEU A 45 -9.44 -5.62 -0.61
C LEU A 45 -8.64 -5.59 0.72
N THR A 46 -7.79 -6.61 0.92
CA THR A 46 -6.96 -6.74 2.14
C THR A 46 -5.65 -5.93 1.99
N ASP A 47 -5.11 -5.47 3.12
CA ASP A 47 -3.86 -4.67 3.19
C ASP A 47 -2.66 -5.37 2.52
N ASP A 48 -2.68 -6.71 2.56
CA ASP A 48 -1.69 -7.59 1.89
C ASP A 48 -1.49 -7.19 0.41
N ILE A 49 -2.61 -6.94 -0.27
CA ILE A 49 -2.65 -6.56 -1.69
C ILE A 49 -2.02 -5.17 -1.90
N LEU A 50 -2.36 -4.21 -1.03
CA LEU A 50 -1.89 -2.82 -1.15
C LEU A 50 -0.36 -2.72 -0.97
N ILE A 51 0.14 -3.41 0.05
CA ILE A 51 1.58 -3.42 0.39
C ILE A 51 2.38 -3.99 -0.80
N TYR A 52 1.89 -5.08 -1.41
CA TYR A 52 2.52 -5.68 -2.59
C TYR A 52 2.53 -4.69 -3.79
N HIS A 53 1.31 -4.23 -4.16
CA HIS A 53 1.08 -3.45 -5.41
C HIS A 53 1.80 -2.10 -5.39
N LEU A 54 1.76 -1.42 -4.25
CA LEU A 54 2.39 -0.09 -4.10
C LEU A 54 3.91 -0.22 -3.90
N LYS A 55 4.39 -1.34 -3.36
CA LYS A 55 5.85 -1.61 -3.29
C LYS A 55 6.43 -1.94 -4.68
N MET A 56 5.57 -2.44 -5.60
CA MET A 56 5.96 -2.65 -7.02
C MET A 56 6.45 -1.33 -7.66
N ARG A 57 5.78 -0.20 -7.32
CA ARG A 57 6.20 1.13 -7.77
C ARG A 57 7.27 1.70 -6.80
N ASP A 58 7.07 1.51 -5.48
CA ASP A 58 7.81 2.22 -4.40
C ASP A 58 9.25 1.66 -4.23
N SER A 59 9.54 0.50 -4.85
CA SER A 59 10.91 -0.03 -4.98
C SER A 59 11.76 0.90 -5.89
N ALA A 60 11.05 1.59 -6.81
CA ALA A 60 11.56 2.71 -7.63
C ALA A 60 12.79 2.32 -8.50
N LYS A 61 14.01 2.66 -8.01
CA LYS A 61 15.29 2.64 -8.79
C LYS A 61 15.26 3.71 -9.92
N ASP A 62 14.28 3.58 -10.82
CA ASP A 62 13.88 4.61 -11.77
C ASP A 62 12.35 4.59 -11.89
N ALA A 63 11.67 5.60 -11.30
CA ALA A 63 10.20 5.68 -11.28
C ALA A 63 9.74 7.11 -10.95
N VAL A 64 8.48 7.43 -11.33
CA VAL A 64 7.92 8.80 -11.23
C VAL A 64 7.68 9.21 -9.75
N ILE A 65 7.43 8.21 -8.88
CA ILE A 65 7.23 8.45 -7.43
C ILE A 65 8.59 8.48 -6.68
N PRO A 66 8.65 9.16 -5.47
CA PRO A 66 9.82 9.11 -4.55
C PRO A 66 10.34 7.68 -4.30
N GLY A 67 9.40 6.78 -3.90
CA GLY A 67 9.72 5.39 -3.59
C GLY A 67 10.60 5.26 -2.35
N LEU A 68 10.04 5.53 -1.16
CA LEU A 68 10.84 5.73 0.08
C LEU A 68 10.15 5.13 1.33
N GLN A 69 9.58 3.92 1.22
CA GLN A 69 9.11 3.18 2.42
C GLN A 69 10.32 2.56 3.13
N LYS A 70 10.31 2.59 4.46
CA LYS A 70 11.47 2.16 5.27
C LYS A 70 11.22 0.75 5.80
N ASP A 71 11.82 -0.24 5.12
CA ASP A 71 11.56 -1.68 5.34
C ASP A 71 11.98 -2.13 6.76
N TYR A 72 10.97 -2.40 7.62
CA TYR A 72 11.17 -2.91 8.99
C TYR A 72 10.08 -3.96 9.31
N GLU A 73 10.53 -5.18 9.58
CA GLU A 73 9.69 -6.30 9.97
C GLU A 73 10.59 -7.37 10.60
N GLU A 74 10.32 -7.70 11.88
CA GLU A 74 11.09 -8.73 12.61
C GLU A 74 10.31 -9.21 13.83
N ASP A 75 10.72 -10.39 14.31
CA ASP A 75 10.16 -11.05 15.49
C ASP A 75 11.15 -12.13 15.93
N PHE A 76 12.45 -11.86 15.71
CA PHE A 76 13.55 -12.83 15.95
C PHE A 76 13.60 -13.25 17.43
N LYS A 77 13.47 -12.27 18.34
CA LYS A 77 13.45 -12.52 19.81
C LYS A 77 12.22 -13.35 20.19
N THR A 78 11.07 -12.96 19.59
CA THR A 78 9.78 -13.65 19.75
C THR A 78 9.89 -15.12 19.30
N ALA A 79 10.67 -15.34 18.21
CA ALA A 79 10.89 -16.64 17.59
C ALA A 79 11.76 -17.54 18.48
N LEU A 80 12.72 -16.92 19.22
CA LEU A 80 13.60 -17.65 20.15
C LEU A 80 12.79 -18.26 21.31
N LEU A 81 11.98 -17.43 21.99
CA LEU A 81 11.17 -17.88 23.14
C LEU A 81 10.02 -18.82 22.71
N ARG A 82 9.54 -18.60 21.47
CA ARG A 82 8.49 -19.43 20.82
C ARG A 82 9.05 -20.82 20.46
N ALA A 83 10.36 -20.85 20.12
CA ALA A 83 11.09 -22.10 19.82
C ALA A 83 11.27 -22.96 21.08
N ARG A 84 11.46 -22.27 22.23
CA ARG A 84 11.55 -22.93 23.56
C ARG A 84 10.12 -23.33 24.03
N GLY A 85 9.10 -22.69 23.44
CA GLY A 85 7.69 -23.00 23.72
C GLY A 85 7.25 -24.34 23.12
N VAL A 86 7.66 -25.43 23.77
CA VAL A 86 7.37 -26.82 23.34
C VAL A 86 6.55 -27.53 24.43
N ILE A 87 5.29 -27.88 24.10
CA ILE A 87 4.34 -28.53 25.03
C ILE A 87 3.87 -29.88 24.45
N LYS A 88 3.21 -30.70 25.30
CA LYS A 88 2.61 -31.99 24.89
C LYS A 88 1.61 -32.46 25.95
N GLU A 89 0.53 -33.14 25.50
CA GLU A 89 -0.48 -33.72 26.39
C GLU A 89 0.03 -35.08 26.95
N MET A 1 -5.82 6.38 16.34
CA MET A 1 -5.72 5.77 15.00
C MET A 1 -4.39 4.99 14.90
N LYS A 2 -4.38 3.79 15.51
CA LYS A 2 -3.25 2.84 15.44
C LYS A 2 -3.63 1.64 14.56
N CYS A 3 -4.56 1.88 13.61
CA CYS A 3 -4.95 0.91 12.59
C CYS A 3 -3.72 0.55 11.73
N LYS A 4 -3.25 -0.70 11.86
CA LYS A 4 -2.00 -1.20 11.24
C LYS A 4 -1.99 -0.96 9.72
N ARG A 5 -3.17 -1.09 9.08
CA ARG A 5 -3.35 -0.86 7.63
C ARG A 5 -3.03 0.59 7.25
N LEU A 6 -3.48 1.54 8.09
CA LEU A 6 -3.25 2.97 7.88
C LEU A 6 -1.74 3.27 7.91
N ASN A 7 -1.02 2.62 8.84
CA ASN A 7 0.43 2.81 9.00
C ASN A 7 1.22 2.28 7.78
N GLU A 8 0.90 1.04 7.36
CA GLU A 8 1.66 0.35 6.29
C GLU A 8 1.38 0.96 4.89
N VAL A 9 0.16 1.48 4.67
CA VAL A 9 -0.16 2.22 3.43
C VAL A 9 0.61 3.57 3.44
N ILE A 10 0.79 4.20 4.60
CA ILE A 10 1.64 5.42 4.73
C ILE A 10 3.16 5.07 4.57
N GLU A 11 3.52 3.77 4.59
CA GLU A 11 4.92 3.34 4.31
C GLU A 11 5.24 3.36 2.79
N LEU A 12 4.40 2.72 1.95
CA LEU A 12 4.69 2.56 0.47
C LEU A 12 3.73 3.34 -0.48
N LEU A 13 2.59 3.77 0.05
CA LEU A 13 1.54 4.47 -0.72
C LEU A 13 1.55 5.98 -0.42
N GLN A 14 2.47 6.42 0.50
CA GLN A 14 2.55 7.83 0.96
C GLN A 14 2.42 8.83 -0.24
N PRO A 15 3.34 8.81 -1.30
CA PRO A 15 3.31 9.81 -2.40
C PRO A 15 2.02 9.70 -3.24
N ALA A 16 1.55 8.45 -3.42
CA ALA A 16 0.36 8.13 -4.20
C ALA A 16 -0.89 8.82 -3.63
N TRP A 17 -1.12 8.62 -2.32
CA TRP A 17 -2.27 9.22 -1.58
C TRP A 17 -2.00 10.71 -1.26
N GLN A 18 -0.72 11.15 -1.34
CA GLN A 18 -0.36 12.59 -1.22
C GLN A 18 -0.86 13.38 -2.43
N LYS A 19 -1.00 12.71 -3.58
CA LYS A 19 -1.53 13.34 -4.80
C LYS A 19 -2.99 13.78 -4.57
N GLU A 20 -3.85 12.81 -4.17
CA GLU A 20 -5.25 13.09 -3.81
C GLU A 20 -5.59 12.52 -2.42
N PRO A 21 -5.30 13.32 -1.31
CA PRO A 21 -5.72 12.97 0.06
C PRO A 21 -7.24 13.11 0.26
N ASP A 22 -7.89 13.82 -0.70
CA ASP A 22 -9.35 14.05 -0.74
C ASP A 22 -10.13 12.72 -0.74
N PHE A 23 -9.56 11.72 -1.43
CA PHE A 23 -10.10 10.35 -1.44
C PHE A 23 -9.92 9.71 -0.06
N ASN A 24 -10.95 8.97 0.38
CA ASN A 24 -10.90 8.19 1.63
C ASN A 24 -9.93 6.99 1.48
N LEU A 25 -9.72 6.26 2.59
CA LEU A 25 -8.82 5.09 2.63
C LEU A 25 -9.26 4.05 1.58
N LEU A 26 -10.53 3.67 1.59
CA LEU A 26 -11.09 2.69 0.64
C LEU A 26 -11.28 3.27 -0.78
N GLN A 27 -11.52 4.58 -0.89
CA GLN A 27 -11.81 5.25 -2.20
C GLN A 27 -10.58 5.29 -3.11
N PHE A 28 -9.43 5.69 -2.54
CA PHE A 28 -8.16 5.73 -3.29
C PHE A 28 -7.71 4.29 -3.64
N LEU A 29 -7.96 3.39 -2.69
CA LEU A 29 -7.59 1.97 -2.79
C LEU A 29 -8.36 1.26 -3.91
N GLN A 30 -9.67 1.58 -4.06
CA GLN A 30 -10.52 0.97 -5.09
C GLN A 30 -10.17 1.50 -6.49
N LYS A 31 -9.66 2.76 -6.56
CA LYS A 31 -9.15 3.32 -7.83
C LYS A 31 -8.03 2.41 -8.38
N LEU A 32 -6.98 2.25 -7.55
CA LEU A 32 -5.77 1.51 -7.93
C LEU A 32 -6.08 0.00 -8.05
N ALA A 33 -7.04 -0.50 -7.25
CA ALA A 33 -7.41 -1.94 -7.21
C ALA A 33 -8.07 -2.38 -8.52
N LYS A 34 -9.15 -1.68 -8.92
CA LYS A 34 -9.93 -2.02 -10.13
C LYS A 34 -9.08 -1.98 -11.40
N GLU A 35 -8.20 -0.97 -11.52
CA GLU A 35 -7.30 -0.83 -12.70
C GLU A 35 -6.15 -1.85 -12.66
N SER A 36 -5.82 -2.38 -11.46
CA SER A 36 -4.83 -3.46 -11.30
C SER A 36 -5.44 -4.85 -11.59
N GLY A 37 -6.77 -4.89 -11.76
CA GLY A 37 -7.49 -6.13 -12.05
C GLY A 37 -7.73 -6.96 -10.79
N PHE A 38 -8.17 -6.29 -9.72
CA PHE A 38 -8.56 -6.94 -8.47
C PHE A 38 -9.92 -7.66 -8.66
N ASP A 39 -9.91 -8.99 -8.50
CA ASP A 39 -11.09 -9.87 -8.68
C ASP A 39 -11.94 -9.88 -7.39
N GLY A 40 -12.76 -8.82 -7.23
CA GLY A 40 -13.68 -8.69 -6.09
C GLY A 40 -14.01 -7.23 -5.81
N GLU A 41 -14.87 -7.00 -4.80
CA GLU A 41 -15.26 -5.65 -4.37
C GLU A 41 -14.23 -5.11 -3.34
N LEU A 42 -14.12 -3.78 -3.24
CA LEU A 42 -13.11 -3.10 -2.38
C LEU A 42 -13.35 -3.34 -0.88
N ALA A 43 -14.58 -3.74 -0.49
CA ALA A 43 -14.88 -4.16 0.90
C ALA A 43 -14.04 -5.40 1.29
N ASP A 44 -13.75 -6.22 0.28
CA ASP A 44 -12.96 -7.46 0.41
C ASP A 44 -11.43 -7.17 0.28
N LEU A 45 -11.09 -6.00 -0.30
CA LEU A 45 -9.70 -5.61 -0.65
C LEU A 45 -8.77 -5.62 0.60
N THR A 46 -7.87 -6.63 0.66
CA THR A 46 -6.94 -6.82 1.78
C THR A 46 -5.66 -6.00 1.58
N ASP A 47 -5.11 -5.51 2.71
CA ASP A 47 -3.87 -4.70 2.78
C ASP A 47 -2.70 -5.33 2.01
N ASP A 48 -2.63 -6.67 2.03
CA ASP A 48 -1.57 -7.45 1.36
C ASP A 48 -1.42 -7.09 -0.12
N ILE A 49 -2.56 -6.89 -0.79
CA ILE A 49 -2.63 -6.54 -2.22
C ILE A 49 -2.06 -5.12 -2.47
N LEU A 50 -2.49 -4.15 -1.62
CA LEU A 50 -2.10 -2.74 -1.76
C LEU A 50 -0.60 -2.57 -1.54
N ILE A 51 -0.11 -3.07 -0.39
CA ILE A 51 1.27 -2.92 0.05
C ILE A 51 2.24 -3.48 -1.00
N TYR A 52 2.02 -4.74 -1.41
CA TYR A 52 2.78 -5.41 -2.49
C TYR A 52 2.82 -4.55 -3.78
N HIS A 53 1.64 -4.09 -4.22
CA HIS A 53 1.46 -3.37 -5.50
C HIS A 53 2.19 -2.00 -5.50
N LEU A 54 2.09 -1.31 -4.36
CA LEU A 54 2.67 0.03 -4.18
C LEU A 54 4.19 -0.06 -3.93
N LYS A 55 4.66 -1.20 -3.41
CA LYS A 55 6.10 -1.47 -3.25
C LYS A 55 6.76 -1.70 -4.60
N MET A 56 6.03 -2.33 -5.54
CA MET A 56 6.53 -2.56 -6.92
C MET A 56 6.90 -1.24 -7.63
N ARG A 57 6.09 -0.17 -7.43
CA ARG A 57 6.37 1.16 -8.01
C ARG A 57 7.39 1.93 -7.14
N ASP A 58 7.43 1.60 -5.83
CA ASP A 58 8.34 2.24 -4.86
C ASP A 58 9.77 1.64 -4.96
N SER A 59 9.88 0.41 -5.49
CA SER A 59 11.14 -0.36 -5.56
C SER A 59 12.02 0.06 -6.75
N ALA A 60 11.76 1.27 -7.29
CA ALA A 60 12.67 1.97 -8.22
C ALA A 60 13.99 2.37 -7.51
N LYS A 61 13.99 2.28 -6.16
CA LYS A 61 15.19 2.53 -5.32
C LYS A 61 16.28 1.45 -5.54
N ASP A 62 17.45 1.67 -4.92
CA ASP A 62 18.54 0.68 -4.92
C ASP A 62 18.18 -0.52 -4.00
N ALA A 63 17.43 -1.47 -4.58
CA ALA A 63 16.88 -2.63 -3.86
C ALA A 63 16.77 -3.83 -4.80
N VAL A 64 17.19 -5.00 -4.31
CA VAL A 64 17.16 -6.26 -5.07
C VAL A 64 15.84 -7.02 -4.80
N ILE A 65 15.24 -6.75 -3.61
CA ILE A 65 14.09 -7.50 -3.05
C ILE A 65 14.53 -8.96 -2.70
N PRO A 66 14.54 -9.35 -1.38
CA PRO A 66 14.95 -10.71 -0.95
C PRO A 66 13.80 -11.76 -1.09
N GLY A 67 12.96 -11.59 -2.12
CA GLY A 67 11.82 -12.50 -2.35
C GLY A 67 11.35 -12.49 -3.79
N LEU A 68 12.31 -12.44 -4.74
CA LEU A 68 12.02 -12.54 -6.18
C LEU A 68 11.69 -14.00 -6.54
N GLN A 69 12.74 -14.87 -6.55
CA GLN A 69 12.64 -16.32 -6.86
C GLN A 69 11.94 -16.58 -8.21
N LYS A 70 12.17 -15.68 -9.18
CA LYS A 70 11.54 -15.73 -10.51
C LYS A 70 12.62 -15.81 -11.61
N ASP A 71 12.81 -17.01 -12.16
CA ASP A 71 13.66 -17.25 -13.34
C ASP A 71 12.78 -17.74 -14.49
N TYR A 72 13.15 -17.38 -15.73
CA TYR A 72 12.30 -17.61 -16.92
C TYR A 72 13.15 -18.14 -18.09
N GLU A 73 13.23 -19.47 -18.22
CA GLU A 73 13.83 -20.14 -19.37
C GLU A 73 12.69 -20.62 -20.29
N GLU A 74 12.01 -19.64 -20.90
CA GLU A 74 10.85 -19.90 -21.76
C GLU A 74 11.35 -20.20 -23.18
N ASP A 75 11.89 -19.12 -23.82
CA ASP A 75 12.52 -19.09 -25.17
C ASP A 75 11.96 -20.14 -26.15
N PHE A 76 10.95 -19.72 -26.93
CA PHE A 76 10.28 -20.58 -27.91
C PHE A 76 11.24 -21.03 -29.02
N LYS A 77 12.12 -20.11 -29.48
CA LYS A 77 13.05 -20.38 -30.61
C LYS A 77 14.00 -21.54 -30.30
N THR A 78 14.60 -21.51 -29.10
CA THR A 78 15.56 -22.54 -28.65
C THR A 78 14.87 -23.92 -28.55
N ALA A 79 13.67 -23.93 -27.93
CA ALA A 79 12.83 -25.14 -27.80
C ALA A 79 12.40 -25.69 -29.18
N LEU A 80 12.20 -24.77 -30.12
CA LEU A 80 11.71 -25.06 -31.49
C LEU A 80 12.78 -25.83 -32.30
N LEU A 81 14.00 -25.27 -32.36
CA LEU A 81 15.10 -25.82 -33.18
C LEU A 81 15.71 -27.09 -32.55
N ARG A 82 15.58 -27.23 -31.21
CA ARG A 82 16.06 -28.42 -30.48
C ARG A 82 15.06 -29.58 -30.61
N ALA A 83 13.76 -29.25 -30.72
CA ALA A 83 12.69 -30.23 -30.98
C ALA A 83 12.85 -30.85 -32.37
N ARG A 84 13.30 -30.02 -33.33
CA ARG A 84 13.56 -30.44 -34.71
C ARG A 84 14.93 -31.15 -34.75
N GLY A 85 14.89 -32.49 -34.75
CA GLY A 85 16.08 -33.33 -34.76
C GLY A 85 15.73 -34.81 -34.90
N VAL A 86 16.70 -35.61 -35.40
CA VAL A 86 16.50 -37.06 -35.62
C VAL A 86 16.56 -37.81 -34.27
N ILE A 87 15.44 -38.42 -33.88
CA ILE A 87 15.32 -39.19 -32.62
C ILE A 87 16.09 -40.53 -32.73
N LYS A 88 17.40 -40.45 -32.43
CA LYS A 88 18.31 -41.61 -32.49
C LYS A 88 18.38 -42.33 -31.14
N GLU A 89 18.65 -43.64 -31.19
CA GLU A 89 18.70 -44.52 -30.02
C GLU A 89 20.15 -45.03 -29.84
#